data_8C5S
#
_entry.id   8C5S
#
_cell.length_a   1.00
_cell.length_b   1.00
_cell.length_c   1.00
_cell.angle_alpha   90.00
_cell.angle_beta   90.00
_cell.angle_gamma   90.00
#
_symmetry.space_group_name_H-M   'P 1'
#
loop_
_entity.id
_entity.type
_entity.pdbx_description
1 polymer 'Mitochondrial transcription factor 1'
2 polymer 'DNA-directed RNA polymerase, mitochondrial'
3 polymer 'Non-Template DNA (37-MER)'
4 polymer 'Template DNA (37-MER)'
5 polymer 'RNA (pppGpGpUpApApApU)'
6 non-polymer "GUANOSINE-5'-TRIPHOSPHATE"
#
loop_
_entity_poly.entity_id
_entity_poly.type
_entity_poly.pdbx_seq_one_letter_code
_entity_poly.pdbx_strand_id
1 'polypeptide(L)'
;MGGSHHHHHHGMASSVPIPGIKDISKLKFFYGFKYLWNPTVYNKIFDKLDLTKTYKHPEELKVLDLYPGVGIQSAIFYNK
YCPRQYSLLEKRSSLYKFLNAKFEGSPLQILKRDPYDWSTYSNLIDEERIFVPEVQSSDHINDKFLTVANVTGEGSEGLI
MQWLSCIGNKNWLYRFGKVKMLLWMPSTTARKLLARPGMHSRSKCSVVREAFTDTKLIAISDANELKGFDSQCIEEWDPI
LFSAAEIWPTKGKPIALVEMDPIDFDFDVDNWDYVTRHLMILKRTPLNTVMDSLGHGGQQYFNSRITDKDLLKKCPIDLT
NDEFIYLTKLFMEWPFKPDILMDFVDMYQTEHSG
;
B
2 'polypeptide(L)'
;GAMGSGIQRPSAVTSMTRTRDVMQLWSLLEACLQSNLMKRAFSILESLYLVPEHKQRFIEDYNMYLNSFSKNDPNFPILK
MNEKLTNDLETSFKDVNYNDKTLAIMIHHALNFHSTTSSMLLKPIISAYLKMSVNGIREIFSCLDILTISDLNILMNDLK
VITPSQLPNSVRPILESLTLSPTPVNNIENEEGLNKVEAENDSKLHKASNASSDSIKKPSLDPLREVSFHGSTEVLSKDA
EKLIAVDTIGMRVIRHTLLGLSLTPEQKEQISKFKFDANDNVLKMKPTKNDDNNNSINFFEIYNSLPTLEEKKAFESALN
IFNQDRQKVLENRATEAARERWKHDFEEAKARGDISIEKNLNVKLWKWYNEMLPLVKEEINHCRSLLSEKLSDKKGLNKV
DTNRLGYGPYLTLIDPGKMCVITILELLKLNSTGGVIEGMRTARAVISVGKAIEMEFRSEQVLKSESQAFRDVNKKSPEF
KKLVQNAKSVFRSSQIEQSKILWPQSIRARIGSVLISMLIQVAKVSVQGVDPVTKAKVHGEAPAFAHGYQYHNGSKLGVL
KIHKTLIRQLNGERLIASVQPQLLPMLVEPKPWVNWRSGGYHYTQSTLLRTKDSPEQVAYLKAASDNGDIDRVYDGLNVL
GRTPWTVNRKVFDVVSQVWNKGEGFLDIPGAQDEMVLPPAPPKNSDPSILRAWKLQVKTIANKFSSDRSNRCDTNYKLEI
ARAFLGEKLYFPHNLDFRGRAYPLSPHFNHLGNDMSRGLLIFWHGKKLGPSGLKWLKIHLSNLFGFDKLPLKDRVAFTES
HLQDIKDSAENPLTGDRWWTTADKPWQALATCFELNEVMKMDNPEEFISHQPVHQDGTCNGLQHYAALGGDVEGATQVNL
VPSDKPQDVYAHVARLVQKRLEIAAEKGDENAKILKDKITRKVVKQTVMTNVYGVTYVGATFQIAKQLSPIFDDRKESLD
FSKYLTKHVFSAIRELFHSAHLIQDWLGESAKRISKSIRLDVDEKSFKNGNKPDFMSSVIWTTPLGLPIVQPYREESKKQ
VETNLQTVFISDPFAVNPVNARRQKAGLPPNFIHSLDASHMLLSAAECGKQGLDFASVHDSYWTHASDIDTMNVVLREQF
IKLHEVDLVLRLKEEFDQRYKNYVKIGKLKRSTDLAQKIIRIRKDLSRKLGRSTTLADEIYFEKKRQELLNSPLIEDRNV
GEKMVTTVSLFEDITDLDALELENGGDENSGMSVLLPLRLPEIPPKGDFDVTVLRNSQYFFS
;
A
3 'polydeoxyribonucleotide'
;(DC)(DG)(DA)(DA)(DT)(DA)(DA)(DG)(DT)(DA)(DT)(DT)(DG)(DA)(DT)(DA)(DT)(DA)(DA)(DG)
(DT)(DA)(DA)(DT)(DA)(DA)(DA)(DT)(DG)(DC)(DA)(DA)(DA)(DT)(DT)(DG)(DC)
;
N
4 'polydeoxyribonucleotide'
;(DG)(DC)(DA)(DA)(DT)(DT)(DT)(DG)(DC)(DA)(DT)(DT)(DT)(DA)(DC)(DC)(DG)(DA)(DC)(DA)
(DA)(DT)(DA)(DT)(DC)(DA)(DA)(DT)(DA)(DC)(DT)(DT)(DA)(DT)(DT)(DC)(DG)
;
T
5 'polyribonucleotide' GUAAAU C
#
loop_
_chem_comp.id
_chem_comp.type
_chem_comp.name
_chem_comp.formula
A RNA linking ADENOSINE-5'-MONOPHOSPHATE 'C10 H14 N5 O7 P'
DA DNA linking 2'-DEOXYADENOSINE-5'-MONOPHOSPHATE 'C10 H14 N5 O6 P'
DC DNA linking 2'-DEOXYCYTIDINE-5'-MONOPHOSPHATE 'C9 H14 N3 O7 P'
DG DNA linking 2'-DEOXYGUANOSINE-5'-MONOPHOSPHATE 'C10 H14 N5 O7 P'
DT DNA linking THYMIDINE-5'-MONOPHOSPHATE 'C10 H15 N2 O8 P'
G RNA linking GUANOSINE-5'-MONOPHOSPHATE 'C10 H14 N5 O8 P'
GTP non-polymer GUANOSINE-5'-TRIPHOSPHATE 'C10 H16 N5 O14 P3'
U RNA linking URIDINE-5'-MONOPHOSPHATE 'C9 H13 N2 O9 P'
#
# COMPACT_ATOMS: atom_id res chain seq x y z
N SER A 15 -10.65 7.10 -59.66
CA SER A 15 -9.41 6.36 -59.89
C SER A 15 -9.27 5.21 -58.88
N VAL A 16 -8.96 5.56 -57.65
CA VAL A 16 -8.80 4.54 -56.60
C VAL A 16 -10.16 3.94 -56.27
N PRO A 17 -10.32 2.62 -56.27
CA PRO A 17 -11.63 2.01 -56.02
C PRO A 17 -12.03 2.18 -54.56
N ILE A 18 -13.13 2.90 -54.33
CA ILE A 18 -13.66 3.12 -52.98
C ILE A 18 -14.30 1.83 -52.48
N PRO A 19 -14.03 1.42 -51.25
CA PRO A 19 -14.67 0.20 -50.72
C PRO A 19 -16.17 0.39 -50.51
N GLY A 20 -16.85 -0.74 -50.36
CA GLY A 20 -18.28 -0.78 -50.14
C GLY A 20 -18.64 -1.39 -48.80
N ILE A 21 -19.95 -1.46 -48.55
CA ILE A 21 -20.44 -1.94 -47.25
C ILE A 21 -20.15 -3.42 -47.06
N LYS A 22 -20.25 -4.21 -48.13
CA LYS A 22 -20.06 -5.65 -48.00
C LYS A 22 -18.62 -5.97 -47.56
N ASP A 23 -17.64 -5.31 -48.18
CA ASP A 23 -16.25 -5.55 -47.82
C ASP A 23 -15.98 -5.16 -46.38
N ILE A 24 -16.56 -4.05 -45.92
CA ILE A 24 -16.37 -3.61 -44.54
C ILE A 24 -17.00 -4.60 -43.58
N SER A 25 -18.21 -5.08 -43.89
CA SER A 25 -18.89 -6.04 -43.02
C SER A 25 -18.18 -7.39 -43.01
N LYS A 26 -17.42 -7.72 -44.05
CA LYS A 26 -16.64 -8.96 -44.03
C LYS A 26 -15.56 -8.95 -42.96
N LEU A 27 -15.12 -7.77 -42.52
CA LEU A 27 -14.09 -7.68 -41.49
C LEU A 27 -14.65 -8.07 -40.12
N LYS A 28 -13.75 -8.44 -39.23
CA LYS A 28 -14.13 -8.97 -37.92
C LYS A 28 -13.95 -7.96 -36.79
N PHE A 29 -12.75 -7.40 -36.63
CA PHE A 29 -12.44 -6.51 -35.52
C PHE A 29 -12.17 -5.10 -36.03
N PHE A 30 -12.69 -4.12 -35.30
CA PHE A 30 -12.49 -2.71 -35.61
C PHE A 30 -11.83 -1.94 -34.48
N TYR A 31 -11.46 -2.60 -33.40
CA TYR A 31 -10.78 -1.98 -32.26
C TYR A 31 -11.60 -0.87 -31.62
N GLY A 32 -12.91 -0.89 -31.80
CA GLY A 32 -13.79 0.10 -31.18
C GLY A 32 -13.90 1.41 -31.93
N PHE A 33 -13.18 1.59 -33.03
CA PHE A 33 -13.23 2.83 -33.79
C PHE A 33 -14.40 2.80 -34.75
N LYS A 34 -15.20 3.87 -34.75
CA LYS A 34 -16.34 3.98 -35.64
C LYS A 34 -15.96 4.79 -36.88
N TYR A 35 -16.44 4.33 -38.04
CA TYR A 35 -16.08 4.91 -39.33
C TYR A 35 -17.34 5.21 -40.12
N LEU A 36 -17.22 6.13 -41.08
CA LEU A 36 -18.32 6.48 -41.98
C LEU A 36 -18.00 5.94 -43.37
N TRP A 37 -19.03 5.47 -44.08
CA TRP A 37 -18.80 4.74 -45.32
C TRP A 37 -19.69 5.15 -46.48
N ASN A 38 -20.41 6.27 -46.41
CA ASN A 38 -21.14 6.77 -47.57
C ASN A 38 -20.37 7.89 -48.24
N PRO A 39 -20.00 7.75 -49.52
CA PRO A 39 -19.27 8.83 -50.20
C PRO A 39 -20.06 10.12 -50.33
N THR A 40 -21.39 10.08 -50.22
CA THR A 40 -22.17 11.31 -50.34
C THR A 40 -21.88 12.27 -49.20
N VAL A 41 -21.80 11.76 -47.97
CA VAL A 41 -21.53 12.62 -46.83
C VAL A 41 -20.12 13.19 -46.92
N TYR A 42 -19.15 12.39 -47.34
CA TYR A 42 -17.79 12.92 -47.54
C TYR A 42 -17.76 13.97 -48.66
N ASN A 43 -18.53 13.75 -49.72
CA ASN A 43 -18.59 14.73 -50.79
C ASN A 43 -19.12 16.07 -50.29
N LYS A 44 -20.23 16.03 -49.56
CA LYS A 44 -20.79 17.29 -49.05
C LYS A 44 -19.91 17.91 -47.97
N ILE A 45 -19.24 17.08 -47.16
CA ILE A 45 -18.32 17.58 -46.15
C ILE A 45 -17.15 18.29 -46.80
N PHE A 46 -16.60 17.72 -47.88
CA PHE A 46 -15.49 18.35 -48.57
C PHE A 46 -15.94 19.60 -49.32
N ASP A 47 -17.17 19.62 -49.82
CA ASP A 47 -17.69 20.83 -50.45
C ASP A 47 -17.85 21.95 -49.43
N LYS A 48 -18.38 21.64 -48.24
CA LYS A 48 -18.64 22.64 -47.22
C LYS A 48 -17.36 23.07 -46.50
N LEU A 49 -16.38 22.18 -46.38
CA LEU A 49 -15.27 22.40 -45.46
C LEU A 49 -14.32 23.48 -45.96
N ASP A 50 -14.25 23.70 -47.27
CA ASP A 50 -13.41 24.74 -47.87
C ASP A 50 -11.92 24.45 -47.66
N LEU A 51 -11.50 23.22 -47.98
CA LEU A 51 -10.08 22.91 -47.99
C LEU A 51 -9.33 23.70 -49.06
N THR A 52 -9.91 23.80 -50.25
CA THR A 52 -9.17 24.34 -51.40
C THR A 52 -8.86 25.82 -51.27
N LYS A 53 -9.58 26.56 -50.42
CA LYS A 53 -9.29 27.97 -50.26
C LYS A 53 -8.00 28.18 -49.47
N THR A 54 -7.83 27.44 -48.37
CA THR A 54 -6.61 27.57 -47.57
C THR A 54 -5.41 27.02 -48.30
N TYR A 55 -5.56 25.86 -48.95
CA TYR A 55 -4.46 25.22 -49.68
C TYR A 55 -4.51 25.71 -51.11
N LYS A 56 -3.59 26.62 -51.45
CA LYS A 56 -3.61 27.26 -52.77
C LYS A 56 -3.39 26.24 -53.89
N HIS A 57 -2.43 25.32 -53.70
CA HIS A 57 -2.08 24.32 -54.70
C HIS A 57 -2.17 22.93 -54.07
N PRO A 58 -3.31 22.27 -54.18
CA PRO A 58 -3.42 20.90 -53.64
C PRO A 58 -2.50 19.91 -54.31
N GLU A 59 -2.04 20.17 -55.54
CA GLU A 59 -1.16 19.25 -56.22
C GLU A 59 0.18 19.10 -55.50
N GLU A 60 0.72 20.21 -54.99
CA GLU A 60 1.98 20.17 -54.26
C GLU A 60 1.82 19.79 -52.80
N LEU A 61 0.59 19.59 -52.33
CA LEU A 61 0.34 19.31 -50.93
C LEU A 61 0.89 17.95 -50.54
N LYS A 62 1.68 17.91 -49.48
CA LYS A 62 2.11 16.67 -48.85
C LYS A 62 1.34 16.51 -47.54
N VAL A 63 0.68 15.36 -47.39
CA VAL A 63 -0.35 15.18 -46.37
C VAL A 63 -0.17 13.84 -45.67
N LEU A 64 -0.34 13.86 -44.35
CA LEU A 64 -0.20 12.67 -43.50
C LEU A 64 -1.57 12.32 -42.94
N ASP A 65 -1.83 11.01 -42.82
CA ASP A 65 -3.09 10.52 -42.28
C ASP A 65 -2.80 9.60 -41.11
N LEU A 66 -3.57 9.75 -40.04
CA LEU A 66 -3.43 8.94 -38.83
C LEU A 66 -4.69 8.13 -38.58
N TYR A 67 -4.51 6.86 -38.22
CA TYR A 67 -5.59 5.93 -37.97
C TYR A 67 -6.59 5.87 -39.14
N PRO A 68 -6.13 5.49 -40.34
CA PRO A 68 -7.04 5.45 -41.49
C PRO A 68 -8.22 4.51 -41.31
N GLY A 69 -7.91 3.23 -41.08
CA GLY A 69 -8.96 2.24 -40.90
C GLY A 69 -9.60 1.81 -42.20
N VAL A 70 -10.84 2.26 -42.44
CA VAL A 70 -11.55 1.89 -43.65
C VAL A 70 -10.82 2.43 -44.89
N GLY A 71 -10.50 3.71 -44.88
CA GLY A 71 -9.84 4.32 -46.02
C GLY A 71 -10.76 4.85 -47.11
N ILE A 72 -12.07 4.85 -46.89
CA ILE A 72 -12.99 5.43 -47.87
C ILE A 72 -12.73 6.92 -48.03
N GLN A 73 -12.58 7.63 -46.90
CA GLN A 73 -12.20 9.03 -46.95
C GLN A 73 -10.87 9.21 -47.66
N SER A 74 -9.93 8.29 -47.44
CA SER A 74 -8.64 8.34 -48.12
C SER A 74 -8.81 8.29 -49.63
N ALA A 75 -9.59 7.32 -50.11
CA ALA A 75 -9.80 7.18 -51.54
C ALA A 75 -10.51 8.40 -52.13
N ILE A 76 -11.53 8.90 -51.44
CA ILE A 76 -12.26 10.07 -51.95
C ILE A 76 -11.35 11.29 -52.02
N PHE A 77 -10.55 11.51 -50.97
CA PHE A 77 -9.62 12.63 -50.96
C PHE A 77 -8.63 12.53 -52.11
N TYR A 78 -8.01 11.36 -52.29
CA TYR A 78 -7.03 11.22 -53.36
C TYR A 78 -7.67 11.39 -54.73
N ASN A 79 -8.87 10.84 -54.91
CA ASN A 79 -9.55 10.95 -56.21
C ASN A 79 -9.90 12.39 -56.54
N LYS A 80 -10.41 13.13 -55.55
CA LYS A 80 -10.88 14.48 -55.84
C LYS A 80 -9.73 15.49 -55.93
N TYR A 81 -8.65 15.29 -55.18
CA TYR A 81 -7.57 16.28 -55.13
C TYR A 81 -6.28 15.84 -55.79
N CYS A 82 -5.94 14.55 -55.74
CA CYS A 82 -4.69 14.02 -56.27
C CYS A 82 -3.51 14.74 -55.64
N PRO A 83 -3.25 14.53 -54.36
CA PRO A 83 -2.15 15.22 -53.69
C PRO A 83 -0.80 14.61 -54.06
N ARG A 84 0.27 15.27 -53.60
CA ARG A 84 1.65 14.81 -53.93
C ARG A 84 1.94 13.51 -53.21
N GLN A 85 1.52 13.39 -51.96
CA GLN A 85 1.79 12.18 -51.20
C GLN A 85 0.80 12.08 -50.05
N TYR A 86 0.03 11.00 -50.03
CA TYR A 86 -0.94 10.72 -48.98
C TYR A 86 -0.58 9.37 -48.37
N SER A 87 -0.24 9.37 -47.09
CA SER A 87 0.33 8.19 -46.43
C SER A 87 -0.59 7.71 -45.33
N LEU A 88 -0.74 6.40 -45.22
CA LEU A 88 -1.61 5.76 -44.23
C LEU A 88 -0.74 5.06 -43.19
N LEU A 89 -1.00 5.36 -41.91
CA LEU A 89 -0.23 4.81 -40.80
C LEU A 89 -1.14 3.91 -39.97
N GLU A 90 -0.91 2.60 -40.04
CA GLU A 90 -1.70 1.64 -39.29
C GLU A 90 -0.81 0.55 -38.69
N LYS A 91 -1.25 0.02 -37.57
CA LYS A 91 -0.65 -1.16 -36.96
C LYS A 91 -1.60 -2.33 -36.73
N ARG A 92 -2.91 -2.06 -36.74
CA ARG A 92 -3.93 -3.13 -36.56
C ARG A 92 -3.77 -4.14 -37.70
N SER A 93 -3.73 -5.43 -37.40
CA SER A 93 -3.40 -6.45 -38.40
C SER A 93 -4.51 -6.60 -39.43
N SER A 94 -5.76 -6.75 -38.98
CA SER A 94 -6.86 -7.00 -39.90
C SER A 94 -7.05 -5.83 -40.85
N LEU A 95 -7.05 -4.61 -40.33
CA LEU A 95 -7.21 -3.44 -41.18
C LEU A 95 -6.03 -3.26 -42.12
N TYR A 96 -4.82 -3.58 -41.66
CA TYR A 96 -3.66 -3.50 -42.54
C TYR A 96 -3.76 -4.48 -43.69
N LYS A 97 -4.18 -5.72 -43.41
CA LYS A 97 -4.38 -6.68 -44.49
C LYS A 97 -5.47 -6.24 -45.44
N PHE A 98 -6.56 -5.69 -44.89
CA PHE A 98 -7.66 -5.18 -45.71
C PHE A 98 -7.18 -4.09 -46.66
N LEU A 99 -6.43 -3.13 -46.13
CA LEU A 99 -5.91 -2.04 -46.95
C LEU A 99 -4.92 -2.55 -47.99
N ASN A 100 -4.06 -3.49 -47.61
CA ASN A 100 -3.09 -4.04 -48.57
C ASN A 100 -3.80 -4.77 -49.69
N ALA A 101 -4.88 -5.49 -49.37
CA ALA A 101 -5.61 -6.22 -50.39
C ALA A 101 -6.33 -5.27 -51.33
N LYS A 102 -7.06 -4.30 -50.79
CA LYS A 102 -7.85 -3.40 -51.63
C LYS A 102 -6.96 -2.45 -52.44
N PHE A 103 -6.02 -1.80 -51.77
CA PHE A 103 -5.15 -0.81 -52.42
C PHE A 103 -3.81 -1.44 -52.80
N GLU A 104 -3.87 -2.42 -53.70
CA GLU A 104 -2.69 -3.11 -54.17
C GLU A 104 -2.15 -2.40 -55.41
N GLY A 105 -0.88 -2.01 -55.36
CA GLY A 105 -0.29 -1.28 -56.47
C GLY A 105 -0.84 0.11 -56.66
N SER A 106 -1.58 0.62 -55.69
CA SER A 106 -2.16 1.95 -55.79
C SER A 106 -1.10 3.02 -55.57
N PRO A 107 -1.29 4.22 -56.12
CA PRO A 107 -0.40 5.34 -55.77
C PRO A 107 -0.49 5.70 -54.30
N LEU A 108 -1.59 5.35 -53.64
CA LEU A 108 -1.69 5.49 -52.20
C LEU A 108 -0.59 4.69 -51.50
N GLN A 109 0.05 5.32 -50.52
CA GLN A 109 1.16 4.71 -49.80
C GLN A 109 0.65 4.14 -48.49
N ILE A 110 0.63 2.83 -48.37
CA ILE A 110 0.22 2.15 -47.15
C ILE A 110 1.46 1.77 -46.35
N LEU A 111 1.47 2.10 -45.07
CA LEU A 111 2.57 1.79 -44.18
C LEU A 111 2.05 1.00 -42.99
N LYS A 112 2.99 0.41 -42.24
CA LYS A 112 2.66 -0.39 -41.05
C LYS A 112 3.46 0.17 -39.87
N ARG A 113 2.91 1.21 -39.25
CA ARG A 113 3.52 1.84 -38.08
C ARG A 113 2.41 2.29 -37.13
N ASP A 114 2.72 2.29 -35.84
CA ASP A 114 1.72 2.62 -34.82
C ASP A 114 1.77 4.12 -34.53
N PRO A 115 0.69 4.85 -34.79
CA PRO A 115 0.71 6.30 -34.55
C PRO A 115 0.87 6.70 -33.09
N TYR A 116 0.60 5.79 -32.15
CA TYR A 116 0.69 6.15 -30.73
C TYR A 116 2.12 6.51 -30.33
N ASP A 117 3.09 5.74 -30.79
CA ASP A 117 4.48 5.97 -30.39
C ASP A 117 5.06 7.18 -31.10
N TRP A 118 5.73 8.06 -30.35
CA TRP A 118 6.41 9.19 -30.96
C TRP A 118 7.57 8.73 -31.83
N SER A 119 8.15 7.56 -31.51
CA SER A 119 9.24 7.03 -32.31
C SER A 119 8.80 6.80 -33.76
N THR A 120 7.52 6.52 -33.98
CA THR A 120 7.02 6.34 -35.34
C THR A 120 7.25 7.61 -36.17
N TYR A 121 6.78 8.75 -35.67
CA TYR A 121 6.99 10.00 -36.40
C TYR A 121 8.45 10.37 -36.48
N SER A 122 9.19 10.19 -35.37
CA SER A 122 10.60 10.57 -35.37
C SER A 122 11.37 9.80 -36.44
N ASN A 123 11.19 8.48 -36.50
CA ASN A 123 11.90 7.67 -37.46
C ASN A 123 11.40 7.91 -38.88
N LEU A 124 10.08 8.08 -39.04
CA LEU A 124 9.53 8.24 -40.38
C LEU A 124 9.91 9.59 -40.99
N ILE A 125 10.19 10.59 -40.17
CA ILE A 125 10.51 11.91 -40.70
C ILE A 125 12.03 12.14 -40.75
N ASP A 126 12.74 11.89 -39.65
CA ASP A 126 14.14 12.29 -39.57
C ASP A 126 15.09 11.19 -40.07
N GLU A 127 15.07 10.01 -39.43
CA GLU A 127 16.06 8.99 -39.74
C GLU A 127 15.79 8.32 -41.09
N GLU A 128 14.54 7.95 -41.35
CA GLU A 128 14.23 7.23 -42.58
C GLU A 128 13.89 8.16 -43.73
N ARG A 129 13.37 9.35 -43.44
CA ARG A 129 13.10 10.38 -44.46
C ARG A 129 12.11 9.89 -45.52
N ILE A 130 11.25 8.94 -45.16
CA ILE A 130 10.22 8.49 -46.10
C ILE A 130 9.21 9.60 -46.34
N PHE A 131 8.76 10.25 -45.27
CA PHE A 131 7.75 11.31 -45.35
C PHE A 131 8.36 12.57 -44.72
N VAL A 132 8.74 13.52 -45.54
CA VAL A 132 9.44 14.72 -45.10
C VAL A 132 8.58 15.94 -45.42
N PRO A 133 7.85 16.45 -44.43
CA PRO A 133 7.16 17.73 -44.63
C PRO A 133 8.15 18.88 -44.61
N GLU A 134 7.69 20.04 -45.08
CA GLU A 134 8.53 21.22 -45.20
C GLU A 134 8.20 22.21 -44.10
N VAL A 135 9.23 22.67 -43.39
CA VAL A 135 9.03 23.61 -42.30
C VAL A 135 8.75 25.00 -42.86
N GLN A 136 7.72 25.65 -42.32
CA GLN A 136 7.35 27.01 -42.72
C GLN A 136 7.27 27.88 -41.48
N SER A 137 6.99 29.16 -41.69
CA SER A 137 6.84 30.10 -40.58
C SER A 137 5.52 29.85 -39.85
N SER A 138 5.47 30.33 -38.60
CA SER A 138 4.29 30.17 -37.76
C SER A 138 3.30 31.32 -37.92
N ASP A 139 3.31 32.00 -39.07
CA ASP A 139 2.42 33.12 -39.32
C ASP A 139 1.09 32.67 -39.92
N HIS A 140 1.14 31.83 -40.95
CA HIS A 140 -0.07 31.39 -41.66
C HIS A 140 -0.13 29.87 -41.66
N ILE A 141 -1.27 29.36 -42.13
CA ILE A 141 -1.47 27.91 -42.19
C ILE A 141 -0.47 27.30 -43.16
N ASN A 142 0.17 26.22 -42.74
CA ASN A 142 1.13 25.51 -43.59
C ASN A 142 0.39 24.91 -44.77
N ASP A 143 0.54 25.52 -45.95
CA ASP A 143 -0.16 25.07 -47.14
C ASP A 143 0.42 23.80 -47.72
N LYS A 144 1.66 23.45 -47.36
CA LYS A 144 2.30 22.26 -47.90
C LYS A 144 2.16 21.05 -47.01
N PHE A 145 1.56 21.18 -45.82
CA PHE A 145 1.43 20.07 -44.89
C PHE A 145 0.02 20.05 -44.30
N LEU A 146 -0.59 18.87 -44.32
CA LEU A 146 -1.90 18.65 -43.71
C LEU A 146 -1.90 17.30 -43.02
N THR A 147 -2.62 17.21 -41.90
CA THR A 147 -2.72 15.98 -41.15
C THR A 147 -4.19 15.63 -40.92
N VAL A 148 -4.49 14.33 -40.94
CA VAL A 148 -5.83 13.82 -40.71
C VAL A 148 -5.76 12.74 -39.64
N ALA A 149 -6.67 12.80 -38.67
CA ALA A 149 -6.71 11.85 -37.58
C ALA A 149 -8.13 11.35 -37.39
N ASN A 150 -8.25 10.12 -36.90
CA ASN A 150 -9.54 9.45 -36.74
C ASN A 150 -9.60 8.77 -35.37
N VAL A 151 -9.28 9.53 -34.32
CA VAL A 151 -9.25 8.98 -32.97
C VAL A 151 -10.64 8.97 -32.38
N THR A 152 -11.39 7.91 -32.62
CA THR A 152 -12.75 7.76 -32.11
C THR A 152 -12.87 6.66 -31.06
N GLY A 153 -11.75 6.16 -30.56
CA GLY A 153 -11.79 5.10 -29.56
C GLY A 153 -12.38 5.56 -28.25
N GLU A 154 -12.84 4.59 -27.46
CA GLU A 154 -13.47 4.91 -26.19
C GLU A 154 -12.46 5.49 -25.20
N GLY A 155 -11.33 4.82 -25.03
CA GLY A 155 -10.31 5.23 -24.09
C GLY A 155 -9.15 6.01 -24.68
N SER A 156 -9.24 6.45 -25.92
CA SER A 156 -8.14 7.12 -26.61
C SER A 156 -8.27 8.64 -26.58
N GLU A 157 -8.93 9.19 -25.56
CA GLU A 157 -8.99 10.64 -25.42
C GLU A 157 -7.63 11.22 -25.03
N GLY A 158 -6.81 10.44 -24.33
CA GLY A 158 -5.50 10.93 -23.92
C GLY A 158 -4.61 11.26 -25.12
N LEU A 159 -4.72 10.49 -26.20
CA LEU A 159 -3.93 10.78 -27.38
C LEU A 159 -4.30 12.14 -27.97
N ILE A 160 -5.60 12.43 -28.06
CA ILE A 160 -6.06 13.72 -28.56
C ILE A 160 -5.57 14.84 -27.65
N MET A 161 -5.66 14.64 -26.34
CA MET A 161 -5.23 15.69 -25.42
C MET A 161 -3.73 15.92 -25.48
N GLN A 162 -2.94 14.86 -25.66
CA GLN A 162 -1.50 15.04 -25.80
C GLN A 162 -1.14 15.75 -27.10
N TRP A 163 -1.87 15.45 -28.19
CA TRP A 163 -1.66 16.20 -29.42
C TRP A 163 -2.02 17.67 -29.24
N LEU A 164 -3.09 17.93 -28.49
CA LEU A 164 -3.48 19.31 -28.21
C LEU A 164 -2.39 20.04 -27.42
N SER A 165 -1.79 19.36 -26.44
CA SER A 165 -0.68 19.95 -25.71
C SER A 165 0.54 20.19 -26.62
N CYS A 166 0.82 19.24 -27.51
CA CYS A 166 1.93 19.40 -28.43
C CYS A 166 1.70 20.56 -29.39
N ILE A 167 0.43 20.92 -29.63
CA ILE A 167 0.15 22.15 -30.38
C ILE A 167 0.80 23.35 -29.70
N GLY A 168 0.59 23.47 -28.39
CA GLY A 168 1.20 24.57 -27.66
C GLY A 168 2.71 24.44 -27.54
N ASN A 169 3.21 23.23 -27.30
CA ASN A 169 4.64 23.05 -27.08
C ASN A 169 5.45 23.08 -28.37
N LYS A 170 4.83 22.82 -29.52
CA LYS A 170 5.48 22.87 -30.82
C LYS A 170 6.63 21.89 -31.02
N ASN A 171 6.43 20.64 -30.62
CA ASN A 171 7.46 19.64 -30.80
C ASN A 171 7.16 18.38 -31.62
N TRP A 172 5.88 18.04 -31.76
CA TRP A 172 5.51 16.73 -32.29
C TRP A 172 5.40 16.79 -33.81
N LEU A 173 4.58 17.69 -34.33
CA LEU A 173 4.52 17.96 -35.75
C LEU A 173 4.33 19.44 -36.03
N TYR A 174 4.15 20.26 -35.01
CA TYR A 174 3.86 21.68 -35.18
C TYR A 174 5.12 22.54 -35.18
N ARG A 175 6.30 21.93 -35.09
CA ARG A 175 7.53 22.63 -35.40
C ARG A 175 7.55 23.08 -36.86
N PHE A 176 6.79 22.40 -37.72
CA PHE A 176 6.66 22.79 -39.12
C PHE A 176 5.78 24.02 -39.30
N GLY A 177 5.05 24.43 -38.26
CA GLY A 177 4.23 25.63 -38.37
C GLY A 177 2.79 25.45 -37.97
N LYS A 178 1.89 26.07 -38.74
CA LYS A 178 0.46 26.09 -38.42
C LYS A 178 -0.24 24.95 -39.18
N VAL A 179 0.02 23.74 -38.71
CA VAL A 179 -0.47 22.54 -39.39
C VAL A 179 -1.95 22.33 -39.07
N LYS A 180 -2.75 22.16 -40.10
CA LYS A 180 -4.19 21.96 -39.96
C LYS A 180 -4.52 20.48 -39.81
N MET A 181 -5.40 20.16 -38.87
CA MET A 181 -5.84 18.79 -38.64
C MET A 181 -7.34 18.68 -38.84
N LEU A 182 -7.78 17.61 -39.50
CA LEU A 182 -9.18 17.24 -39.58
C LEU A 182 -9.35 15.98 -38.71
N LEU A 183 -9.92 16.17 -37.52
CA LEU A 183 -9.89 15.14 -36.48
C LEU A 183 -11.29 14.60 -36.23
N TRP A 184 -11.42 13.27 -36.28
CA TRP A 184 -12.64 12.59 -35.89
C TRP A 184 -12.53 12.22 -34.41
N MET A 185 -13.53 12.60 -33.63
CA MET A 185 -13.53 12.35 -32.20
C MET A 185 -14.94 11.99 -31.75
N PRO A 186 -15.07 11.28 -30.63
CA PRO A 186 -16.40 10.99 -30.08
C PRO A 186 -17.12 12.27 -29.69
N SER A 187 -18.45 12.20 -29.68
CA SER A 187 -19.25 13.39 -29.43
C SER A 187 -18.99 13.98 -28.04
N THR A 188 -18.79 13.13 -27.04
CA THR A 188 -18.54 13.64 -25.70
C THR A 188 -17.21 14.37 -25.62
N THR A 189 -16.17 13.85 -26.29
CA THR A 189 -14.89 14.55 -26.32
C THR A 189 -15.02 15.90 -27.01
N ALA A 190 -15.78 15.97 -28.10
CA ALA A 190 -16.01 17.25 -28.77
C ALA A 190 -16.77 18.21 -27.87
N ARG A 191 -17.76 17.71 -27.13
CA ARG A 191 -18.53 18.57 -26.23
C ARG A 191 -17.64 19.12 -25.11
N LYS A 192 -16.76 18.29 -24.56
CA LYS A 192 -15.80 18.77 -23.59
C LYS A 192 -14.85 19.79 -24.20
N LEU A 193 -14.42 19.54 -25.44
CA LEU A 193 -13.41 20.36 -26.10
C LEU A 193 -13.99 21.59 -26.78
N LEU A 194 -15.31 21.74 -26.82
CA LEU A 194 -15.97 22.86 -27.48
C LEU A 194 -16.93 23.56 -26.54
N ALA A 195 -16.52 23.73 -25.29
CA ALA A 195 -17.34 24.44 -24.31
C ALA A 195 -17.03 25.92 -24.33
N ARG A 196 -18.03 26.71 -23.96
CA ARG A 196 -17.91 28.15 -23.83
C ARG A 196 -17.96 28.55 -22.36
N PRO A 197 -17.40 29.72 -22.02
CA PRO A 197 -17.45 30.17 -20.63
C PRO A 197 -18.89 30.23 -20.11
N GLY A 198 -19.08 29.72 -18.89
CA GLY A 198 -20.38 29.66 -18.26
C GLY A 198 -21.10 28.33 -18.42
N MET A 199 -20.71 27.52 -19.40
CA MET A 199 -21.34 26.23 -19.60
C MET A 199 -20.89 25.25 -18.51
N HIS A 200 -21.65 24.17 -18.35
CA HIS A 200 -21.33 23.15 -17.36
C HIS A 200 -20.32 22.13 -17.86
N SER A 201 -19.95 22.18 -19.14
CA SER A 201 -18.95 21.29 -19.70
C SER A 201 -17.56 21.91 -19.74
N ARG A 202 -17.40 23.11 -19.22
CA ARG A 202 -16.10 23.78 -19.24
C ARG A 202 -15.10 23.05 -18.35
N SER A 203 -13.88 22.90 -18.84
CA SER A 203 -12.79 22.29 -18.08
C SER A 203 -11.48 22.80 -18.64
N LYS A 204 -10.37 22.25 -18.12
CA LYS A 204 -9.07 22.68 -18.59
C LYS A 204 -8.84 22.30 -20.05
N CYS A 205 -9.46 21.21 -20.51
CA CYS A 205 -9.34 20.83 -21.91
C CYS A 205 -9.92 21.90 -22.83
N SER A 206 -11.08 22.42 -22.46
CA SER A 206 -11.67 23.52 -23.22
C SER A 206 -10.76 24.75 -23.19
N VAL A 207 -10.16 25.03 -22.03
CA VAL A 207 -9.31 26.21 -21.91
C VAL A 207 -8.09 26.09 -22.82
N VAL A 208 -7.43 24.92 -22.82
CA VAL A 208 -6.25 24.75 -23.66
C VAL A 208 -6.63 24.75 -25.13
N ARG A 209 -7.80 24.18 -25.47
CA ARG A 209 -8.26 24.24 -26.86
C ARG A 209 -8.48 25.68 -27.31
N GLU A 210 -9.12 26.48 -26.45
CA GLU A 210 -9.39 27.88 -26.81
C GLU A 210 -8.09 28.67 -26.91
N ALA A 211 -7.15 28.42 -26.00
CA ALA A 211 -5.90 29.18 -26.00
C ALA A 211 -5.05 28.84 -27.22
N PHE A 212 -4.88 27.56 -27.53
CA PHE A 212 -3.94 27.16 -28.57
C PHE A 212 -4.56 27.15 -29.96
N THR A 213 -5.85 26.84 -30.07
CA THR A 213 -6.50 26.64 -31.37
C THR A 213 -7.79 27.44 -31.44
N ASP A 214 -8.32 27.56 -32.67
CA ASP A 214 -9.66 28.08 -32.92
C ASP A 214 -10.36 27.08 -33.82
N THR A 215 -10.95 26.06 -33.22
CA THR A 215 -11.56 24.99 -33.99
C THR A 215 -12.98 25.37 -34.42
N LYS A 216 -13.51 24.57 -35.34
CA LYS A 216 -14.85 24.78 -35.88
C LYS A 216 -15.45 23.41 -36.18
N LEU A 217 -16.52 23.05 -35.47
CA LEU A 217 -17.14 21.75 -35.69
C LEU A 217 -17.73 21.68 -37.09
N ILE A 218 -17.67 20.49 -37.68
CA ILE A 218 -18.01 20.28 -39.09
C ILE A 218 -19.15 19.29 -39.25
N ALA A 219 -19.01 18.09 -38.68
CA ALA A 219 -20.01 17.04 -38.81
C ALA A 219 -20.27 16.40 -37.46
N ILE A 220 -21.49 15.90 -37.29
CA ILE A 220 -21.90 15.23 -36.06
C ILE A 220 -23.03 14.27 -36.40
N SER A 221 -23.02 13.10 -35.77
CA SER A 221 -23.99 12.06 -36.10
C SER A 221 -25.35 12.32 -35.44
N ASP A 222 -25.39 12.35 -34.11
CA ASP A 222 -26.65 12.41 -33.41
C ASP A 222 -27.20 13.83 -33.41
N ALA A 223 -28.44 13.97 -33.90
CA ALA A 223 -29.07 15.29 -33.93
C ALA A 223 -29.34 15.82 -32.52
N ASN A 224 -29.79 14.94 -31.62
CA ASN A 224 -30.06 15.37 -30.26
C ASN A 224 -28.79 15.75 -29.51
N GLU A 225 -27.62 15.28 -29.96
CA GLU A 225 -26.36 15.63 -29.32
C GLU A 225 -26.04 17.11 -29.44
N LEU A 226 -26.64 17.81 -30.41
CA LEU A 226 -26.38 19.24 -30.60
C LEU A 226 -26.78 20.06 -29.38
N LYS A 227 -27.66 19.53 -28.54
CA LYS A 227 -28.08 20.26 -27.33
C LYS A 227 -26.90 20.52 -26.40
N GLY A 228 -25.87 19.66 -26.44
CA GLY A 228 -24.73 19.84 -25.57
C GLY A 228 -23.93 21.08 -25.90
N PHE A 229 -23.75 21.36 -27.19
CA PHE A 229 -22.93 22.49 -27.61
C PHE A 229 -23.67 23.81 -27.37
N ASP A 230 -22.93 24.91 -27.47
CA ASP A 230 -23.52 26.24 -27.37
C ASP A 230 -24.39 26.49 -28.61
N SER A 231 -25.65 26.84 -28.39
CA SER A 231 -26.57 27.04 -29.50
C SER A 231 -26.17 28.24 -30.35
N GLN A 232 -25.53 29.25 -29.76
CA GLN A 232 -25.12 30.43 -30.51
C GLN A 232 -24.10 30.07 -31.58
N CYS A 233 -23.13 29.22 -31.23
CA CYS A 233 -22.04 28.90 -32.15
C CYS A 233 -22.45 27.92 -33.24
N ILE A 234 -23.54 27.19 -33.05
CA ILE A 234 -23.98 26.22 -34.05
C ILE A 234 -24.31 26.91 -35.37
N GLU A 235 -24.85 28.12 -35.31
CA GLU A 235 -25.25 28.82 -36.52
C GLU A 235 -24.04 29.06 -37.44
N GLU A 236 -22.97 29.64 -36.90
CA GLU A 236 -21.80 29.89 -37.74
C GLU A 236 -20.93 28.66 -37.92
N TRP A 237 -21.15 27.60 -37.12
CA TRP A 237 -20.47 26.34 -37.41
C TRP A 237 -21.19 25.56 -38.50
N ASP A 238 -22.53 25.52 -38.44
CA ASP A 238 -23.37 24.82 -39.40
C ASP A 238 -22.93 23.37 -39.56
N PRO A 239 -23.17 22.53 -38.55
CA PRO A 239 -22.76 21.12 -38.67
C PRO A 239 -23.56 20.39 -39.73
N ILE A 240 -22.95 19.34 -40.27
CA ILE A 240 -23.60 18.45 -41.23
C ILE A 240 -24.08 17.22 -40.48
N LEU A 241 -25.39 16.99 -40.48
CA LEU A 241 -25.99 15.92 -39.71
C LEU A 241 -26.17 14.67 -40.58
N PHE A 242 -25.72 13.53 -40.06
CA PHE A 242 -25.87 12.26 -40.75
C PHE A 242 -26.41 11.22 -39.77
N SER A 243 -27.23 10.31 -40.26
CA SER A 243 -27.93 9.36 -39.41
C SER A 243 -26.96 8.42 -38.71
N ALA A 244 -27.37 7.94 -37.54
CA ALA A 244 -26.52 7.04 -36.74
C ALA A 244 -26.28 5.71 -37.43
N ALA A 245 -27.20 5.26 -38.29
CA ALA A 245 -27.01 4.02 -39.02
C ALA A 245 -25.94 4.15 -40.11
N GLU A 246 -25.47 5.37 -40.38
CA GLU A 246 -24.48 5.57 -41.43
C GLU A 246 -23.12 5.00 -41.04
N ILE A 247 -22.75 5.11 -39.77
CA ILE A 247 -21.47 4.56 -39.32
C ILE A 247 -21.60 3.05 -39.17
N TRP A 248 -20.59 2.32 -39.65
CA TRP A 248 -20.67 0.85 -39.68
C TRP A 248 -20.82 0.24 -38.29
N PRO A 249 -19.99 0.58 -37.30
CA PRO A 249 -20.27 0.09 -35.94
C PRO A 249 -21.44 0.83 -35.33
N THR A 250 -22.65 0.39 -35.65
CA THR A 250 -23.85 1.13 -35.26
C THR A 250 -23.94 1.30 -33.75
N LYS A 251 -23.67 0.24 -33.00
CA LYS A 251 -23.64 0.35 -31.55
C LYS A 251 -22.45 1.19 -31.12
N GLY A 252 -22.70 2.07 -30.15
CA GLY A 252 -21.68 2.94 -29.62
C GLY A 252 -22.13 4.39 -29.58
N LYS A 253 -21.24 5.23 -29.06
CA LYS A 253 -21.51 6.65 -28.89
C LYS A 253 -21.44 7.38 -30.23
N PRO A 254 -22.07 8.55 -30.32
CA PRO A 254 -22.03 9.29 -31.59
C PRO A 254 -20.62 9.74 -31.95
N ILE A 255 -20.47 10.16 -33.21
CA ILE A 255 -19.19 10.53 -33.78
C ILE A 255 -19.28 11.97 -34.28
N ALA A 256 -18.29 12.78 -33.91
CA ALA A 256 -18.23 14.18 -34.30
C ALA A 256 -16.95 14.46 -35.07
N LEU A 257 -16.92 15.60 -35.76
CA LEU A 257 -15.75 16.04 -36.52
C LEU A 257 -15.38 17.44 -36.07
N VAL A 258 -14.09 17.67 -35.90
CA VAL A 258 -13.55 19.00 -35.58
C VAL A 258 -12.31 19.23 -36.42
N GLU A 259 -12.09 20.48 -36.81
CA GLU A 259 -10.91 20.89 -37.54
C GLU A 259 -10.03 21.74 -36.63
N MET A 260 -8.72 21.45 -36.63
CA MET A 260 -7.79 22.09 -35.72
C MET A 260 -6.91 23.07 -36.49
N ASP A 261 -6.92 24.33 -36.05
CA ASP A 261 -6.07 25.37 -36.61
C ASP A 261 -5.29 26.04 -35.48
N PRO A 262 -4.03 25.67 -35.25
CA PRO A 262 -3.26 26.34 -34.21
C PRO A 262 -3.10 27.83 -34.50
N ILE A 263 -3.03 28.62 -33.43
CA ILE A 263 -2.88 30.06 -33.53
C ILE A 263 -1.72 30.49 -32.64
N ASP A 264 -1.22 31.70 -32.90
CA ASP A 264 -0.11 32.22 -32.12
C ASP A 264 -0.55 32.57 -30.71
N PHE A 265 0.38 32.40 -29.77
CA PHE A 265 0.15 32.70 -28.37
C PHE A 265 1.31 33.51 -27.81
N ASP A 266 1.01 34.35 -26.82
CA ASP A 266 1.99 35.27 -26.25
C ASP A 266 2.24 35.02 -24.77
N PHE A 267 1.97 33.82 -24.28
CA PHE A 267 2.16 33.49 -22.88
C PHE A 267 3.17 32.37 -22.73
N ASP A 268 3.61 32.14 -21.49
CA ASP A 268 4.47 31.01 -21.16
C ASP A 268 3.61 29.80 -20.86
N VAL A 269 3.92 28.68 -21.52
CA VAL A 269 3.04 27.53 -21.47
C VAL A 269 3.03 26.89 -20.08
N ASP A 270 4.18 26.80 -19.43
CA ASP A 270 4.28 26.04 -18.19
C ASP A 270 3.52 26.72 -17.05
N ASN A 271 3.74 28.02 -16.85
CA ASN A 271 3.09 28.72 -15.75
C ASN A 271 1.60 28.86 -15.99
N TRP A 272 1.20 29.13 -17.24
CA TRP A 272 -0.21 29.19 -17.57
C TRP A 272 -0.88 27.85 -17.36
N ASP A 273 -0.20 26.76 -17.73
CA ASP A 273 -0.74 25.43 -17.50
C ASP A 273 -0.91 25.16 -16.01
N TYR A 274 0.08 25.54 -15.20
CA TYR A 274 -0.04 25.36 -13.76
C TYR A 274 -1.23 26.13 -13.20
N VAL A 275 -1.37 27.39 -13.61
CA VAL A 275 -2.47 28.23 -13.08
C VAL A 275 -3.82 27.66 -13.49
N THR A 276 -3.96 27.26 -14.76
CA THR A 276 -5.23 26.73 -15.23
C THR A 276 -5.55 25.38 -14.59
N ARG A 277 -4.53 24.56 -14.32
CA ARG A 277 -4.78 23.27 -13.69
C ARG A 277 -5.19 23.44 -12.24
N HIS A 278 -4.54 24.35 -11.52
CA HIS A 278 -4.88 24.52 -10.11
C HIS A 278 -6.09 25.43 -9.90
N LEU A 279 -6.55 26.13 -10.92
CA LEU A 279 -7.77 26.93 -10.82
C LEU A 279 -8.98 26.25 -11.44
N MET A 280 -8.83 25.02 -11.95
CA MET A 280 -9.94 24.25 -12.47
C MET A 280 -10.34 23.10 -11.58
N ILE A 281 -9.62 22.88 -10.48
CA ILE A 281 -10.03 21.85 -9.53
C ILE A 281 -11.29 22.30 -8.80
N LEU A 282 -11.32 23.56 -8.38
CA LEU A 282 -12.50 24.19 -7.79
C LEU A 282 -13.13 25.07 -8.86
N LYS A 283 -14.14 24.56 -9.53
CA LYS A 283 -14.77 25.29 -10.64
C LYS A 283 -15.88 26.22 -10.17
N ARG A 284 -16.84 25.70 -9.42
CA ARG A 284 -18.01 26.49 -9.04
C ARG A 284 -17.73 27.45 -7.90
N THR A 285 -16.66 27.25 -7.14
CA THR A 285 -16.34 28.16 -6.05
C THR A 285 -15.97 29.53 -6.60
N PRO A 286 -16.39 30.61 -5.94
CA PRO A 286 -16.05 31.95 -6.43
C PRO A 286 -14.55 32.19 -6.40
N LEU A 287 -14.10 33.10 -7.28
CA LEU A 287 -12.68 33.41 -7.38
C LEU A 287 -12.14 34.11 -6.13
N ASN A 288 -13.02 34.58 -5.25
CA ASN A 288 -12.57 35.26 -4.04
C ASN A 288 -11.77 34.32 -3.13
N THR A 289 -12.20 33.07 -3.03
CA THR A 289 -11.63 32.14 -2.07
C THR A 289 -10.83 31.01 -2.70
N VAL A 290 -10.67 30.99 -4.01
CA VAL A 290 -9.97 29.87 -4.66
C VAL A 290 -8.49 30.13 -4.87
N MET A 291 -8.04 31.39 -4.80
CA MET A 291 -6.63 31.70 -5.02
C MET A 291 -5.71 31.13 -3.96
N ASP A 292 -6.25 30.73 -2.80
CA ASP A 292 -5.41 30.14 -1.77
C ASP A 292 -4.82 28.82 -2.22
N SER A 293 -5.50 28.12 -3.13
CA SER A 293 -5.01 26.83 -3.60
C SER A 293 -3.72 26.96 -4.40
N LEU A 294 -3.45 28.14 -4.96
CA LEU A 294 -2.27 28.30 -5.80
C LEU A 294 -0.99 28.15 -4.98
N GLY A 295 -0.95 28.73 -3.79
CA GLY A 295 0.25 28.65 -2.97
C GLY A 295 0.02 29.34 -1.64
N HIS A 296 1.08 29.31 -0.81
CA HIS A 296 1.02 29.91 0.51
C HIS A 296 0.86 31.42 0.42
N GLY A 297 -0.29 31.93 0.89
CA GLY A 297 -0.50 33.36 0.93
C GLY A 297 -0.79 34.01 -0.39
N GLY A 298 -1.03 33.23 -1.45
CA GLY A 298 -1.32 33.82 -2.75
C GLY A 298 -2.60 34.61 -2.76
N GLN A 299 -3.54 34.27 -1.87
CA GLN A 299 -4.82 34.97 -1.85
C GLN A 299 -4.65 36.44 -1.52
N GLN A 300 -3.81 36.76 -0.52
CA GLN A 300 -3.59 38.16 -0.14
C GLN A 300 -2.95 38.94 -1.28
N TYR A 301 -1.93 38.36 -1.91
CA TYR A 301 -1.26 39.05 -3.02
C TYR A 301 -2.20 39.28 -4.18
N PHE A 302 -3.00 38.27 -4.54
CA PHE A 302 -3.90 38.42 -5.68
C PHE A 302 -5.04 39.40 -5.36
N ASN A 303 -5.50 39.44 -4.10
CA ASN A 303 -6.46 40.45 -3.71
C ASN A 303 -5.87 41.85 -3.83
N SER A 304 -4.62 42.03 -3.39
CA SER A 304 -3.99 43.35 -3.47
C SER A 304 -3.77 43.77 -4.93
N ARG A 305 -3.31 42.86 -5.78
CA ARG A 305 -2.94 43.22 -7.14
C ARG A 305 -4.15 43.43 -8.04
N ILE A 306 -5.17 42.58 -7.92
CA ILE A 306 -6.33 42.69 -8.81
C ILE A 306 -7.17 43.89 -8.42
N THR A 307 -7.53 44.70 -9.41
CA THR A 307 -8.38 45.86 -9.21
C THR A 307 -9.76 45.71 -9.85
N ASP A 308 -9.94 44.74 -10.75
CA ASP A 308 -11.22 44.49 -11.38
C ASP A 308 -12.04 43.59 -10.46
N LYS A 309 -13.09 44.15 -9.84
CA LYS A 309 -13.87 43.39 -8.88
C LYS A 309 -14.77 42.36 -9.55
N ASP A 310 -15.24 42.66 -10.77
CA ASP A 310 -16.04 41.69 -11.51
C ASP A 310 -15.25 40.40 -11.74
N LEU A 311 -13.93 40.51 -11.92
CA LEU A 311 -13.10 39.33 -12.00
C LEU A 311 -13.14 38.52 -10.72
N LEU A 312 -13.08 39.20 -9.57
CA LEU A 312 -13.15 38.51 -8.29
C LEU A 312 -14.53 37.92 -8.02
N LYS A 313 -15.57 38.44 -8.67
CA LYS A 313 -16.92 37.93 -8.50
C LYS A 313 -17.27 36.83 -9.51
N LYS A 314 -16.32 36.42 -10.35
CA LYS A 314 -16.56 35.45 -11.40
C LYS A 314 -15.94 34.11 -11.05
N CYS A 315 -16.68 33.03 -11.30
CA CYS A 315 -16.16 31.70 -11.08
C CYS A 315 -15.17 31.31 -12.17
N PRO A 316 -14.26 30.38 -11.90
CA PRO A 316 -13.29 29.97 -12.92
C PRO A 316 -13.92 29.42 -14.18
N ILE A 317 -15.13 28.87 -14.12
CA ILE A 317 -15.83 28.46 -15.33
C ILE A 317 -16.14 29.68 -16.19
N ASP A 318 -16.61 30.76 -15.56
CA ASP A 318 -16.97 31.95 -16.32
C ASP A 318 -15.76 32.60 -16.98
N LEU A 319 -14.57 32.41 -16.41
CA LEU A 319 -13.37 33.04 -16.95
C LEU A 319 -13.01 32.43 -18.31
N THR A 320 -12.64 33.29 -19.25
CA THR A 320 -12.12 32.86 -20.54
C THR A 320 -10.60 32.91 -20.50
N ASN A 321 -9.98 32.53 -21.62
CA ASN A 321 -8.53 32.37 -21.64
C ASN A 321 -7.80 33.72 -21.50
N ASP A 322 -8.45 34.82 -21.87
CA ASP A 322 -7.80 36.12 -21.79
C ASP A 322 -7.47 36.48 -20.34
N GLU A 323 -8.46 36.40 -19.45
CA GLU A 323 -8.17 36.66 -18.05
C GLU A 323 -7.35 35.56 -17.41
N PHE A 324 -7.32 34.34 -17.97
CA PHE A 324 -6.37 33.35 -17.50
C PHE A 324 -4.94 33.78 -17.78
N ILE A 325 -4.68 34.31 -18.99
CA ILE A 325 -3.37 34.87 -19.30
C ILE A 325 -3.07 36.04 -18.38
N TYR A 326 -4.08 36.87 -18.11
CA TYR A 326 -3.90 37.99 -17.19
C TYR A 326 -3.48 37.50 -15.80
N LEU A 327 -4.19 36.50 -15.27
CA LEU A 327 -3.88 35.97 -13.95
C LEU A 327 -2.49 35.37 -13.92
N THR A 328 -2.09 34.69 -15.00
CA THR A 328 -0.73 34.20 -15.09
C THR A 328 0.28 35.35 -15.03
N LYS A 329 -0.02 36.44 -15.74
CA LYS A 329 0.89 37.59 -15.75
C LYS A 329 1.04 38.19 -14.35
N LEU A 330 -0.06 38.34 -13.62
CA LEU A 330 0.04 38.81 -12.24
C LEU A 330 0.81 37.81 -11.38
N PHE A 331 0.64 36.52 -11.64
CA PHE A 331 1.28 35.51 -10.80
C PHE A 331 2.79 35.48 -11.03
N MET A 332 3.24 35.81 -12.24
CA MET A 332 4.68 35.86 -12.50
C MET A 332 5.37 36.93 -11.67
N GLU A 333 4.75 38.11 -11.55
CA GLU A 333 5.36 39.21 -10.82
C GLU A 333 5.37 38.97 -9.31
N TRP A 334 4.70 37.95 -8.83
CA TRP A 334 4.61 37.68 -7.40
C TRP A 334 5.96 37.23 -6.85
N PRO A 335 6.55 37.94 -5.89
CA PRO A 335 7.88 37.55 -5.39
C PRO A 335 7.90 36.18 -4.75
N PHE A 336 6.88 35.82 -3.98
CA PHE A 336 6.87 34.57 -3.22
C PHE A 336 6.16 33.45 -3.98
N LYS A 337 6.55 33.22 -5.22
CA LYS A 337 5.88 32.18 -6.01
C LYS A 337 6.36 30.80 -5.59
N PRO A 338 5.50 29.78 -5.68
CA PRO A 338 5.93 28.42 -5.35
C PRO A 338 6.69 27.76 -6.49
N ASP A 339 7.03 26.48 -6.32
CA ASP A 339 7.79 25.75 -7.33
C ASP A 339 6.87 25.35 -8.48
N ILE A 340 6.53 26.36 -9.29
CA ILE A 340 5.71 26.11 -10.48
C ILE A 340 6.51 25.34 -11.52
N LEU A 341 7.76 25.74 -11.74
CA LEU A 341 8.67 25.01 -12.61
C LEU A 341 9.74 24.25 -11.84
N MET A 342 10.14 24.73 -10.66
CA MET A 342 11.12 24.04 -9.84
C MET A 342 10.62 22.69 -9.35
N ASP A 343 9.32 22.46 -9.32
CA ASP A 343 8.80 21.12 -9.07
C ASP A 343 9.19 20.17 -10.19
N PHE A 344 9.19 20.67 -11.43
CA PHE A 344 9.60 19.89 -12.60
C PHE A 344 8.77 18.62 -12.71
N VAL A 345 7.46 18.76 -12.51
CA VAL A 345 6.49 17.66 -12.62
C VAL A 345 6.90 16.50 -11.72
N ASP A 346 7.12 16.78 -10.44
CA ASP A 346 7.38 15.76 -9.43
C ASP A 346 6.31 15.82 -8.36
N MET A 347 5.19 15.14 -8.60
CA MET A 347 4.06 15.15 -7.67
C MET A 347 4.01 13.86 -6.85
N TYR A 348 3.91 12.71 -7.53
CA TYR A 348 3.77 11.42 -6.88
C TYR A 348 4.44 10.34 -7.71
N GLN A 349 5.18 9.46 -7.05
CA GLN A 349 5.66 8.25 -7.70
C GLN A 349 4.65 7.12 -7.63
N THR A 350 3.60 7.26 -6.82
CA THR A 350 2.58 6.23 -6.67
C THR A 350 1.31 6.82 -6.07
N ILE B 297 26.48 6.70 32.88
CA ILE B 297 27.00 5.66 33.77
C ILE B 297 26.84 4.30 33.12
N ASN B 298 27.74 3.38 33.47
CA ASN B 298 27.76 2.02 32.91
C ASN B 298 27.37 1.03 34.00
N PHE B 299 26.07 0.79 34.14
CA PHE B 299 25.58 -0.14 35.17
C PHE B 299 25.92 -1.58 34.84
N PHE B 300 26.01 -1.91 33.54
CA PHE B 300 26.31 -3.29 33.16
C PHE B 300 27.70 -3.72 33.62
N GLU B 301 28.70 -2.84 33.47
CA GLU B 301 30.04 -3.18 33.92
C GLU B 301 30.10 -3.30 35.43
N ILE B 302 29.36 -2.45 36.15
CA ILE B 302 29.31 -2.54 37.60
C ILE B 302 28.70 -3.87 38.02
N TYR B 303 27.63 -4.29 37.34
CA TYR B 303 27.01 -5.58 37.63
C TYR B 303 27.98 -6.72 37.35
N ASN B 304 28.71 -6.64 36.23
CA ASN B 304 29.66 -7.70 35.88
C ASN B 304 30.78 -7.79 36.91
N SER B 305 31.26 -6.65 37.40
CA SER B 305 32.35 -6.64 38.37
C SER B 305 31.94 -7.14 39.74
N LEU B 306 30.65 -7.33 39.98
CA LEU B 306 30.19 -7.75 41.30
C LEU B 306 30.63 -9.19 41.59
N PRO B 307 31.32 -9.44 42.70
CA PRO B 307 31.83 -10.79 42.97
C PRO B 307 30.75 -11.78 43.43
N THR B 308 29.85 -11.34 44.29
CA THR B 308 28.91 -12.23 44.97
C THR B 308 27.52 -12.10 44.37
N LEU B 309 26.85 -13.24 44.21
CA LEU B 309 25.51 -13.26 43.64
C LEU B 309 24.51 -12.50 44.52
N GLU B 310 24.67 -12.58 45.84
CA GLU B 310 23.81 -11.80 46.73
C GLU B 310 24.01 -10.31 46.48
N GLU B 311 25.25 -9.88 46.27
CA GLU B 311 25.51 -8.49 45.90
C GLU B 311 24.80 -8.15 44.61
N LYS B 312 24.79 -9.08 43.65
CA LYS B 312 24.10 -8.84 42.39
C LYS B 312 22.60 -8.66 42.60
N LYS B 313 21.99 -9.50 43.44
CA LYS B 313 20.57 -9.38 43.71
C LYS B 313 20.25 -8.05 44.39
N ALA B 314 21.07 -7.66 45.37
CA ALA B 314 20.84 -6.37 46.04
C ALA B 314 20.99 -5.22 45.07
N PHE B 315 22.00 -5.30 44.18
CA PHE B 315 22.20 -4.25 43.19
C PHE B 315 21.03 -4.16 42.24
N GLU B 316 20.49 -5.30 41.81
CA GLU B 316 19.33 -5.29 40.92
C GLU B 316 18.11 -4.67 41.60
N SER B 317 17.87 -5.03 42.87
CA SER B 317 16.75 -4.46 43.58
C SER B 317 16.89 -2.95 43.73
N ALA B 318 18.09 -2.49 44.10
CA ALA B 318 18.33 -1.07 44.22
C ALA B 318 18.16 -0.36 42.88
N LEU B 319 18.65 -0.98 41.81
CA LEU B 319 18.51 -0.40 40.47
C LEU B 319 17.06 -0.25 40.10
N ASN B 320 16.23 -1.26 40.37
CA ASN B 320 14.82 -1.19 40.01
C ASN B 320 14.10 -0.11 40.82
N ILE B 321 14.34 -0.06 42.13
CA ILE B 321 13.64 0.92 42.95
C ILE B 321 14.11 2.34 42.61
N PHE B 322 15.35 2.49 42.14
CA PHE B 322 15.80 3.81 41.71
C PHE B 322 15.26 4.17 40.33
N ASN B 323 15.15 3.19 39.43
CA ASN B 323 14.81 3.45 38.04
C ASN B 323 13.31 3.46 37.78
N GLN B 324 12.48 3.16 38.78
CA GLN B 324 11.05 3.36 38.58
C GLN B 324 10.73 4.79 38.17
N ASP B 325 11.38 5.77 38.81
CA ASP B 325 11.14 7.17 38.44
C ASP B 325 11.59 7.48 37.03
N ARG B 326 12.75 6.96 36.62
CA ARG B 326 13.23 7.19 35.27
C ARG B 326 12.31 6.56 34.24
N GLN B 327 11.80 5.37 34.53
CA GLN B 327 10.81 4.76 33.64
C GLN B 327 9.56 5.61 33.57
N LYS B 328 9.11 6.14 34.72
CA LYS B 328 7.91 6.98 34.73
C LYS B 328 8.09 8.22 33.88
N VAL B 329 9.26 8.88 33.98
CA VAL B 329 9.46 10.09 33.20
C VAL B 329 9.66 9.76 31.72
N LEU B 330 10.26 8.60 31.41
CA LEU B 330 10.47 8.22 30.02
C LEU B 330 9.15 7.89 29.33
N GLU B 331 8.23 7.23 30.06
CA GLU B 331 7.01 6.73 29.45
C GLU B 331 5.98 7.83 29.20
N ASN B 332 5.93 8.84 30.07
CA ASN B 332 4.89 9.86 29.98
C ASN B 332 5.05 10.71 28.72
N ARG B 333 3.94 10.98 28.05
CA ARG B 333 3.92 11.88 26.90
C ARG B 333 3.83 13.32 27.39
N ALA B 334 4.39 14.23 26.60
CA ALA B 334 4.54 15.62 26.99
C ALA B 334 3.63 16.51 26.14
N THR B 335 2.52 16.93 26.72
CA THR B 335 1.66 17.97 26.15
C THR B 335 1.64 19.21 27.03
N GLU B 336 1.22 19.05 28.29
CA GLU B 336 1.28 20.16 29.22
C GLU B 336 2.73 20.59 29.47
N ALA B 337 3.64 19.62 29.57
CA ALA B 337 5.05 19.93 29.72
C ALA B 337 5.57 20.72 28.53
N ALA B 338 5.14 20.34 27.32
CA ALA B 338 5.46 21.13 26.14
C ALA B 338 4.91 22.54 26.28
N ARG B 339 3.72 22.68 26.89
CA ARG B 339 3.14 24.00 27.07
C ARG B 339 4.04 24.89 27.92
N GLU B 340 4.42 24.41 29.12
CA GLU B 340 5.26 25.34 29.91
C GLU B 340 6.66 25.45 29.34
N ARG B 341 7.14 24.45 28.60
CA ARG B 341 8.43 24.61 27.92
C ARG B 341 8.39 25.75 26.92
N TRP B 342 7.34 25.79 26.10
CA TRP B 342 7.19 26.87 25.14
C TRP B 342 7.02 28.21 25.86
N LYS B 343 6.24 28.24 26.94
CA LYS B 343 6.03 29.47 27.68
C LYS B 343 7.35 29.99 28.25
N HIS B 344 8.14 29.11 28.86
CA HIS B 344 9.42 29.51 29.43
C HIS B 344 10.39 29.97 28.34
N ASP B 345 10.43 29.26 27.21
CA ASP B 345 11.30 29.67 26.13
C ASP B 345 10.93 31.06 25.61
N PHE B 346 9.63 31.32 25.45
CA PHE B 346 9.20 32.63 24.98
C PHE B 346 9.55 33.72 25.98
N GLU B 347 9.32 33.46 27.28
CA GLU B 347 9.56 34.50 28.27
C GLU B 347 11.04 34.75 28.48
N GLU B 348 11.90 33.74 28.27
CA GLU B 348 13.33 33.97 28.37
C GLU B 348 13.90 34.62 27.12
N ALA B 349 13.34 34.32 25.94
CA ALA B 349 13.82 34.93 24.71
C ALA B 349 13.26 36.33 24.51
N LYS B 350 12.20 36.71 25.23
CA LYS B 350 11.71 38.07 25.15
C LYS B 350 12.71 39.08 25.72
N ALA B 351 13.58 38.66 26.63
CA ALA B 351 14.55 39.55 27.24
C ALA B 351 15.89 39.55 26.52
N ARG B 352 16.41 38.37 26.19
CA ARG B 352 17.72 38.27 25.56
C ARG B 352 17.72 38.95 24.19
N GLY B 353 16.94 38.44 23.26
CA GLY B 353 16.90 39.00 21.93
C GLY B 353 16.08 38.13 21.00
N ASP B 354 16.08 38.51 19.73
CA ASP B 354 15.34 37.82 18.69
C ASP B 354 16.31 37.27 17.65
N ILE B 355 16.14 36.01 17.29
CA ILE B 355 16.97 35.31 16.32
C ILE B 355 16.09 34.36 15.52
N SER B 356 16.72 33.62 14.61
CA SER B 356 16.06 32.54 13.87
C SER B 356 16.77 31.24 14.24
N ILE B 357 16.34 30.62 15.33
CA ILE B 357 16.96 29.42 15.87
C ILE B 357 15.85 28.50 16.38
N GLU B 358 16.27 27.37 16.96
CA GLU B 358 15.32 26.44 17.56
C GLU B 358 14.54 27.10 18.68
N LYS B 359 15.21 27.93 19.48
CA LYS B 359 14.51 28.72 20.49
C LYS B 359 13.50 29.65 19.83
N ASN B 360 13.85 30.21 18.68
CA ASN B 360 12.89 31.02 17.94
C ASN B 360 11.72 30.17 17.44
N LEU B 361 11.99 28.91 17.08
CA LEU B 361 10.91 28.01 16.70
C LEU B 361 9.94 27.79 17.85
N ASN B 362 10.48 27.57 19.06
CA ASN B 362 9.62 27.40 20.22
C ASN B 362 8.85 28.69 20.53
N VAL B 363 9.50 29.84 20.35
CA VAL B 363 8.83 31.11 20.60
C VAL B 363 7.66 31.30 19.63
N LYS B 364 7.88 31.01 18.35
CA LYS B 364 6.81 31.16 17.39
C LYS B 364 5.70 30.14 17.61
N LEU B 365 6.04 28.94 18.07
CA LEU B 365 4.99 27.98 18.43
C LEU B 365 4.17 28.48 19.61
N TRP B 366 4.83 29.09 20.60
CA TRP B 366 4.09 29.68 21.72
C TRP B 366 3.17 30.79 21.25
N LYS B 367 3.64 31.62 20.32
CA LYS B 367 2.79 32.68 19.78
C LYS B 367 1.61 32.09 19.00
N TRP B 368 1.84 31.01 18.25
CA TRP B 368 0.76 30.35 17.54
C TRP B 368 -0.29 29.84 18.50
N TYR B 369 0.13 29.20 19.59
CA TYR B 369 -0.83 28.73 20.59
C TYR B 369 -1.57 29.89 21.25
N ASN B 370 -0.84 30.98 21.54
CA ASN B 370 -1.46 32.14 22.18
C ASN B 370 -2.52 32.76 21.29
N GLU B 371 -2.28 32.82 19.98
CA GLU B 371 -3.30 33.31 19.06
C GLU B 371 -4.41 32.29 18.81
N MET B 372 -4.11 30.99 18.92
CA MET B 372 -5.15 29.98 18.79
C MET B 372 -6.17 30.06 19.91
N LEU B 373 -5.71 30.21 21.14
CA LEU B 373 -6.60 30.05 22.29
C LEU B 373 -7.85 30.94 22.24
N PRO B 374 -7.78 32.24 21.90
CA PRO B 374 -9.03 33.00 21.72
C PRO B 374 -9.95 32.41 20.67
N LEU B 375 -9.40 31.90 19.57
CA LEU B 375 -10.25 31.34 18.51
C LEU B 375 -10.96 30.07 18.98
N VAL B 376 -10.24 29.19 19.68
CA VAL B 376 -10.87 27.99 20.21
C VAL B 376 -11.93 28.35 21.24
N LYS B 377 -11.64 29.31 22.11
CA LYS B 377 -12.64 29.72 23.10
C LYS B 377 -13.87 30.30 22.43
N GLU B 378 -13.67 31.12 21.38
CA GLU B 378 -14.81 31.67 20.66
C GLU B 378 -15.64 30.57 20.00
N GLU B 379 -14.98 29.59 19.38
CA GLU B 379 -15.70 28.51 18.74
C GLU B 379 -16.49 27.69 19.75
N ILE B 380 -15.89 27.38 20.90
CA ILE B 380 -16.58 26.56 21.90
C ILE B 380 -17.73 27.34 22.52
N ASN B 381 -17.57 28.65 22.71
CA ASN B 381 -18.69 29.47 23.18
C ASN B 381 -19.81 29.51 22.17
N HIS B 382 -19.48 29.61 20.88
CA HIS B 382 -20.50 29.58 19.83
C HIS B 382 -21.25 28.26 19.84
N CYS B 383 -20.53 27.15 20.03
CA CYS B 383 -21.20 25.85 20.12
C CYS B 383 -22.11 25.77 21.35
N ARG B 384 -21.63 26.28 22.50
CA ARG B 384 -22.41 26.17 23.72
C ARG B 384 -23.65 27.06 23.70
N SER B 385 -23.58 28.20 23.00
CA SER B 385 -24.74 29.09 22.92
C SER B 385 -25.89 28.49 22.12
N LEU B 386 -25.66 27.40 21.41
CA LEU B 386 -26.67 26.74 20.59
C LEU B 386 -27.48 25.72 21.37
N LEU B 387 -27.11 25.46 22.63
CA LEU B 387 -27.71 24.38 23.41
C LEU B 387 -29.02 24.78 24.08
N SER B 388 -29.72 25.79 23.55
CA SER B 388 -30.94 26.28 24.16
C SER B 388 -32.12 26.07 23.21
N GLU B 389 -32.80 24.93 23.39
CA GLU B 389 -34.11 24.65 22.81
C GLU B 389 -34.10 24.40 21.31
N LYS B 390 -32.97 24.63 20.64
CA LYS B 390 -32.81 24.37 19.20
C LYS B 390 -34.03 24.85 18.41
N LEU B 391 -34.25 26.17 18.42
CA LEU B 391 -35.47 26.73 17.84
C LEU B 391 -35.56 26.46 16.34
N SER B 392 -34.45 26.61 15.62
CA SER B 392 -34.48 26.51 14.17
C SER B 392 -34.17 25.07 13.74
N ASP B 393 -35.10 24.48 12.97
CA ASP B 393 -34.89 23.11 12.50
C ASP B 393 -33.90 23.06 11.35
N LYS B 394 -33.96 24.04 10.44
CA LYS B 394 -33.08 24.03 9.27
C LYS B 394 -32.51 25.40 8.93
N LYS B 395 -32.69 26.41 9.79
CA LYS B 395 -32.16 27.74 9.53
C LYS B 395 -30.69 27.79 9.90
N GLY B 396 -30.12 28.99 9.93
CA GLY B 396 -28.71 29.16 10.23
C GLY B 396 -27.79 28.57 9.18
N LEU B 397 -28.12 28.78 7.90
CA LEU B 397 -27.34 28.24 6.76
C LEU B 397 -27.31 26.72 6.90
N ASN B 398 -26.19 26.07 6.60
CA ASN B 398 -26.07 24.63 6.76
C ASN B 398 -25.08 24.20 7.84
N LYS B 399 -24.22 25.11 8.30
CA LYS B 399 -23.25 24.75 9.32
C LYS B 399 -23.95 24.32 10.61
N VAL B 400 -24.95 25.08 11.05
CA VAL B 400 -25.66 24.74 12.28
C VAL B 400 -26.33 23.39 12.15
N ASP B 401 -26.97 23.13 11.01
CA ASP B 401 -27.70 21.88 10.83
C ASP B 401 -26.77 20.68 10.77
N THR B 402 -25.67 20.78 10.01
CA THR B 402 -24.90 19.60 9.68
C THR B 402 -23.65 19.40 10.54
N ASN B 403 -23.13 20.44 11.18
CA ASN B 403 -21.87 20.31 11.90
C ASN B 403 -21.95 20.76 13.34
N ARG B 404 -22.69 21.83 13.64
CA ARG B 404 -22.77 22.31 15.02
C ARG B 404 -23.38 21.25 15.92
N LEU B 405 -24.55 20.72 15.56
CA LEU B 405 -25.11 19.61 16.32
C LEU B 405 -24.29 18.34 16.16
N GLY B 406 -23.55 18.21 15.06
CA GLY B 406 -22.76 17.01 14.86
C GLY B 406 -21.67 16.88 15.90
N TYR B 407 -20.86 17.94 16.07
CA TYR B 407 -19.74 17.89 17.01
C TYR B 407 -19.80 18.91 18.15
N GLY B 408 -20.99 19.34 18.55
CA GLY B 408 -21.13 20.14 19.74
C GLY B 408 -20.57 19.53 21.01
N PRO B 409 -21.20 18.44 21.48
CA PRO B 409 -20.77 17.85 22.76
C PRO B 409 -19.35 17.32 22.77
N TYR B 410 -18.77 17.04 21.60
CA TYR B 410 -17.42 16.46 21.58
C TYR B 410 -16.35 17.50 21.92
N LEU B 411 -16.51 18.74 21.43
CA LEU B 411 -15.52 19.77 21.68
C LEU B 411 -15.62 20.33 23.09
N THR B 412 -16.80 20.29 23.71
CA THR B 412 -17.00 20.95 24.99
C THR B 412 -16.41 20.18 26.17
N LEU B 413 -15.82 19.01 25.94
CA LEU B 413 -15.31 18.19 27.04
C LEU B 413 -13.82 18.43 27.29
N ILE B 414 -12.98 18.22 26.28
CA ILE B 414 -11.55 18.33 26.45
C ILE B 414 -11.15 19.80 26.60
N ASP B 415 -10.13 20.04 27.41
CA ASP B 415 -9.65 21.40 27.62
C ASP B 415 -9.11 21.98 26.32
N PRO B 416 -9.35 23.26 26.04
CA PRO B 416 -8.92 23.83 24.74
C PRO B 416 -7.43 23.73 24.48
N GLY B 417 -6.61 24.11 25.46
CA GLY B 417 -5.17 24.12 25.25
C GLY B 417 -4.61 22.76 24.89
N LYS B 418 -5.19 21.70 25.46
CA LYS B 418 -4.73 20.35 25.12
C LYS B 418 -4.96 20.05 23.65
N MET B 419 -6.14 20.40 23.12
CA MET B 419 -6.40 20.16 21.70
C MET B 419 -5.52 21.04 20.82
N CYS B 420 -5.27 22.29 21.24
CA CYS B 420 -4.37 23.13 20.46
C CYS B 420 -2.97 22.53 20.38
N VAL B 421 -2.45 22.06 21.51
CA VAL B 421 -1.14 21.43 21.51
C VAL B 421 -1.15 20.17 20.65
N ILE B 422 -2.23 19.38 20.75
CA ILE B 422 -2.34 18.16 19.97
C ILE B 422 -2.25 18.46 18.49
N THR B 423 -3.04 19.43 18.02
CA THR B 423 -3.05 19.70 16.58
C THR B 423 -1.73 20.32 16.11
N ILE B 424 -1.13 21.20 16.93
CA ILE B 424 0.14 21.80 16.54
C ILE B 424 1.21 20.72 16.40
N LEU B 425 1.30 19.83 17.39
CA LEU B 425 2.28 18.75 17.33
C LEU B 425 1.98 17.80 16.17
N GLU B 426 0.70 17.53 15.92
CA GLU B 426 0.33 16.59 14.87
C GLU B 426 0.75 17.11 13.50
N LEU B 427 0.54 18.41 13.24
CA LEU B 427 0.96 18.95 11.95
C LEU B 427 2.48 19.10 11.87
N LEU B 428 3.13 19.52 12.95
CA LEU B 428 4.58 19.65 12.90
C LEU B 428 5.30 18.33 13.12
N LYS B 429 4.57 17.22 13.14
CA LYS B 429 5.14 15.90 13.36
C LYS B 429 5.28 15.07 12.09
N LEU B 430 4.40 15.25 11.12
CA LEU B 430 4.31 14.36 9.96
C LEU B 430 4.62 15.09 8.65
N ASN B 431 5.69 15.88 8.64
CA ASN B 431 6.09 16.56 7.42
C ASN B 431 6.60 15.56 6.38
N SER B 432 6.20 15.76 5.13
CA SER B 432 6.60 14.94 4.00
C SER B 432 6.24 13.46 4.22
N THR B 433 4.94 13.22 4.34
CA THR B 433 4.41 11.88 4.53
C THR B 433 3.28 11.61 3.55
N GLY B 434 3.11 10.33 3.21
CA GLY B 434 2.06 9.93 2.30
C GLY B 434 2.34 10.16 0.84
N GLY B 435 3.60 10.42 0.47
CA GLY B 435 3.96 10.67 -0.91
C GLY B 435 4.08 12.13 -1.27
N VAL B 436 3.64 13.04 -0.40
CA VAL B 436 3.74 14.47 -0.65
C VAL B 436 5.19 14.90 -0.42
N ILE B 437 5.68 15.78 -1.29
CA ILE B 437 7.08 16.19 -1.21
C ILE B 437 7.33 16.97 0.07
N GLU B 438 6.45 17.91 0.40
CA GLU B 438 6.69 18.81 1.53
C GLU B 438 5.41 19.01 2.34
N GLY B 439 4.64 17.94 2.53
CA GLY B 439 3.40 18.06 3.27
C GLY B 439 2.80 16.71 3.56
N MET B 440 1.53 16.74 3.97
CA MET B 440 0.80 15.53 4.33
C MET B 440 -0.57 15.55 3.66
N ARG B 441 -1.15 14.36 3.51
CA ARG B 441 -2.48 14.25 2.93
C ARG B 441 -3.55 14.65 3.95
N THR B 442 -4.58 15.34 3.47
CA THR B 442 -5.55 15.96 4.36
C THR B 442 -6.30 14.94 5.20
N ALA B 443 -6.76 13.85 4.57
CA ALA B 443 -7.56 12.87 5.29
C ALA B 443 -6.77 12.25 6.43
N ARG B 444 -5.50 11.92 6.15
CA ARG B 444 -4.64 11.30 7.18
C ARG B 444 -4.45 12.27 8.34
N ALA B 445 -4.27 13.55 8.04
CA ALA B 445 -4.06 14.56 9.09
C ALA B 445 -5.29 14.72 9.96
N VAL B 446 -6.46 14.87 9.35
CA VAL B 446 -7.67 15.10 10.15
C VAL B 446 -8.02 13.86 10.97
N ILE B 447 -7.87 12.66 10.39
CA ILE B 447 -8.16 11.44 11.13
C ILE B 447 -7.19 11.27 12.29
N SER B 448 -5.91 11.59 12.08
CA SER B 448 -4.93 11.48 13.14
C SER B 448 -5.22 12.47 14.27
N VAL B 449 -5.63 13.69 13.92
CA VAL B 449 -5.98 14.66 14.95
C VAL B 449 -7.18 14.16 15.76
N GLY B 450 -8.19 13.61 15.07
CA GLY B 450 -9.34 13.07 15.79
C GLY B 450 -8.96 11.94 16.72
N LYS B 451 -8.10 11.02 16.25
CA LYS B 451 -7.69 9.90 17.10
C LYS B 451 -6.84 10.38 18.28
N ALA B 452 -5.99 11.37 18.07
CA ALA B 452 -5.20 11.91 19.18
C ALA B 452 -6.10 12.55 20.22
N ILE B 453 -7.13 13.28 19.79
CA ILE B 453 -8.09 13.84 20.72
C ILE B 453 -8.82 12.73 21.47
N GLU B 454 -9.14 11.64 20.77
CA GLU B 454 -9.73 10.47 21.42
C GLU B 454 -8.83 9.95 22.54
N MET B 455 -7.56 9.74 22.24
CA MET B 455 -6.64 9.21 23.24
C MET B 455 -6.50 10.16 24.43
N GLU B 456 -6.40 11.46 24.16
CA GLU B 456 -6.30 12.42 25.26
C GLU B 456 -7.55 12.42 26.12
N PHE B 457 -8.72 12.35 25.48
CA PHE B 457 -9.97 12.33 26.24
C PHE B 457 -10.06 11.08 27.10
N ARG B 458 -9.65 9.92 26.56
CA ARG B 458 -9.71 8.70 27.36
C ARG B 458 -8.70 8.73 28.51
N SER B 459 -7.51 9.30 28.27
CA SER B 459 -6.54 9.44 29.34
C SER B 459 -7.06 10.35 30.45
N GLU B 460 -7.75 11.43 30.08
CA GLU B 460 -8.38 12.27 31.09
C GLU B 460 -9.50 11.52 31.81
N GLN B 461 -10.30 10.77 31.06
CA GLN B 461 -11.47 10.11 31.64
C GLN B 461 -11.09 9.05 32.66
N VAL B 462 -10.05 8.26 32.36
CA VAL B 462 -9.63 7.23 33.32
C VAL B 462 -9.14 7.86 34.62
N LEU B 463 -8.65 9.09 34.55
CA LEU B 463 -8.24 9.84 35.74
C LEU B 463 -9.36 10.77 36.21
N LYS B 464 -10.52 10.18 36.46
CA LYS B 464 -11.66 10.93 36.99
C LYS B 464 -12.67 9.97 37.62
N LYS B 500 -16.33 3.83 27.94
CA LYS B 500 -17.51 4.67 27.87
C LYS B 500 -18.08 4.71 26.46
N ILE B 501 -17.39 5.41 25.56
CA ILE B 501 -17.82 5.52 24.17
C ILE B 501 -16.60 5.85 23.33
N LEU B 502 -16.61 5.39 22.08
CA LEU B 502 -15.58 5.69 21.11
C LEU B 502 -16.24 6.39 19.91
N TRP B 503 -15.71 7.56 19.56
CA TRP B 503 -16.41 8.43 18.62
C TRP B 503 -16.45 7.83 17.22
N PRO B 504 -17.47 8.14 16.43
CA PRO B 504 -17.51 7.69 15.04
C PRO B 504 -16.43 8.36 14.20
N GLN B 505 -16.14 7.73 13.07
CA GLN B 505 -15.09 8.26 12.19
C GLN B 505 -15.44 9.64 11.66
N SER B 506 -16.72 9.86 11.34
CA SER B 506 -17.14 11.15 10.80
C SER B 506 -16.91 12.27 11.80
N ILE B 507 -17.19 12.01 13.09
CA ILE B 507 -16.97 13.03 14.11
C ILE B 507 -15.50 13.36 14.25
N ARG B 508 -14.64 12.32 14.21
CA ARG B 508 -13.20 12.56 14.26
C ARG B 508 -12.75 13.41 13.07
N ALA B 509 -13.26 13.09 11.88
CA ALA B 509 -12.89 13.84 10.69
C ALA B 509 -13.32 15.30 10.81
N ARG B 510 -14.55 15.54 11.31
CA ARG B 510 -15.02 16.91 11.43
C ARG B 510 -14.23 17.71 12.46
N ILE B 511 -13.94 17.11 13.61
CA ILE B 511 -13.16 17.81 14.63
C ILE B 511 -11.78 18.14 14.10
N GLY B 512 -11.14 17.15 13.46
CA GLY B 512 -9.83 17.39 12.89
C GLY B 512 -9.84 18.48 11.85
N SER B 513 -10.83 18.47 10.96
CA SER B 513 -10.92 19.49 9.93
C SER B 513 -11.11 20.87 10.52
N VAL B 514 -11.94 20.98 11.55
CA VAL B 514 -12.16 22.27 12.19
C VAL B 514 -10.86 22.81 12.77
N LEU B 515 -10.15 21.97 13.54
CA LEU B 515 -8.91 22.43 14.15
C LEU B 515 -7.86 22.77 13.09
N ILE B 516 -7.74 21.94 12.05
CA ILE B 516 -6.73 22.18 11.04
C ILE B 516 -7.02 23.46 10.27
N SER B 517 -8.30 23.70 9.94
CA SER B 517 -8.64 24.94 9.25
C SER B 517 -8.37 26.15 10.11
N MET B 518 -8.65 26.06 11.41
CA MET B 518 -8.34 27.17 12.29
C MET B 518 -6.85 27.46 12.33
N LEU B 519 -6.02 26.40 12.39
CA LEU B 519 -4.58 26.60 12.38
C LEU B 519 -4.09 27.13 11.04
N ILE B 520 -4.70 26.70 9.93
CA ILE B 520 -4.39 27.31 8.63
C ILE B 520 -4.65 28.80 8.69
N GLN B 521 -5.77 29.19 9.28
CA GLN B 521 -6.13 30.60 9.36
C GLN B 521 -5.15 31.39 10.21
N VAL B 522 -4.69 30.81 11.33
CA VAL B 522 -3.97 31.59 12.33
C VAL B 522 -2.45 31.44 12.18
N ALA B 523 -1.98 30.61 11.27
CA ALA B 523 -0.55 30.34 11.12
C ALA B 523 0.11 31.48 10.36
N LYS B 524 1.16 32.05 10.95
CA LYS B 524 1.91 33.13 10.33
C LYS B 524 3.41 32.92 10.55
N VAL B 525 4.20 33.25 9.54
CA VAL B 525 5.66 33.16 9.63
C VAL B 525 6.26 34.16 8.65
N SER B 526 7.35 34.81 9.07
CA SER B 526 8.04 35.76 8.22
C SER B 526 8.88 35.03 7.18
N VAL B 527 8.85 35.53 5.95
CA VAL B 527 9.56 34.93 4.83
C VAL B 527 10.31 36.01 4.07
N GLN B 528 11.32 35.58 3.31
CA GLN B 528 12.15 36.47 2.51
C GLN B 528 12.27 35.90 1.10
N GLY B 529 12.23 36.79 0.10
CA GLY B 529 12.28 36.35 -1.28
C GLY B 529 12.73 37.45 -2.20
N VAL B 530 13.01 37.06 -3.44
CA VAL B 530 13.50 37.97 -4.48
C VAL B 530 12.33 38.43 -5.33
N ASP B 531 12.50 39.60 -5.97
CA ASP B 531 11.49 40.19 -6.81
C ASP B 531 11.90 40.09 -8.27
N PRO B 532 11.03 39.60 -9.16
CA PRO B 532 11.40 39.48 -10.58
C PRO B 532 11.43 40.82 -11.32
N VAL B 533 10.97 41.90 -10.70
CA VAL B 533 10.97 43.22 -11.31
C VAL B 533 12.04 44.12 -10.72
N THR B 534 12.28 44.02 -9.41
CA THR B 534 13.28 44.83 -8.74
C THR B 534 14.61 44.12 -8.58
N LYS B 535 14.62 42.78 -8.60
CA LYS B 535 15.83 41.98 -8.35
C LYS B 535 16.44 42.31 -7.00
N ALA B 536 15.57 42.56 -6.01
CA ALA B 536 15.99 42.88 -4.66
C ALA B 536 15.12 42.13 -3.67
N LYS B 537 15.64 41.95 -2.46
CA LYS B 537 14.91 41.23 -1.43
C LYS B 537 13.72 42.06 -0.93
N VAL B 538 12.56 41.43 -0.86
CA VAL B 538 11.34 42.06 -0.36
C VAL B 538 10.80 41.21 0.78
N HIS B 539 11.00 41.67 2.01
CA HIS B 539 10.53 40.92 3.17
C HIS B 539 9.01 40.90 3.20
N GLY B 540 8.44 39.76 3.59
CA GLY B 540 7.00 39.61 3.65
C GLY B 540 6.60 38.55 4.65
N GLU B 541 5.30 38.44 4.87
CA GLU B 541 4.73 37.46 5.79
C GLU B 541 3.71 36.62 5.03
N ALA B 542 3.83 35.30 5.14
CA ALA B 542 2.92 34.36 4.52
C ALA B 542 2.52 33.29 5.52
N PRO B 543 1.31 32.75 5.39
CA PRO B 543 0.88 31.68 6.32
C PRO B 543 1.79 30.47 6.22
N ALA B 544 2.07 29.87 7.38
CA ALA B 544 2.96 28.73 7.43
C ALA B 544 2.34 27.50 6.76
N PHE B 545 1.03 27.33 6.87
CA PHE B 545 0.33 26.20 6.30
C PHE B 545 -0.68 26.70 5.26
N ALA B 546 -0.84 25.94 4.18
CA ALA B 546 -1.74 26.32 3.11
C ALA B 546 -2.34 25.07 2.48
N HIS B 547 -3.67 25.02 2.41
CA HIS B 547 -4.36 23.91 1.79
C HIS B 547 -4.17 23.92 0.29
N GLY B 548 -4.29 22.74 -0.33
CA GLY B 548 -4.14 22.63 -1.76
C GLY B 548 -4.49 21.25 -2.25
N TYR B 549 -4.57 21.12 -3.57
CA TYR B 549 -4.93 19.87 -4.22
C TYR B 549 -3.87 19.50 -5.25
N GLN B 550 -3.62 18.20 -5.39
CA GLN B 550 -2.68 17.69 -6.38
C GLN B 550 -3.30 16.49 -7.08
N TYR B 551 -2.83 16.23 -8.28
CA TYR B 551 -3.33 15.15 -9.11
C TYR B 551 -2.34 13.99 -9.15
N HIS B 552 -2.86 12.80 -9.39
CA HIS B 552 -2.03 11.61 -9.60
C HIS B 552 -2.82 10.63 -10.46
N ASN B 553 -2.45 10.54 -11.74
CA ASN B 553 -3.09 9.63 -12.69
C ASN B 553 -4.60 9.88 -12.72
N GLY B 554 -4.96 11.14 -12.94
CA GLY B 554 -6.36 11.51 -13.03
C GLY B 554 -7.15 11.32 -11.75
N SER B 555 -6.60 11.76 -10.62
CA SER B 555 -7.29 11.65 -9.34
C SER B 555 -6.86 12.78 -8.43
N LYS B 556 -7.82 13.58 -7.99
CA LYS B 556 -7.54 14.67 -7.06
C LYS B 556 -7.08 14.08 -5.73
N LEU B 557 -6.25 14.83 -5.01
CA LEU B 557 -5.69 14.39 -3.73
C LEU B 557 -5.43 15.60 -2.86
N GLY B 558 -6.24 15.76 -1.81
CA GLY B 558 -6.07 16.89 -0.92
C GLY B 558 -4.73 16.83 -0.21
N VAL B 559 -4.08 17.99 -0.09
CA VAL B 559 -2.73 18.08 0.45
C VAL B 559 -2.60 19.35 1.27
N LEU B 560 -1.98 19.23 2.45
CA LEU B 560 -1.52 20.37 3.23
C LEU B 560 -0.06 20.63 2.92
N LYS B 561 0.30 21.91 2.86
CA LYS B 561 1.65 22.31 2.50
C LYS B 561 2.30 23.09 3.63
N ILE B 562 3.59 22.90 3.80
CA ILE B 562 4.38 23.56 4.84
C ILE B 562 5.44 24.42 4.15
N HIS B 563 5.60 25.65 4.64
CA HIS B 563 6.61 26.54 4.07
C HIS B 563 8.00 25.98 4.27
N LYS B 564 8.89 26.30 3.32
CA LYS B 564 10.23 25.72 3.32
C LYS B 564 11.04 26.18 4.54
N THR B 565 10.78 27.39 5.04
CA THR B 565 11.47 27.85 6.24
C THR B 565 11.14 26.97 7.44
N LEU B 566 9.85 26.63 7.60
CA LEU B 566 9.46 25.70 8.66
C LEU B 566 10.10 24.33 8.45
N ILE B 567 10.24 23.91 7.19
CA ILE B 567 10.87 22.63 6.90
C ILE B 567 12.32 22.63 7.36
N ARG B 568 13.06 23.70 7.05
CA ARG B 568 14.45 23.77 7.48
C ARG B 568 14.56 23.88 9.01
N GLN B 569 13.62 24.58 9.65
CA GLN B 569 13.66 24.67 11.11
C GLN B 569 13.37 23.32 11.75
N LEU B 570 12.42 22.57 11.21
CA LEU B 570 12.15 21.23 11.72
C LEU B 570 13.33 20.30 11.50
N ASN B 571 14.00 20.43 10.34
CA ASN B 571 15.21 19.64 10.11
C ASN B 571 16.30 19.99 11.11
N GLY B 572 16.45 21.28 11.42
CA GLY B 572 17.43 21.70 12.41
C GLY B 572 17.03 21.45 13.84
N GLU B 573 15.78 21.05 14.09
CA GLU B 573 15.30 20.75 15.45
C GLU B 573 15.86 19.38 15.86
N ARG B 574 17.17 19.36 16.11
CA ARG B 574 17.92 18.17 16.53
C ARG B 574 17.52 17.00 15.62
N LEU B 575 17.22 15.83 16.16
CA LEU B 575 16.64 14.74 15.38
C LEU B 575 15.21 14.44 15.82
N ILE B 576 15.02 14.08 17.10
CA ILE B 576 13.69 13.95 17.68
C ILE B 576 13.74 14.50 19.10
N ALA B 577 13.27 15.73 19.29
CA ALA B 577 13.26 16.36 20.61
C ALA B 577 11.84 16.65 21.08
N SER B 578 11.04 17.39 20.30
CA SER B 578 9.67 17.68 20.66
C SER B 578 8.67 16.79 19.95
N VAL B 579 9.01 16.30 18.75
CA VAL B 579 8.17 15.33 18.08
C VAL B 579 8.10 14.06 18.93
N GLN B 580 6.88 13.69 19.32
CA GLN B 580 6.59 12.69 20.34
C GLN B 580 7.38 11.39 20.21
N PRO B 581 8.31 11.11 21.14
CA PRO B 581 8.80 9.74 21.29
C PRO B 581 7.86 8.96 22.20
N GLN B 582 7.24 7.90 21.70
CA GLN B 582 6.18 7.25 22.44
C GLN B 582 6.50 5.85 22.91
N LEU B 583 7.17 5.04 22.10
CA LEU B 583 7.41 3.63 22.39
C LEU B 583 8.91 3.38 22.44
N LEU B 584 9.42 3.10 23.62
CA LEU B 584 10.83 2.85 23.87
C LEU B 584 11.00 1.67 24.80
N PRO B 585 12.16 1.00 24.77
CA PRO B 585 12.40 -0.09 25.71
C PRO B 585 12.32 0.39 27.16
N MET B 586 11.81 -0.48 28.02
CA MET B 586 11.59 -0.11 29.42
C MET B 586 12.84 -0.38 30.25
N LEU B 587 12.78 0.06 31.50
CA LEU B 587 13.82 -0.16 32.49
C LEU B 587 13.34 -0.98 33.69
N VAL B 588 12.13 -0.70 34.17
CA VAL B 588 11.51 -1.54 35.18
C VAL B 588 11.03 -2.84 34.53
N GLU B 589 11.02 -3.92 35.30
CA GLU B 589 10.50 -5.19 34.79
C GLU B 589 9.05 -5.00 34.37
N PRO B 590 8.65 -5.55 33.22
CA PRO B 590 7.29 -5.29 32.72
C PRO B 590 6.21 -5.84 33.64
N LYS B 591 5.07 -5.18 33.60
CA LYS B 591 3.91 -5.63 34.37
C LYS B 591 3.38 -6.92 33.76
N PRO B 592 3.20 -7.99 34.55
CA PRO B 592 2.74 -9.26 33.98
C PRO B 592 1.35 -9.15 33.38
N TRP B 593 1.13 -9.92 32.32
CA TRP B 593 -0.18 -9.92 31.66
C TRP B 593 -1.19 -10.68 32.51
N VAL B 594 -2.34 -10.06 32.76
CA VAL B 594 -3.44 -10.72 33.46
C VAL B 594 -4.68 -10.68 32.59
N ASN B 595 -4.94 -9.54 31.97
CA ASN B 595 -6.02 -9.38 30.99
C ASN B 595 -5.50 -8.60 29.80
N TRP B 596 -6.26 -8.63 28.71
CA TRP B 596 -5.78 -8.06 27.45
C TRP B 596 -5.56 -6.56 27.56
N ARG B 597 -6.39 -5.84 28.33
CA ARG B 597 -6.23 -4.40 28.45
C ARG B 597 -5.05 -4.01 29.33
N SER B 598 -4.72 -4.83 30.32
CA SER B 598 -3.67 -4.50 31.29
C SER B 598 -2.44 -5.36 31.02
N GLY B 599 -1.37 -4.72 30.55
CA GLY B 599 -0.13 -5.44 30.30
C GLY B 599 0.89 -4.51 29.69
N GLY B 600 2.12 -5.03 29.60
CA GLY B 600 3.21 -4.28 29.02
C GLY B 600 3.63 -3.09 29.86
N TYR B 601 3.44 -1.89 29.31
CA TYR B 601 3.82 -0.67 30.02
C TYR B 601 2.94 -0.45 31.24
N HIS B 602 3.49 0.28 32.21
CA HIS B 602 2.81 0.47 33.48
C HIS B 602 1.64 1.44 33.34
N TYR B 603 1.91 2.68 32.95
CA TYR B 603 0.89 3.72 32.89
C TYR B 603 0.30 3.90 31.49
N THR B 604 0.70 3.10 30.51
CA THR B 604 0.20 3.19 29.16
C THR B 604 -0.63 1.93 28.86
N GLN B 605 -1.87 2.13 28.44
CA GLN B 605 -2.73 1.00 28.11
C GLN B 605 -2.18 0.26 26.89
N SER B 606 -2.40 -1.06 26.87
CA SER B 606 -1.91 -1.90 25.78
C SER B 606 -2.94 -2.99 25.52
N THR B 607 -2.81 -3.63 24.36
CA THR B 607 -3.71 -4.68 23.93
C THR B 607 -2.93 -5.94 23.62
N LEU B 608 -3.56 -7.09 23.86
CA LEU B 608 -2.90 -8.36 23.59
C LEU B 608 -2.82 -8.65 22.10
N LEU B 609 -3.85 -8.27 21.35
CA LEU B 609 -3.91 -8.50 19.91
C LEU B 609 -3.79 -7.17 19.18
N ARG B 610 -2.95 -7.15 18.14
CA ARG B 610 -2.77 -5.96 17.31
C ARG B 610 -3.86 -5.91 16.25
N THR B 611 -5.07 -5.59 16.71
CA THR B 611 -6.22 -5.43 15.84
C THR B 611 -6.15 -4.08 15.16
N LYS B 612 -5.96 -4.07 13.84
CA LYS B 612 -5.77 -2.81 13.12
C LYS B 612 -7.06 -2.01 13.13
N ASP B 613 -8.06 -2.46 12.38
CA ASP B 613 -9.34 -1.76 12.35
C ASP B 613 -10.58 -2.65 12.53
N SER B 614 -10.42 -3.87 13.02
CA SER B 614 -11.54 -4.78 13.14
C SER B 614 -12.09 -4.90 14.55
N PRO B 615 -13.41 -4.80 14.74
CA PRO B 615 -13.98 -4.93 16.09
C PRO B 615 -14.29 -6.38 16.47
N GLU B 616 -14.46 -7.23 15.47
CA GLU B 616 -14.78 -8.64 15.74
C GLU B 616 -13.64 -9.32 16.50
N GLN B 617 -12.40 -9.06 16.10
CA GLN B 617 -11.26 -9.63 16.80
C GLN B 617 -11.22 -9.16 18.24
N VAL B 618 -11.47 -7.87 18.47
CA VAL B 618 -11.45 -7.33 19.83
C VAL B 618 -12.54 -7.98 20.67
N ALA B 619 -13.74 -8.11 20.11
CA ALA B 619 -14.84 -8.72 20.86
C ALA B 619 -14.54 -10.17 21.21
N TYR B 620 -14.02 -10.93 20.24
CA TYR B 620 -13.71 -12.34 20.51
C TYR B 620 -12.59 -12.49 21.53
N LEU B 621 -11.56 -11.64 21.43
CA LEU B 621 -10.48 -11.69 22.40
C LEU B 621 -10.97 -11.33 23.80
N LYS B 622 -11.83 -10.32 23.90
CA LYS B 622 -12.38 -9.95 25.20
C LYS B 622 -13.23 -11.08 25.77
N ALA B 623 -14.03 -11.74 24.94
CA ALA B 623 -14.83 -12.86 25.42
C ALA B 623 -13.94 -14.00 25.91
N ALA B 624 -12.88 -14.32 25.16
CA ALA B 624 -11.98 -15.39 25.58
C ALA B 624 -11.25 -15.03 26.87
N SER B 625 -10.82 -13.77 27.01
CA SER B 625 -10.15 -13.35 28.23
C SER B 625 -11.10 -13.40 29.43
N ASP B 626 -12.36 -12.99 29.24
CA ASP B 626 -13.33 -13.07 30.31
C ASP B 626 -13.60 -14.52 30.71
N ASN B 627 -13.67 -15.42 29.73
CA ASN B 627 -13.84 -16.83 30.04
C ASN B 627 -12.63 -17.36 30.82
N GLY B 628 -11.43 -16.98 30.42
CA GLY B 628 -10.23 -17.38 31.12
C GLY B 628 -9.59 -18.63 30.56
N ASP B 629 -9.37 -18.68 29.26
CA ASP B 629 -8.76 -19.83 28.61
C ASP B 629 -7.48 -19.46 27.84
N ILE B 630 -6.88 -18.31 28.15
CA ILE B 630 -5.66 -17.88 27.49
C ILE B 630 -4.53 -17.68 28.49
N ASP B 631 -4.64 -18.33 29.66
CA ASP B 631 -3.60 -18.19 30.68
C ASP B 631 -2.20 -18.56 30.19
N ARG B 632 -2.09 -19.64 29.42
CA ARG B 632 -0.79 -20.08 28.95
C ARG B 632 -0.16 -19.06 28.00
N VAL B 633 -0.98 -18.41 27.19
CA VAL B 633 -0.48 -17.32 26.33
C VAL B 633 0.09 -16.20 27.19
N TYR B 634 -0.62 -15.85 28.27
CA TYR B 634 -0.12 -14.82 29.17
C TYR B 634 1.21 -15.22 29.78
N ASP B 635 1.34 -16.47 30.22
CA ASP B 635 2.59 -16.92 30.82
C ASP B 635 3.73 -16.89 29.80
N GLY B 636 3.47 -17.33 28.58
CA GLY B 636 4.49 -17.29 27.55
C GLY B 636 4.95 -15.88 27.24
N LEU B 637 4.00 -14.95 27.13
CA LEU B 637 4.35 -13.56 26.87
C LEU B 637 5.13 -12.95 28.04
N ASN B 638 4.74 -13.29 29.26
CA ASN B 638 5.48 -12.80 30.43
C ASN B 638 6.91 -13.30 30.43
N VAL B 639 7.11 -14.57 30.10
CA VAL B 639 8.47 -15.12 30.04
C VAL B 639 9.27 -14.44 28.93
N LEU B 640 8.63 -14.23 27.77
CA LEU B 640 9.32 -13.57 26.67
C LEU B 640 9.73 -12.15 27.03
N GLY B 641 8.87 -11.42 27.73
CA GLY B 641 9.17 -10.05 28.10
C GLY B 641 9.94 -9.86 29.38
N ARG B 642 10.22 -10.93 30.13
CA ARG B 642 10.92 -10.79 31.41
C ARG B 642 12.44 -10.79 31.28
N THR B 643 13.00 -11.13 30.13
CA THR B 643 14.44 -11.22 29.99
C THR B 643 15.06 -9.83 29.86
N PRO B 644 16.13 -9.53 30.59
CA PRO B 644 16.79 -8.22 30.46
C PRO B 644 17.90 -8.21 29.42
N TRP B 645 18.02 -7.09 28.73
CA TRP B 645 19.00 -6.91 27.66
C TRP B 645 19.93 -5.75 27.99
N THR B 646 21.10 -5.76 27.34
CA THR B 646 22.03 -4.65 27.39
C THR B 646 22.54 -4.39 25.98
N VAL B 647 23.01 -3.17 25.74
CA VAL B 647 23.58 -2.82 24.44
C VAL B 647 25.04 -3.25 24.42
N ASN B 648 25.43 -3.95 23.36
CA ASN B 648 26.81 -4.40 23.23
C ASN B 648 27.74 -3.19 23.14
N ARG B 649 28.97 -3.37 23.61
CA ARG B 649 29.91 -2.27 23.73
C ARG B 649 30.92 -2.23 22.59
N LYS B 650 31.61 -3.35 22.34
CA LYS B 650 32.61 -3.38 21.27
C LYS B 650 31.95 -3.22 19.91
N VAL B 651 30.82 -3.88 19.69
CA VAL B 651 30.10 -3.73 18.43
C VAL B 651 29.59 -2.30 18.27
N PHE B 652 29.15 -1.69 19.37
CA PHE B 652 28.73 -0.29 19.30
C PHE B 652 29.88 0.60 18.92
N ASP B 653 31.07 0.35 19.48
CA ASP B 653 32.24 1.15 19.11
C ASP B 653 32.56 0.98 17.63
N VAL B 654 32.47 -0.24 17.12
CA VAL B 654 32.73 -0.48 15.70
C VAL B 654 31.73 0.28 14.84
N VAL B 655 30.45 0.21 15.22
CA VAL B 655 29.41 0.92 14.45
C VAL B 655 29.67 2.42 14.49
N SER B 656 30.07 2.94 15.65
CA SER B 656 30.32 4.37 15.79
C SER B 656 31.49 4.81 14.90
N GLN B 657 32.57 4.03 14.89
CA GLN B 657 33.70 4.37 14.03
C GLN B 657 33.36 4.24 12.55
N VAL B 658 32.49 3.30 12.17
CA VAL B 658 32.06 3.21 10.79
C VAL B 658 31.16 4.38 10.42
N TRP B 659 30.26 4.77 11.31
CA TRP B 659 29.32 5.86 11.05
C TRP B 659 30.03 7.21 11.01
N ASN B 660 31.10 7.38 11.77
CA ASN B 660 31.79 8.66 11.82
C ASN B 660 32.48 9.00 10.51
N LYS B 661 32.72 8.02 9.64
CA LYS B 661 33.33 8.29 8.35
C LYS B 661 32.40 8.98 7.37
N GLY B 662 31.10 9.00 7.66
CA GLY B 662 30.14 9.69 6.82
C GLY B 662 30.03 9.15 5.41
N GLU B 663 29.95 7.83 5.28
CA GLU B 663 29.85 7.19 3.97
C GLU B 663 29.06 5.90 4.14
N GLY B 664 29.08 5.08 3.09
CA GLY B 664 28.29 3.85 3.05
C GLY B 664 29.15 2.62 3.22
N PHE B 665 28.90 1.88 4.29
CA PHE B 665 29.61 0.64 4.57
C PHE B 665 28.88 -0.50 3.87
N LEU B 666 29.28 -1.75 4.14
CA LEU B 666 28.62 -2.90 3.52
C LEU B 666 27.14 -2.95 3.87
N ASP B 667 26.76 -2.52 5.07
CA ASP B 667 25.38 -2.53 5.51
C ASP B 667 24.73 -1.16 5.50
N ILE B 668 25.36 -0.17 6.14
CA ILE B 668 24.75 1.16 6.26
C ILE B 668 24.70 1.81 4.89
N PRO B 669 23.54 2.28 4.42
CA PRO B 669 23.51 3.01 3.15
C PRO B 669 24.36 4.27 3.15
N GLY B 670 24.46 4.95 4.28
CA GLY B 670 25.25 6.15 4.41
C GLY B 670 24.37 7.40 4.40
N ALA B 671 25.05 8.55 4.39
CA ALA B 671 24.40 9.84 4.34
C ALA B 671 24.73 10.53 3.03
N GLN B 672 23.71 10.94 2.30
CA GLN B 672 23.87 11.62 1.02
C GLN B 672 23.75 13.12 1.24
N ASP B 673 24.66 13.88 0.64
CA ASP B 673 24.76 15.31 0.94
C ASP B 673 23.75 16.14 0.16
N GLU B 674 23.84 16.12 -1.17
CA GLU B 674 23.08 17.03 -2.02
C GLU B 674 22.21 16.26 -3.00
N MET B 675 21.26 16.98 -3.59
CA MET B 675 20.38 16.46 -4.63
C MET B 675 20.83 17.00 -5.98
N VAL B 676 21.03 16.11 -6.94
CA VAL B 676 21.53 16.46 -8.27
C VAL B 676 20.48 16.08 -9.30
N LEU B 677 20.29 16.94 -10.29
CA LEU B 677 19.33 16.70 -11.35
C LEU B 677 19.97 16.98 -12.71
N PRO B 678 19.49 16.31 -13.77
CA PRO B 678 19.93 16.66 -15.11
C PRO B 678 19.43 18.05 -15.48
N PRO B 679 20.12 18.74 -16.38
CA PRO B 679 19.70 20.11 -16.72
C PRO B 679 18.44 20.13 -17.58
N ALA B 680 17.78 21.28 -17.58
CA ALA B 680 16.49 21.41 -18.23
C ALA B 680 16.64 21.19 -19.74
N PRO B 681 15.91 20.23 -20.31
CA PRO B 681 15.97 20.02 -21.76
C PRO B 681 15.24 21.14 -22.49
N PRO B 682 15.58 21.39 -23.75
CA PRO B 682 14.83 22.40 -24.51
C PRO B 682 13.39 21.97 -24.70
N LYS B 683 12.47 22.94 -24.61
CA LYS B 683 11.05 22.63 -24.73
C LYS B 683 10.69 22.21 -26.14
N ASN B 684 11.38 22.73 -27.15
CA ASN B 684 11.12 22.37 -28.53
C ASN B 684 11.87 21.08 -28.89
N SER B 685 11.66 20.03 -28.10
CA SER B 685 12.31 18.75 -28.31
C SER B 685 11.25 17.65 -28.36
N ASP B 686 11.63 16.54 -28.98
CA ASP B 686 10.68 15.44 -29.16
C ASP B 686 10.15 14.98 -27.81
N PRO B 687 8.84 14.71 -27.70
CA PRO B 687 8.25 14.43 -26.38
C PRO B 687 8.84 13.20 -25.70
N SER B 688 9.45 12.29 -26.45
CA SER B 688 10.13 11.16 -25.80
C SER B 688 11.26 11.65 -24.92
N ILE B 689 11.99 12.68 -25.35
CA ILE B 689 13.07 13.23 -24.55
C ILE B 689 12.54 13.81 -23.25
N LEU B 690 11.44 14.57 -23.32
CA LEU B 690 10.86 15.14 -22.11
C LEU B 690 10.35 14.07 -21.17
N ARG B 691 9.73 13.01 -21.73
CA ARG B 691 9.25 11.92 -20.90
C ARG B 691 10.41 11.22 -20.20
N ALA B 692 11.49 10.97 -20.94
CA ALA B 692 12.67 10.33 -20.33
C ALA B 692 13.26 11.22 -19.24
N TRP B 693 13.30 12.52 -19.46
CA TRP B 693 13.80 13.44 -18.45
C TRP B 693 12.93 13.40 -17.20
N LYS B 694 11.61 13.35 -17.38
CA LYS B 694 10.71 13.29 -16.24
C LYS B 694 10.92 12.00 -15.44
N LEU B 695 11.07 10.88 -16.13
CA LEU B 695 11.35 9.62 -15.43
C LEU B 695 12.69 9.66 -14.70
N GLN B 696 13.72 10.25 -15.33
CA GLN B 696 15.00 10.37 -14.65
C GLN B 696 14.89 11.21 -13.38
N VAL B 697 14.17 12.33 -13.47
CA VAL B 697 14.00 13.17 -12.29
C VAL B 697 13.26 12.43 -11.19
N LYS B 698 12.18 11.72 -11.55
CA LYS B 698 11.42 10.98 -10.55
C LYS B 698 12.28 9.91 -9.89
N THR B 699 13.04 9.16 -10.70
CA THR B 699 13.88 8.10 -10.15
C THR B 699 14.96 8.67 -9.24
N ILE B 700 15.58 9.77 -9.65
CA ILE B 700 16.63 10.37 -8.81
C ILE B 700 16.05 10.86 -7.50
N ALA B 701 14.88 11.51 -7.55
CA ALA B 701 14.26 11.99 -6.32
C ALA B 701 13.90 10.84 -5.39
N ASN B 702 13.33 9.76 -5.95
CA ASN B 702 12.98 8.62 -5.12
C ASN B 702 14.21 7.98 -4.49
N LYS B 703 15.29 7.82 -5.27
CA LYS B 703 16.51 7.23 -4.71
C LYS B 703 17.10 8.10 -3.61
N PHE B 704 17.14 9.42 -3.84
CA PHE B 704 17.65 10.33 -2.81
C PHE B 704 16.83 10.26 -1.54
N SER B 705 15.50 10.24 -1.67
CA SER B 705 14.65 10.22 -0.49
C SER B 705 14.74 8.88 0.24
N SER B 706 14.88 7.79 -0.51
CA SER B 706 15.07 6.48 0.14
C SER B 706 16.38 6.45 0.92
N ASP B 707 17.44 6.97 0.33
CA ASP B 707 18.72 7.03 1.05
C ASP B 707 18.60 7.89 2.30
N ARG B 708 17.92 9.04 2.19
CA ARG B 708 17.75 9.90 3.36
C ARG B 708 16.94 9.20 4.45
N SER B 709 15.88 8.49 4.07
CA SER B 709 15.07 7.79 5.07
C SER B 709 15.87 6.69 5.75
N ASN B 710 16.64 5.92 4.98
CA ASN B 710 17.46 4.88 5.58
C ASN B 710 18.50 5.47 6.53
N ARG B 711 19.13 6.58 6.13
CA ARG B 711 20.09 7.24 7.00
C ARG B 711 19.43 7.70 8.29
N CYS B 712 18.24 8.29 8.19
CA CYS B 712 17.53 8.75 9.38
C CYS B 712 17.18 7.58 10.30
N ASP B 713 16.74 6.46 9.73
CA ASP B 713 16.39 5.30 10.53
C ASP B 713 17.61 4.75 11.26
N THR B 714 18.73 4.61 10.55
CA THR B 714 19.94 4.11 11.19
C THR B 714 20.44 5.08 12.26
N ASN B 715 20.35 6.38 12.00
CA ASN B 715 20.77 7.37 12.97
C ASN B 715 19.90 7.32 14.23
N TYR B 716 18.60 7.13 14.07
CA TYR B 716 17.71 7.03 15.22
C TYR B 716 17.99 5.76 16.01
N LYS B 717 18.27 4.65 15.32
CA LYS B 717 18.67 3.43 16.02
C LYS B 717 19.94 3.65 16.82
N LEU B 718 20.93 4.32 16.23
CA LEU B 718 22.18 4.57 16.94
C LEU B 718 21.97 5.53 18.12
N GLU B 719 21.08 6.52 17.98
CA GLU B 719 20.78 7.39 19.10
C GLU B 719 20.14 6.62 20.24
N ILE B 720 19.22 5.71 19.93
CA ILE B 720 18.63 4.88 20.98
C ILE B 720 19.71 4.02 21.64
N ALA B 721 20.59 3.43 20.83
CA ALA B 721 21.63 2.58 21.37
C ALA B 721 22.57 3.35 22.30
N ARG B 722 22.95 4.56 21.89
CA ARG B 722 23.84 5.38 22.73
C ARG B 722 23.14 5.84 24.00
N ALA B 723 21.87 6.23 23.90
CA ALA B 723 21.15 6.70 25.08
C ALA B 723 20.97 5.58 26.11
N PHE B 724 20.74 4.36 25.66
CA PHE B 724 20.43 3.24 26.54
C PHE B 724 21.65 2.37 26.84
N LEU B 725 22.85 2.83 26.50
CA LEU B 725 24.05 2.03 26.71
C LEU B 725 24.28 1.77 28.19
N GLY B 726 24.52 0.51 28.52
CA GLY B 726 24.90 0.13 29.88
C GLY B 726 23.79 0.13 30.90
N GLU B 727 22.55 -0.17 30.50
CA GLU B 727 21.43 -0.22 31.44
C GLU B 727 20.49 -1.34 31.05
N LYS B 728 19.74 -1.83 32.03
CA LYS B 728 18.78 -2.90 31.80
C LYS B 728 17.75 -2.49 30.77
N LEU B 729 17.45 -3.39 29.83
CA LEU B 729 16.42 -3.18 28.82
C LEU B 729 15.44 -4.34 28.87
N TYR B 730 14.15 -4.02 28.89
CA TYR B 730 13.09 -5.01 28.82
C TYR B 730 12.22 -4.75 27.61
N PHE B 731 11.80 -5.82 26.94
CA PHE B 731 11.03 -5.73 25.71
C PHE B 731 9.70 -6.45 25.88
N PRO B 732 8.67 -5.75 26.34
CA PRO B 732 7.33 -6.38 26.41
C PRO B 732 6.83 -6.70 25.02
N HIS B 733 6.04 -7.78 24.92
CA HIS B 733 5.63 -8.34 23.64
C HIS B 733 4.11 -8.33 23.53
N ASN B 734 3.63 -8.39 22.29
CA ASN B 734 2.23 -8.63 21.99
C ASN B 734 2.14 -9.73 20.94
N LEU B 735 0.91 -9.99 20.49
CA LEU B 735 0.65 -10.98 19.46
C LEU B 735 -0.18 -10.34 18.36
N ASP B 736 0.19 -10.61 17.11
CA ASP B 736 -0.73 -10.31 16.03
C ASP B 736 -1.92 -11.26 16.09
N PHE B 737 -2.91 -11.04 15.22
CA PHE B 737 -4.16 -11.77 15.35
C PHE B 737 -3.97 -13.27 15.24
N ARG B 738 -2.95 -13.72 14.51
CA ARG B 738 -2.66 -15.15 14.44
C ARG B 738 -2.12 -15.66 15.77
N GLY B 739 -1.13 -14.97 16.34
CA GLY B 739 -0.55 -15.40 17.60
C GLY B 739 0.96 -15.25 17.68
N ARG B 740 1.59 -14.80 16.60
CA ARG B 740 3.04 -14.59 16.62
C ARG B 740 3.39 -13.38 17.48
N ALA B 741 4.55 -13.46 18.13
CA ALA B 741 4.95 -12.46 19.12
C ALA B 741 5.87 -11.42 18.49
N TYR B 742 5.59 -10.14 18.78
CA TYR B 742 6.41 -9.02 18.35
C TYR B 742 6.57 -8.07 19.54
N PRO B 743 7.73 -7.44 19.69
CA PRO B 743 7.94 -6.51 20.80
C PRO B 743 7.14 -5.22 20.61
N LEU B 744 6.87 -4.56 21.73
CA LEU B 744 6.23 -3.25 21.69
C LEU B 744 7.14 -2.21 21.05
N SER B 745 8.42 -2.23 21.37
CA SER B 745 9.37 -1.27 20.82
C SER B 745 9.54 -1.48 19.32
N PRO B 746 9.03 -0.58 18.47
CA PRO B 746 9.06 -0.86 17.02
C PRO B 746 10.40 -0.58 16.37
N HIS B 747 11.13 0.44 16.85
CA HIS B 747 12.36 0.86 16.19
C HIS B 747 13.54 -0.02 16.61
N PHE B 748 13.82 -0.08 17.91
CA PHE B 748 14.93 -0.84 18.44
C PHE B 748 14.40 -2.11 19.11
N ASN B 749 14.67 -3.26 18.51
CA ASN B 749 14.28 -4.53 19.08
C ASN B 749 15.13 -5.63 18.43
N HIS B 750 15.08 -6.82 19.03
CA HIS B 750 15.93 -7.92 18.59
C HIS B 750 15.49 -8.53 17.28
N LEU B 751 14.30 -8.18 16.77
CA LEU B 751 13.86 -8.68 15.47
C LEU B 751 14.34 -7.81 14.31
N GLY B 752 15.07 -6.74 14.58
CA GLY B 752 15.51 -5.85 13.54
C GLY B 752 16.57 -6.49 12.65
N ASN B 753 17.21 -5.63 11.86
CA ASN B 753 18.22 -6.08 10.92
C ASN B 753 19.46 -6.57 11.66
N ASP B 754 20.46 -7.00 10.90
CA ASP B 754 21.66 -7.57 11.50
C ASP B 754 22.36 -6.57 12.41
N MET B 755 22.39 -5.29 12.00
CA MET B 755 23.02 -4.27 12.82
C MET B 755 22.32 -4.13 14.16
N SER B 756 20.99 -4.15 14.17
CA SER B 756 20.26 -4.06 15.42
C SER B 756 20.32 -5.36 16.21
N ARG B 757 20.55 -6.49 15.55
CA ARG B 757 20.68 -7.76 16.26
C ARG B 757 22.03 -7.89 16.96
N GLY B 758 23.09 -7.33 16.35
CA GLY B 758 24.40 -7.40 16.98
C GLY B 758 24.49 -6.61 18.27
N LEU B 759 23.74 -5.51 18.37
CA LEU B 759 23.85 -4.57 19.48
C LEU B 759 23.06 -5.00 20.71
N LEU B 760 22.65 -6.26 20.82
CA LEU B 760 21.86 -6.70 21.96
C LEU B 760 22.41 -8.00 22.51
N ILE B 761 22.70 -8.01 23.82
CA ILE B 761 23.13 -9.21 24.53
C ILE B 761 22.36 -9.28 25.84
N PHE B 762 22.33 -10.49 26.41
CA PHE B 762 21.60 -10.70 27.66
C PHE B 762 22.31 -10.03 28.82
N TRP B 763 21.52 -9.40 29.70
CA TRP B 763 22.07 -8.79 30.90
C TRP B 763 22.71 -9.83 31.81
N HIS B 764 22.00 -10.93 32.06
CA HIS B 764 22.53 -11.98 32.92
C HIS B 764 23.64 -12.74 32.22
N GLY B 765 24.63 -13.16 33.01
CA GLY B 765 25.73 -13.96 32.50
C GLY B 765 25.67 -15.36 33.09
N LYS B 766 25.99 -16.35 32.26
CA LYS B 766 25.92 -17.75 32.66
C LYS B 766 27.27 -18.41 32.48
N LYS B 767 27.57 -19.36 33.36
CA LYS B 767 28.78 -20.15 33.25
C LYS B 767 28.81 -20.90 31.93
N LEU B 768 29.93 -20.81 31.20
CA LEU B 768 30.00 -21.42 29.89
C LEU B 768 29.86 -22.93 29.98
N GLY B 769 30.54 -23.57 30.92
CA GLY B 769 30.39 -24.99 31.15
C GLY B 769 31.13 -25.82 30.13
N PRO B 770 31.05 -27.14 30.27
CA PRO B 770 31.72 -28.03 29.30
C PRO B 770 31.20 -27.88 27.89
N SER B 771 29.90 -27.64 27.72
CA SER B 771 29.28 -27.59 26.41
C SER B 771 29.19 -26.18 25.83
N GLY B 772 29.66 -25.16 26.56
CA GLY B 772 29.57 -23.81 26.05
C GLY B 772 30.46 -23.56 24.84
N LEU B 773 31.69 -24.08 24.88
CA LEU B 773 32.62 -23.86 23.77
C LEU B 773 32.08 -24.46 22.48
N LYS B 774 31.57 -25.68 22.55
CA LYS B 774 31.07 -26.35 21.36
C LYS B 774 29.91 -25.57 20.74
N TRP B 775 28.97 -25.13 21.58
CA TRP B 775 27.80 -24.43 21.05
C TRP B 775 28.16 -23.06 20.52
N LEU B 776 29.11 -22.36 21.17
CA LEU B 776 29.54 -21.06 20.64
C LEU B 776 30.24 -21.22 19.30
N LYS B 777 31.08 -22.26 19.17
CA LYS B 777 31.72 -22.52 17.89
C LYS B 777 30.70 -22.89 16.82
N ILE B 778 29.67 -23.66 17.19
CA ILE B 778 28.61 -23.99 16.24
C ILE B 778 27.88 -22.74 15.80
N HIS B 779 27.63 -21.81 16.73
CA HIS B 779 26.96 -20.57 16.39
C HIS B 779 27.78 -19.76 15.40
N LEU B 780 29.09 -19.65 15.64
CA LEU B 780 29.93 -18.95 14.67
C LEU B 780 29.94 -19.66 13.33
N SER B 781 29.94 -21.00 13.34
CA SER B 781 29.97 -21.75 12.10
C SER B 781 28.69 -21.51 11.29
N ASN B 782 27.54 -21.44 11.96
CA ASN B 782 26.28 -21.28 11.26
C ASN B 782 25.91 -19.82 11.01
N LEU B 783 26.67 -18.87 11.55
CA LEU B 783 26.51 -17.48 11.11
C LEU B 783 27.23 -17.19 9.81
N PHE B 784 28.06 -18.11 9.32
CA PHE B 784 28.71 -17.99 8.03
C PHE B 784 27.88 -18.58 6.90
N GLY B 785 26.68 -19.08 7.20
CA GLY B 785 25.90 -19.84 6.25
C GLY B 785 26.15 -21.33 6.29
N PHE B 786 27.12 -21.79 7.08
CA PHE B 786 27.43 -23.21 7.20
C PHE B 786 26.58 -23.81 8.34
N ASP B 787 25.28 -23.88 8.08
CA ASP B 787 24.33 -24.46 9.02
C ASP B 787 23.82 -25.83 8.60
N LYS B 788 24.15 -26.29 7.39
CA LYS B 788 23.72 -27.59 6.90
C LYS B 788 24.80 -28.64 7.02
N LEU B 789 25.92 -28.34 7.67
CA LEU B 789 27.03 -29.25 7.88
C LEU B 789 26.89 -29.97 9.22
N PRO B 790 27.48 -31.16 9.36
CA PRO B 790 27.44 -31.86 10.64
C PRO B 790 28.17 -31.07 11.72
N LEU B 791 27.76 -31.29 12.97
CA LEU B 791 28.36 -30.56 14.10
C LEU B 791 29.87 -30.75 14.14
N LYS B 792 30.34 -31.96 13.85
CA LYS B 792 31.78 -32.21 13.83
C LYS B 792 32.46 -31.38 12.74
N ASP B 793 31.87 -31.34 11.54
CA ASP B 793 32.44 -30.51 10.48
C ASP B 793 32.39 -29.04 10.84
N ARG B 794 31.31 -28.61 11.52
CA ARG B 794 31.19 -27.21 11.91
C ARG B 794 32.28 -26.81 12.90
N VAL B 795 32.51 -27.64 13.92
CA VAL B 795 33.53 -27.30 14.91
C VAL B 795 34.92 -27.39 14.29
N ALA B 796 35.14 -28.35 13.38
CA ALA B 796 36.42 -28.41 12.69
C ALA B 796 36.66 -27.14 11.87
N PHE B 797 35.64 -26.68 11.16
CA PHE B 797 35.75 -25.45 10.38
C PHE B 797 36.03 -24.25 11.28
N THR B 798 35.33 -24.18 12.41
CA THR B 798 35.54 -23.06 13.33
C THR B 798 36.96 -23.07 13.90
N GLU B 799 37.43 -24.25 14.32
CA GLU B 799 38.76 -24.37 14.89
C GLU B 799 39.87 -24.29 13.84
N SER B 800 39.52 -24.34 12.56
CA SER B 800 40.52 -24.17 11.51
C SER B 800 40.83 -22.72 11.20
N HIS B 801 40.16 -21.77 11.86
CA HIS B 801 40.34 -20.34 11.60
C HIS B 801 40.60 -19.56 12.88
N LEU B 802 41.42 -20.13 13.77
CA LEU B 802 41.74 -19.46 15.02
C LEU B 802 42.53 -18.17 14.77
N GLN B 803 43.48 -18.21 13.84
CA GLN B 803 44.28 -17.02 13.53
C GLN B 803 43.40 -15.93 12.95
N ASP B 804 42.48 -16.29 12.06
CA ASP B 804 41.58 -15.30 11.47
C ASP B 804 40.69 -14.67 12.53
N ILE B 805 40.16 -15.48 13.44
CA ILE B 805 39.32 -14.95 14.52
C ILE B 805 40.12 -14.00 15.39
N LYS B 806 41.34 -14.40 15.76
CA LYS B 806 42.17 -13.53 16.61
C LYS B 806 42.49 -12.21 15.92
N ASP B 807 42.85 -12.27 14.63
CA ASP B 807 43.15 -11.04 13.91
C ASP B 807 41.92 -10.15 13.78
N SER B 808 40.76 -10.75 13.50
CA SER B 808 39.54 -9.96 13.31
C SER B 808 39.05 -9.35 14.61
N ALA B 809 39.32 -10.01 15.74
CA ALA B 809 38.84 -9.50 17.01
C ALA B 809 39.82 -8.54 17.68
N GLU B 810 41.12 -8.71 17.46
CA GLU B 810 42.09 -7.83 18.10
C GLU B 810 41.96 -6.41 17.55
N ASN B 811 41.81 -6.27 16.23
CA ASN B 811 41.51 -4.99 15.59
C ASN B 811 40.36 -5.18 14.61
N PRO B 812 39.14 -4.89 15.04
CA PRO B 812 37.98 -5.06 14.15
C PRO B 812 38.10 -4.32 12.83
N LEU B 813 38.64 -3.11 12.83
CA LEU B 813 38.70 -2.27 11.63
C LEU B 813 40.15 -2.12 11.18
N THR B 814 40.32 -1.93 9.87
CA THR B 814 41.63 -1.79 9.24
C THR B 814 42.51 -3.00 9.58
N GLY B 815 42.03 -4.18 9.23
CA GLY B 815 42.76 -5.40 9.48
C GLY B 815 42.49 -6.47 8.44
N ASP B 816 42.22 -7.70 8.89
CA ASP B 816 41.91 -8.79 7.97
C ASP B 816 40.54 -8.65 7.33
N ARG B 817 39.62 -7.93 7.99
CA ARG B 817 38.25 -7.75 7.47
C ARG B 817 37.58 -9.08 7.18
N TRP B 818 37.76 -10.04 8.09
CA TRP B 818 37.15 -11.34 7.92
C TRP B 818 35.72 -11.40 8.42
N TRP B 819 35.37 -10.57 9.41
CA TRP B 819 34.01 -10.58 9.94
C TRP B 819 33.01 -10.03 8.92
N THR B 820 33.43 -9.07 8.10
CA THR B 820 32.52 -8.49 7.11
C THR B 820 32.22 -9.43 5.95
N THR B 821 32.93 -10.56 5.85
CA THR B 821 32.66 -11.56 4.83
C THR B 821 31.62 -12.58 5.26
N ALA B 822 31.06 -12.42 6.46
CA ALA B 822 30.07 -13.35 6.97
C ALA B 822 28.72 -13.15 6.27
N ASP B 823 27.90 -14.21 6.30
CA ASP B 823 26.53 -14.08 5.85
C ASP B 823 25.75 -13.12 6.74
N LYS B 824 25.97 -13.19 8.05
CA LYS B 824 25.43 -12.24 9.02
C LYS B 824 26.63 -11.60 9.70
N PRO B 825 27.10 -10.44 9.21
CA PRO B 825 28.42 -9.95 9.63
C PRO B 825 28.54 -9.61 11.11
N TRP B 826 27.65 -8.77 11.64
CA TRP B 826 27.93 -8.16 12.95
C TRP B 826 27.70 -9.16 14.09
N GLN B 827 26.74 -10.06 13.93
CA GLN B 827 26.61 -11.15 14.90
C GLN B 827 27.87 -12.00 14.91
N ALA B 828 28.43 -12.27 13.73
CA ALA B 828 29.70 -12.99 13.65
C ALA B 828 30.82 -12.21 14.32
N LEU B 829 30.80 -10.89 14.20
CA LEU B 829 31.80 -10.06 14.87
C LEU B 829 31.70 -10.20 16.38
N ALA B 830 30.48 -10.14 16.91
CA ALA B 830 30.30 -10.27 18.36
C ALA B 830 30.74 -11.64 18.85
N THR B 831 30.38 -12.69 18.10
CA THR B 831 30.82 -14.02 18.47
C THR B 831 32.33 -14.19 18.36
N CYS B 832 32.95 -13.52 17.38
CA CYS B 832 34.42 -13.53 17.29
C CYS B 832 35.04 -12.85 18.49
N PHE B 833 34.44 -11.76 18.96
CA PHE B 833 34.87 -11.14 20.21
C PHE B 833 34.84 -12.14 21.35
N GLU B 834 33.70 -12.82 21.51
CA GLU B 834 33.55 -13.75 22.62
C GLU B 834 34.56 -14.90 22.51
N LEU B 835 34.77 -15.42 21.31
CA LEU B 835 35.76 -16.48 21.14
C LEU B 835 37.17 -15.99 21.39
N ASN B 836 37.50 -14.77 20.99
CA ASN B 836 38.82 -14.24 21.29
C ASN B 836 39.05 -14.16 22.79
N GLU B 837 38.05 -13.65 23.53
CA GLU B 837 38.19 -13.59 24.98
C GLU B 837 38.30 -14.98 25.60
N VAL B 838 37.52 -15.96 25.13
CA VAL B 838 37.58 -17.28 25.76
C VAL B 838 38.89 -17.98 25.41
N MET B 839 39.44 -17.73 24.21
CA MET B 839 40.72 -18.31 23.86
C MET B 839 41.86 -17.68 24.65
N LYS B 840 41.81 -16.37 24.88
CA LYS B 840 42.82 -15.73 25.70
C LYS B 840 42.79 -16.24 27.14
N MET B 841 41.60 -16.53 27.65
CA MET B 841 41.48 -17.03 29.02
C MET B 841 42.13 -18.41 29.14
N ASP B 842 42.85 -18.61 30.25
CA ASP B 842 43.50 -19.90 30.48
C ASP B 842 42.49 -21.01 30.70
N ASN B 843 41.41 -20.72 31.44
CA ASN B 843 40.40 -21.73 31.76
C ASN B 843 39.10 -21.39 31.03
N PRO B 844 38.80 -22.05 29.91
CA PRO B 844 37.58 -21.71 29.16
C PRO B 844 36.29 -22.04 29.89
N GLU B 845 36.28 -23.04 30.77
CA GLU B 845 35.03 -23.48 31.38
C GLU B 845 34.44 -22.42 32.30
N GLU B 846 35.28 -21.70 33.03
CA GLU B 846 34.79 -20.73 33.99
C GLU B 846 34.44 -19.38 33.38
N PHE B 847 34.69 -19.20 32.09
CA PHE B 847 34.38 -17.93 31.44
C PHE B 847 32.87 -17.70 31.40
N ILE B 848 32.47 -16.44 31.56
CA ILE B 848 31.07 -16.04 31.54
C ILE B 848 30.84 -15.21 30.28
N SER B 849 29.88 -15.64 29.46
CA SER B 849 29.59 -15.00 28.19
C SER B 849 28.12 -14.60 28.15
N HIS B 850 27.85 -13.43 27.56
CA HIS B 850 26.50 -12.91 27.43
C HIS B 850 25.92 -13.08 26.02
N GLN B 851 26.65 -13.72 25.12
CA GLN B 851 26.23 -13.78 23.73
C GLN B 851 25.11 -14.81 23.55
N PRO B 852 23.95 -14.41 23.03
CA PRO B 852 22.92 -15.41 22.71
C PRO B 852 23.36 -16.32 21.58
N VAL B 853 22.84 -17.54 21.60
CA VAL B 853 23.12 -18.54 20.57
C VAL B 853 21.83 -18.83 19.82
N HIS B 854 21.86 -18.70 18.51
CA HIS B 854 20.68 -18.87 17.67
C HIS B 854 20.52 -20.34 17.31
N GLN B 855 19.44 -20.95 17.78
CA GLN B 855 19.02 -22.27 17.33
C GLN B 855 17.89 -22.06 16.33
N ASP B 856 18.21 -22.20 15.05
CA ASP B 856 17.29 -21.83 13.97
C ASP B 856 16.59 -23.08 13.45
N GLY B 857 15.27 -23.09 13.53
CA GLY B 857 14.51 -24.20 12.99
C GLY B 857 14.62 -24.28 11.48
N THR B 858 14.61 -25.52 10.98
CA THR B 858 14.80 -25.80 9.56
C THR B 858 13.46 -26.23 8.97
N CYS B 859 12.93 -25.41 8.06
CA CYS B 859 11.65 -25.68 7.39
C CYS B 859 10.53 -25.88 8.41
N ASN B 860 10.25 -24.82 9.16
CA ASN B 860 9.23 -24.91 10.21
C ASN B 860 7.86 -25.23 9.63
N GLY B 861 7.50 -24.59 8.51
CA GLY B 861 6.21 -24.87 7.90
C GLY B 861 6.09 -26.32 7.45
N LEU B 862 7.13 -26.83 6.80
CA LEU B 862 7.11 -28.23 6.36
C LEU B 862 7.12 -29.18 7.55
N GLN B 863 7.85 -28.82 8.61
CA GLN B 863 7.83 -29.63 9.83
C GLN B 863 6.42 -29.72 10.39
N HIS B 864 5.72 -28.59 10.46
CA HIS B 864 4.36 -28.59 10.99
C HIS B 864 3.41 -29.36 10.09
N TYR B 865 3.59 -29.23 8.77
CA TYR B 865 2.75 -29.99 7.84
C TYR B 865 2.95 -31.48 8.00
N ALA B 866 4.21 -31.92 8.16
CA ALA B 866 4.48 -33.33 8.38
C ALA B 866 3.91 -33.81 9.71
N ALA B 867 4.00 -32.98 10.76
CA ALA B 867 3.43 -33.35 12.04
C ALA B 867 1.91 -33.42 11.99
N LEU B 868 1.28 -32.61 11.14
CA LEU B 868 -0.17 -32.67 10.98
C LEU B 868 -0.59 -33.91 10.20
N GLY B 869 -0.07 -34.06 8.98
CA GLY B 869 -0.48 -35.17 8.14
C GLY B 869 0.08 -36.51 8.56
N GLY B 870 1.10 -36.52 9.41
CA GLY B 870 1.73 -37.76 9.81
C GLY B 870 2.37 -38.51 8.66
N ASP B 871 3.02 -37.79 7.75
CA ASP B 871 3.70 -38.42 6.63
C ASP B 871 5.01 -39.04 7.10
N VAL B 872 5.59 -39.87 6.23
CA VAL B 872 6.86 -40.55 6.52
C VAL B 872 7.99 -39.95 5.68
N GLU B 873 7.87 -39.99 4.35
CA GLU B 873 8.90 -39.41 3.50
C GLU B 873 9.00 -37.90 3.73
N GLY B 874 7.86 -37.23 3.84
CA GLY B 874 7.87 -35.81 4.12
C GLY B 874 8.53 -35.47 5.45
N ALA B 875 8.33 -36.33 6.45
CA ALA B 875 8.99 -36.12 7.73
C ALA B 875 10.49 -36.37 7.62
N THR B 876 10.90 -37.40 6.87
CA THR B 876 12.33 -37.68 6.73
C THR B 876 13.05 -36.55 6.02
N GLN B 877 12.45 -35.99 4.98
CA GLN B 877 13.11 -34.91 4.26
C GLN B 877 13.13 -33.60 5.03
N VAL B 878 12.41 -33.50 6.15
CA VAL B 878 12.34 -32.27 6.92
C VAL B 878 12.98 -32.44 8.30
N ASN B 879 13.85 -33.44 8.45
CA ASN B 879 14.65 -33.68 9.65
C ASN B 879 13.80 -34.05 10.86
N LEU B 880 12.60 -34.62 10.67
CA LEU B 880 11.83 -35.10 11.80
C LEU B 880 12.40 -36.39 12.37
N VAL B 881 12.79 -37.32 11.50
CA VAL B 881 13.31 -38.62 11.93
C VAL B 881 14.74 -38.46 12.45
N PRO B 882 15.18 -39.28 13.39
CA PRO B 882 16.54 -39.14 13.93
C PRO B 882 17.58 -39.63 12.93
N SER B 883 18.58 -38.79 12.68
CA SER B 883 19.69 -39.16 11.81
C SER B 883 20.90 -38.34 12.21
N ASP B 884 22.09 -38.84 11.83
CA ASP B 884 23.34 -38.19 12.17
C ASP B 884 23.85 -37.26 11.07
N LYS B 885 23.07 -37.07 10.01
CA LYS B 885 23.46 -36.21 8.90
C LYS B 885 22.29 -35.33 8.49
N PRO B 886 22.54 -34.04 8.25
CA PRO B 886 21.44 -33.13 7.86
C PRO B 886 20.80 -33.55 6.54
N GLN B 887 19.48 -33.39 6.47
CA GLN B 887 18.73 -33.55 5.24
C GLN B 887 18.11 -32.20 4.91
N ASP B 888 18.40 -31.69 3.71
CA ASP B 888 17.96 -30.35 3.31
C ASP B 888 17.12 -30.48 2.05
N VAL B 889 15.83 -30.12 2.15
CA VAL B 889 14.93 -30.23 1.02
C VAL B 889 15.30 -29.22 -0.08
N TYR B 890 15.78 -28.03 0.31
CA TYR B 890 16.11 -27.02 -0.68
C TYR B 890 17.27 -27.45 -1.56
N ALA B 891 18.28 -28.09 -0.97
CA ALA B 891 19.37 -28.63 -1.77
C ALA B 891 18.87 -29.72 -2.72
N HIS B 892 17.96 -30.57 -2.23
CA HIS B 892 17.42 -31.63 -3.06
C HIS B 892 16.68 -31.07 -4.27
N VAL B 893 15.83 -30.07 -4.05
CA VAL B 893 15.07 -29.52 -5.16
C VAL B 893 15.99 -28.73 -6.10
N ALA B 894 17.02 -28.08 -5.57
CA ALA B 894 17.98 -27.40 -6.43
C ALA B 894 18.70 -28.39 -7.34
N ARG B 895 19.14 -29.52 -6.78
CA ARG B 895 19.78 -30.55 -7.60
C ARG B 895 18.81 -31.14 -8.62
N LEU B 896 17.55 -31.32 -8.22
CA LEU B 896 16.54 -31.81 -9.16
C LEU B 896 16.36 -30.85 -10.33
N VAL B 897 16.29 -29.55 -10.04
CA VAL B 897 16.14 -28.55 -11.10
C VAL B 897 17.37 -28.55 -11.99
N GLN B 898 18.57 -28.64 -11.40
CA GLN B 898 19.78 -28.65 -12.19
C GLN B 898 19.82 -29.85 -13.13
N LYS B 899 19.46 -31.03 -12.62
CA LYS B 899 19.45 -32.21 -13.47
C LYS B 899 18.40 -32.10 -14.57
N ARG B 900 17.21 -31.57 -14.24
CA ARG B 900 16.18 -31.40 -15.25
C ARG B 900 16.65 -30.48 -16.37
N LEU B 901 17.27 -29.34 -16.00
CA LEU B 901 17.74 -28.41 -17.01
C LEU B 901 18.89 -29.01 -17.83
N GLU B 902 19.80 -29.73 -17.17
CA GLU B 902 20.91 -30.35 -17.89
C GLU B 902 20.40 -31.38 -18.90
N ILE B 903 19.38 -32.15 -18.54
CA ILE B 903 18.76 -33.05 -19.51
C ILE B 903 18.09 -32.24 -20.62
N ALA B 904 17.49 -31.11 -20.28
CA ALA B 904 16.80 -30.27 -21.25
C ALA B 904 17.72 -29.30 -21.97
N ALA B 905 18.99 -29.19 -21.58
CA ALA B 905 19.89 -28.21 -22.17
C ALA B 905 20.56 -28.69 -23.44
N GLU B 906 20.29 -29.91 -23.89
CA GLU B 906 21.04 -30.47 -25.01
C GLU B 906 20.76 -29.72 -26.30
N LYS B 907 19.49 -29.52 -26.64
CA LYS B 907 19.13 -29.07 -28.00
C LYS B 907 19.25 -27.56 -28.19
N GLY B 908 18.44 -26.78 -27.49
CA GLY B 908 18.39 -25.36 -27.77
C GLY B 908 18.05 -24.42 -26.62
N ASP B 909 18.02 -24.92 -25.40
CA ASP B 909 17.57 -24.11 -24.26
C ASP B 909 18.65 -23.10 -23.91
N GLU B 910 18.57 -21.91 -24.53
CA GLU B 910 19.50 -20.84 -24.20
C GLU B 910 19.30 -20.36 -22.76
N ASN B 911 18.06 -20.43 -22.27
CA ASN B 911 17.82 -20.14 -20.87
C ASN B 911 18.60 -21.10 -19.97
N ALA B 912 18.69 -22.36 -20.37
CA ALA B 912 19.53 -23.30 -19.63
C ALA B 912 21.00 -22.93 -19.72
N LYS B 913 21.45 -22.48 -20.89
CA LYS B 913 22.83 -22.05 -21.03
C LYS B 913 23.15 -20.92 -20.08
N ILE B 914 22.24 -19.94 -19.95
CA ILE B 914 22.47 -18.83 -19.05
C ILE B 914 22.39 -19.27 -17.60
N LEU B 915 21.39 -20.11 -17.27
CA LEU B 915 21.14 -20.54 -15.89
C LEU B 915 21.08 -22.07 -15.85
N LYS B 916 22.24 -22.71 -15.75
CA LYS B 916 22.30 -24.14 -15.42
C LYS B 916 23.09 -24.39 -14.16
N ASP B 917 24.34 -23.89 -14.10
CA ASP B 917 25.13 -23.96 -12.88
C ASP B 917 24.83 -22.81 -11.93
N LYS B 918 24.27 -21.71 -12.43
CA LYS B 918 23.93 -20.56 -11.59
C LYS B 918 22.55 -20.73 -10.96
N ILE B 919 22.33 -21.86 -10.30
CA ILE B 919 21.13 -22.11 -9.52
C ILE B 919 21.58 -22.46 -8.11
N THR B 920 21.18 -21.65 -7.14
CA THR B 920 21.66 -21.75 -5.78
C THR B 920 20.49 -22.11 -4.87
N ARG B 921 20.81 -22.47 -3.63
CA ARG B 921 19.81 -22.92 -2.66
C ARG B 921 18.76 -21.85 -2.34
N LYS B 922 19.10 -20.57 -2.54
CA LYS B 922 18.22 -19.50 -2.03
C LYS B 922 16.91 -19.43 -2.80
N VAL B 923 16.96 -19.43 -4.13
CA VAL B 923 15.76 -19.22 -4.93
C VAL B 923 14.80 -20.40 -4.75
N VAL B 924 15.30 -21.62 -4.87
CA VAL B 924 14.46 -22.78 -4.68
C VAL B 924 14.01 -22.88 -3.23
N LYS B 925 14.83 -22.40 -2.30
CA LYS B 925 14.42 -22.37 -0.91
C LYS B 925 13.18 -21.52 -0.72
N GLN B 926 13.21 -20.29 -1.22
CA GLN B 926 12.07 -19.40 -1.09
C GLN B 926 10.83 -19.99 -1.77
N THR B 927 10.98 -20.46 -3.01
CA THR B 927 9.82 -20.94 -3.74
C THR B 927 9.22 -22.18 -3.09
N VAL B 928 10.07 -23.15 -2.74
CA VAL B 928 9.59 -24.40 -2.12
C VAL B 928 8.95 -24.12 -0.78
N MET B 929 9.59 -23.27 0.03
CA MET B 929 9.08 -22.96 1.36
C MET B 929 7.75 -22.23 1.30
N THR B 930 7.52 -21.41 0.27
CA THR B 930 6.24 -20.73 0.14
C THR B 930 5.20 -21.52 -0.64
N ASN B 931 5.59 -22.59 -1.33
CA ASN B 931 4.66 -23.29 -2.22
C ASN B 931 3.46 -23.85 -1.47
N VAL B 932 3.67 -24.46 -0.30
CA VAL B 932 2.59 -25.11 0.42
C VAL B 932 1.55 -24.15 0.96
N TYR B 933 1.78 -22.84 0.84
CA TYR B 933 0.83 -21.84 1.30
C TYR B 933 -0.05 -21.30 0.18
N GLY B 934 0.11 -21.79 -1.05
CA GLY B 934 -0.72 -21.35 -2.15
C GLY B 934 -0.13 -20.19 -2.93
N VAL B 935 1.09 -20.33 -3.40
CA VAL B 935 1.75 -19.32 -4.22
C VAL B 935 1.44 -19.59 -5.68
N THR B 936 0.90 -18.58 -6.37
CA THR B 936 0.58 -18.69 -7.78
C THR B 936 1.85 -18.49 -8.61
N TYR B 937 1.69 -18.37 -9.92
CA TYR B 937 2.85 -18.19 -10.80
C TYR B 937 3.49 -16.83 -10.59
N VAL B 938 2.68 -15.78 -10.40
CA VAL B 938 3.21 -14.43 -10.29
C VAL B 938 4.06 -14.28 -9.03
N GLY B 939 3.60 -14.83 -7.91
CA GLY B 939 4.37 -14.73 -6.68
C GLY B 939 5.72 -15.40 -6.77
N ALA B 940 5.76 -16.62 -7.33
CA ALA B 940 7.03 -17.31 -7.51
C ALA B 940 7.93 -16.55 -8.48
N THR B 941 7.35 -16.00 -9.55
CA THR B 941 8.13 -15.22 -10.50
C THR B 941 8.78 -14.03 -9.82
N PHE B 942 8.02 -13.30 -9.01
CA PHE B 942 8.56 -12.14 -8.32
C PHE B 942 9.63 -12.54 -7.30
N GLN B 943 9.40 -13.64 -6.57
CA GLN B 943 10.37 -14.07 -5.57
C GLN B 943 11.69 -14.46 -6.22
N ILE B 944 11.64 -15.25 -7.30
CA ILE B 944 12.87 -15.65 -7.96
C ILE B 944 13.53 -14.48 -8.66
N ALA B 945 12.75 -13.55 -9.19
CA ALA B 945 13.33 -12.35 -9.78
C ALA B 945 14.06 -11.52 -8.74
N LYS B 946 13.48 -11.40 -7.54
CA LYS B 946 14.15 -10.68 -6.46
C LYS B 946 15.44 -11.39 -6.05
N GLN B 947 15.39 -12.71 -5.94
CA GLN B 947 16.56 -13.47 -5.49
C GLN B 947 17.54 -13.78 -6.63
N LEU B 948 17.28 -13.28 -7.83
CA LEU B 948 18.23 -13.40 -8.94
C LEU B 948 18.88 -12.09 -9.31
N SER B 949 18.43 -10.96 -8.76
CA SER B 949 19.04 -9.67 -9.06
C SER B 949 20.51 -9.59 -8.68
N PRO B 950 20.93 -10.01 -7.48
CA PRO B 950 22.37 -9.92 -7.15
C PRO B 950 23.17 -11.11 -7.64
N ILE B 951 22.58 -11.92 -8.53
CA ILE B 951 23.23 -13.14 -8.98
C ILE B 951 23.78 -12.91 -10.39
N PHE B 952 24.08 -11.65 -10.71
CA PHE B 952 24.77 -11.23 -11.93
C PHE B 952 23.96 -11.46 -13.20
N ASP B 953 22.78 -12.06 -13.13
CA ASP B 953 22.01 -12.32 -14.34
C ASP B 953 21.60 -11.01 -15.01
N ASP B 954 21.11 -10.05 -14.23
CA ASP B 954 20.78 -8.72 -14.72
C ASP B 954 20.44 -7.86 -13.51
N ARG B 955 20.24 -6.56 -13.76
CA ARG B 955 19.84 -5.62 -12.72
C ARG B 955 18.39 -5.16 -12.85
N LYS B 956 17.84 -5.13 -14.06
CA LYS B 956 16.48 -4.66 -14.29
C LYS B 956 15.58 -5.72 -14.90
N GLU B 957 16.03 -6.42 -15.94
CA GLU B 957 15.19 -7.32 -16.71
C GLU B 957 15.70 -8.76 -16.54
N SER B 958 15.08 -9.49 -15.60
CA SER B 958 15.32 -10.91 -15.44
C SER B 958 14.03 -11.72 -15.54
N LEU B 959 12.98 -11.11 -16.07
CA LEU B 959 11.65 -11.72 -16.01
C LEU B 959 11.51 -12.96 -16.88
N ASP B 960 12.21 -13.03 -18.01
CA ASP B 960 12.15 -14.22 -18.84
C ASP B 960 12.85 -15.39 -18.17
N PHE B 961 14.06 -15.15 -17.65
CA PHE B 961 14.76 -16.18 -16.89
C PHE B 961 13.97 -16.58 -15.66
N SER B 962 13.39 -15.59 -14.97
CA SER B 962 12.60 -15.88 -13.78
C SER B 962 11.38 -16.74 -14.12
N LYS B 963 10.69 -16.42 -15.22
CA LYS B 963 9.54 -17.21 -15.62
C LYS B 963 9.92 -18.63 -15.99
N TYR B 964 11.02 -18.80 -16.73
CA TYR B 964 11.48 -20.13 -17.08
C TYR B 964 11.84 -20.94 -15.83
N LEU B 965 12.54 -20.30 -14.89
CA LEU B 965 12.96 -20.99 -13.68
C LEU B 965 11.76 -21.34 -12.81
N THR B 966 10.75 -20.46 -12.74
CA THR B 966 9.54 -20.80 -11.99
C THR B 966 8.81 -21.97 -12.63
N LYS B 967 8.73 -21.99 -13.96
CA LYS B 967 8.11 -23.13 -14.63
C LYS B 967 8.82 -24.43 -14.27
N HIS B 968 10.14 -24.43 -14.36
CA HIS B 968 10.88 -25.66 -14.06
C HIS B 968 10.78 -26.03 -12.58
N VAL B 969 10.77 -25.04 -11.69
CA VAL B 969 10.68 -25.32 -10.26
C VAL B 969 9.32 -25.92 -9.92
N PHE B 970 8.24 -25.38 -10.50
CA PHE B 970 6.93 -25.98 -10.28
C PHE B 970 6.87 -27.40 -10.85
N SER B 971 7.45 -27.61 -12.04
CA SER B 971 7.47 -28.94 -12.61
C SER B 971 8.20 -29.92 -11.71
N ALA B 972 9.30 -29.47 -11.08
CA ALA B 972 10.07 -30.35 -10.21
C ALA B 972 9.35 -30.61 -8.89
N ILE B 973 8.67 -29.59 -8.35
CA ILE B 973 8.07 -29.71 -7.02
C ILE B 973 6.68 -30.34 -7.06
N ARG B 974 6.07 -30.46 -8.25
CA ARG B 974 4.69 -30.94 -8.33
C ARG B 974 4.50 -32.30 -7.67
N GLU B 975 5.54 -33.13 -7.63
CA GLU B 975 5.45 -34.46 -7.04
C GLU B 975 6.19 -34.59 -5.71
N LEU B 976 6.95 -33.57 -5.30
CA LEU B 976 7.82 -33.74 -4.15
C LEU B 976 7.04 -33.74 -2.84
N PHE B 977 6.07 -32.85 -2.69
CA PHE B 977 5.21 -32.78 -1.51
C PHE B 977 3.82 -33.25 -1.90
N HIS B 978 3.32 -34.26 -1.19
CA HIS B 978 1.98 -34.79 -1.42
C HIS B 978 1.08 -34.73 -0.20
N SER B 979 1.63 -34.98 1.00
CA SER B 979 0.81 -34.94 2.20
C SER B 979 0.41 -33.51 2.54
N ALA B 980 1.33 -32.56 2.38
CA ALA B 980 1.02 -31.16 2.69
C ALA B 980 -0.05 -30.61 1.76
N HIS B 981 -0.01 -30.99 0.48
CA HIS B 981 -0.95 -30.46 -0.49
C HIS B 981 -2.39 -30.86 -0.16
N LEU B 982 -2.59 -32.08 0.37
CA LEU B 982 -3.94 -32.49 0.73
C LEU B 982 -4.50 -31.64 1.85
N ILE B 983 -3.70 -31.36 2.88
CA ILE B 983 -4.15 -30.51 3.97
C ILE B 983 -4.40 -29.09 3.46
N GLN B 984 -3.52 -28.59 2.58
CA GLN B 984 -3.73 -27.28 1.98
C GLN B 984 -5.06 -27.21 1.24
N ASP B 985 -5.35 -28.21 0.41
CA ASP B 985 -6.58 -28.21 -0.36
C ASP B 985 -7.80 -28.31 0.54
N TRP B 986 -7.73 -29.15 1.58
CA TRP B 986 -8.87 -29.27 2.49
C TRP B 986 -9.13 -27.95 3.20
N LEU B 987 -8.07 -27.29 3.68
CA LEU B 987 -8.24 -26.01 4.36
C LEU B 987 -8.80 -24.96 3.42
N GLY B 988 -8.29 -24.90 2.19
CA GLY B 988 -8.79 -23.92 1.24
C GLY B 988 -10.24 -24.14 0.89
N GLU B 989 -10.64 -25.39 0.66
CA GLU B 989 -12.03 -25.65 0.30
C GLU B 989 -12.96 -25.41 1.49
N SER B 990 -12.50 -25.72 2.70
CA SER B 990 -13.28 -25.40 3.89
C SER B 990 -13.47 -23.90 4.03
N ALA B 991 -12.42 -23.12 3.77
CA ALA B 991 -12.55 -21.67 3.80
C ALA B 991 -13.56 -21.19 2.76
N LYS B 992 -13.50 -21.78 1.56
CA LYS B 992 -14.45 -21.41 0.51
C LYS B 992 -15.89 -21.70 0.94
N ARG B 993 -16.11 -22.86 1.57
CA ARG B 993 -17.46 -23.22 2.01
C ARG B 993 -17.95 -22.32 3.13
N ILE B 994 -17.08 -22.03 4.11
CA ILE B 994 -17.51 -21.19 5.23
C ILE B 994 -17.78 -19.77 4.77
N SER B 995 -16.96 -19.24 3.87
CA SER B 995 -17.11 -17.86 3.43
C SER B 995 -18.33 -17.64 2.54
N LYS B 996 -18.98 -18.71 2.08
CA LYS B 996 -20.16 -18.61 1.23
C LYS B 996 -21.40 -19.17 1.92
N SER B 997 -21.52 -18.92 3.22
CA SER B 997 -22.62 -19.43 4.02
C SER B 997 -23.26 -18.30 4.81
N ILE B 998 -24.58 -18.38 4.98
CA ILE B 998 -25.34 -17.42 5.77
C ILE B 998 -25.95 -18.15 6.96
N ARG B 999 -25.92 -17.51 8.13
CA ARG B 999 -26.49 -18.11 9.31
C ARG B 999 -27.99 -17.85 9.38
N LEU B 1000 -28.60 -18.32 10.46
CA LEU B 1000 -30.06 -18.25 10.58
C LEU B 1000 -30.52 -17.11 11.49
N ASP B 1001 -29.84 -16.92 12.62
CA ASP B 1001 -30.38 -16.06 13.67
C ASP B 1001 -30.36 -14.58 13.27
N VAL B 1002 -29.24 -14.11 12.73
CA VAL B 1002 -29.06 -12.67 12.52
C VAL B 1002 -29.88 -12.19 11.32
N ASP B 1003 -30.55 -13.10 10.64
CA ASP B 1003 -31.40 -12.71 9.52
C ASP B 1003 -32.78 -12.30 10.01
N GLU B 1004 -32.83 -11.39 10.99
CA GLU B 1004 -34.10 -10.81 11.39
C GLU B 1004 -34.59 -9.78 10.37
N LYS B 1005 -33.66 -9.06 9.74
CA LYS B 1005 -33.97 -8.13 8.67
C LYS B 1005 -33.58 -8.76 7.34
N SER B 1006 -34.50 -8.70 6.38
CA SER B 1006 -34.27 -9.34 5.09
C SER B 1006 -33.09 -8.68 4.37
N PHE B 1007 -32.35 -9.50 3.62
CA PHE B 1007 -31.22 -9.02 2.84
C PHE B 1007 -31.64 -8.11 1.69
N LYS B 1008 -32.94 -8.04 1.37
CA LYS B 1008 -33.56 -7.08 0.47
C LYS B 1008 -33.19 -7.27 -0.99
N ASN B 1009 -32.30 -8.22 -1.32
CA ASN B 1009 -32.00 -8.50 -2.71
C ASN B 1009 -32.95 -9.52 -3.33
N GLY B 1010 -33.81 -10.14 -2.53
CA GLY B 1010 -34.76 -11.11 -3.03
C GLY B 1010 -34.17 -12.49 -3.25
N ASN B 1011 -32.99 -12.55 -3.86
CA ASN B 1011 -32.35 -13.81 -4.21
C ASN B 1011 -31.00 -14.01 -3.56
N LYS B 1012 -30.12 -13.01 -3.62
CA LYS B 1012 -28.73 -13.16 -3.19
C LYS B 1012 -28.47 -12.42 -1.89
N PRO B 1013 -28.32 -13.12 -0.77
CA PRO B 1013 -28.01 -12.44 0.50
C PRO B 1013 -26.57 -11.98 0.54
N ASP B 1014 -26.26 -11.17 1.55
CA ASP B 1014 -24.90 -10.72 1.80
C ASP B 1014 -24.27 -11.57 2.89
N PHE B 1015 -23.05 -12.02 2.65
CA PHE B 1015 -22.43 -13.01 3.52
C PHE B 1015 -21.66 -12.31 4.64
N MET B 1016 -21.97 -12.68 5.88
CA MET B 1016 -21.37 -12.08 7.07
C MET B 1016 -20.80 -13.16 7.98
N SER B 1017 -20.09 -14.12 7.38
CA SER B 1017 -19.45 -15.19 8.12
C SER B 1017 -17.98 -15.26 7.73
N SER B 1018 -17.10 -15.32 8.73
CA SER B 1018 -15.66 -15.39 8.51
C SER B 1018 -15.10 -16.60 9.24
N VAL B 1019 -13.96 -17.09 8.75
CA VAL B 1019 -13.36 -18.29 9.31
C VAL B 1019 -12.82 -17.99 10.70
N ILE B 1020 -13.26 -18.75 11.69
CA ILE B 1020 -12.82 -18.61 13.07
C ILE B 1020 -12.45 -20.00 13.60
N TRP B 1021 -11.31 -20.10 14.25
CA TRP B 1021 -10.87 -21.36 14.84
C TRP B 1021 -10.06 -21.06 16.08
N THR B 1022 -9.92 -22.08 16.94
CA THR B 1022 -9.24 -21.94 18.22
C THR B 1022 -8.01 -22.84 18.26
N THR B 1023 -6.87 -22.26 18.62
CA THR B 1023 -5.63 -23.00 18.74
C THR B 1023 -5.56 -23.71 20.09
N PRO B 1024 -4.64 -24.68 20.23
CA PRO B 1024 -4.50 -25.36 21.53
C PRO B 1024 -4.20 -24.42 22.68
N LEU B 1025 -3.51 -23.31 22.43
CA LEU B 1025 -3.25 -22.33 23.49
C LEU B 1025 -4.51 -21.59 23.91
N GLY B 1026 -5.58 -21.66 23.12
CA GLY B 1026 -6.85 -21.05 23.47
C GLY B 1026 -7.12 -19.72 22.81
N LEU B 1027 -6.14 -19.13 22.14
CA LEU B 1027 -6.33 -17.84 21.50
C LEU B 1027 -7.20 -18.00 20.27
N PRO B 1028 -8.30 -17.24 20.15
CA PRO B 1028 -9.14 -17.34 18.95
C PRO B 1028 -8.67 -16.43 17.83
N ILE B 1029 -8.59 -16.96 16.61
CA ILE B 1029 -8.14 -16.21 15.45
C ILE B 1029 -9.35 -15.97 14.55
N VAL B 1030 -9.63 -14.70 14.27
CA VAL B 1030 -10.72 -14.30 13.39
C VAL B 1030 -10.11 -13.57 12.21
N GLN B 1031 -10.12 -14.21 11.05
CA GLN B 1031 -9.63 -13.58 9.83
C GLN B 1031 -10.54 -12.42 9.45
N PRO B 1032 -10.10 -11.16 9.60
CA PRO B 1032 -11.02 -10.05 9.33
C PRO B 1032 -11.46 -9.99 7.87
N TYR B 1033 -10.50 -9.80 6.97
CA TYR B 1033 -10.64 -9.93 5.52
C TYR B 1033 -12.01 -9.51 5.01
N ARG B 1034 -12.40 -8.26 5.26
CA ARG B 1034 -13.71 -7.75 4.89
C ARG B 1034 -13.58 -6.70 3.78
N GLU B 1035 -14.56 -6.68 2.89
CA GLU B 1035 -14.58 -5.71 1.80
C GLU B 1035 -14.95 -4.34 2.34
N GLU B 1036 -13.95 -3.46 2.45
CA GLU B 1036 -14.17 -2.14 3.01
C GLU B 1036 -14.73 -1.21 1.95
N SER B 1037 -15.80 -0.51 2.28
CA SER B 1037 -16.45 0.45 1.40
C SER B 1037 -16.17 1.85 1.90
N LYS B 1038 -15.64 2.71 1.02
CA LYS B 1038 -15.30 4.08 1.37
C LYS B 1038 -16.34 5.03 0.80
N LYS B 1039 -16.62 6.08 1.57
CA LYS B 1039 -17.57 7.11 1.16
C LYS B 1039 -16.97 8.48 1.46
N GLN B 1040 -17.65 9.52 1.01
CA GLN B 1040 -17.26 10.89 1.27
C GLN B 1040 -18.05 11.44 2.43
N VAL B 1041 -17.35 12.01 3.41
CA VAL B 1041 -17.99 12.68 4.54
C VAL B 1041 -17.55 14.13 4.53
N GLU B 1042 -18.52 15.04 4.66
CA GLU B 1042 -18.24 16.47 4.52
C GLU B 1042 -17.46 16.98 5.72
N THR B 1043 -16.41 17.76 5.44
CA THR B 1043 -15.62 18.44 6.45
C THR B 1043 -15.49 19.90 6.06
N ASN B 1044 -14.96 20.70 6.99
CA ASN B 1044 -14.80 22.14 6.71
C ASN B 1044 -13.83 22.37 5.56
N LEU B 1045 -12.70 21.65 5.56
CA LEU B 1045 -11.70 21.84 4.50
C LEU B 1045 -12.19 21.29 3.17
N GLN B 1046 -12.70 20.06 3.16
CA GLN B 1046 -12.99 19.34 1.93
C GLN B 1046 -13.86 18.14 2.29
N THR B 1047 -14.05 17.24 1.33
CA THR B 1047 -14.73 15.98 1.54
C THR B 1047 -13.70 14.86 1.44
N VAL B 1048 -13.45 14.18 2.55
CA VAL B 1048 -12.43 13.15 2.61
C VAL B 1048 -13.04 11.81 2.22
N PHE B 1049 -12.25 10.99 1.53
CA PHE B 1049 -12.68 9.68 1.07
C PHE B 1049 -12.11 8.64 2.03
N ILE B 1050 -12.90 8.25 3.02
CA ILE B 1050 -12.47 7.36 4.09
C ILE B 1050 -13.49 6.23 4.25
N SER B 1051 -13.11 5.23 5.03
CA SER B 1051 -13.96 4.11 5.37
C SER B 1051 -14.31 4.16 6.86
N ASP B 1052 -15.36 3.42 7.21
CA ASP B 1052 -15.81 3.37 8.60
C ASP B 1052 -15.37 2.05 9.22
N PRO B 1053 -14.47 2.07 10.22
CA PRO B 1053 -14.06 0.80 10.84
C PRO B 1053 -15.16 0.13 11.64
N PHE B 1054 -15.97 0.92 12.37
CA PHE B 1054 -17.03 0.34 13.18
C PHE B 1054 -18.13 -0.29 12.34
N ALA B 1055 -18.35 0.23 11.13
CA ALA B 1055 -19.42 -0.30 10.28
C ALA B 1055 -19.09 -1.72 9.83
N VAL B 1056 -20.15 -2.51 9.65
CA VAL B 1056 -20.02 -3.90 9.22
C VAL B 1056 -20.22 -3.96 7.72
N ASN B 1057 -19.78 -5.06 7.13
CA ASN B 1057 -19.77 -5.23 5.68
C ASN B 1057 -19.42 -6.68 5.36
N PRO B 1058 -19.75 -7.16 4.16
CA PRO B 1058 -19.49 -8.57 3.82
C PRO B 1058 -18.00 -8.87 3.74
N VAL B 1059 -17.68 -10.14 3.99
CA VAL B 1059 -16.31 -10.63 4.02
C VAL B 1059 -15.74 -10.66 2.60
N ASN B 1060 -14.42 -10.75 2.50
CA ASN B 1060 -13.76 -10.86 1.20
C ASN B 1060 -13.77 -12.30 0.71
N ALA B 1061 -14.07 -12.48 -0.57
CA ALA B 1061 -14.22 -13.83 -1.11
C ALA B 1061 -12.88 -14.54 -1.22
N ARG B 1062 -11.86 -13.86 -1.74
CA ARG B 1062 -10.59 -14.51 -2.05
C ARG B 1062 -9.64 -14.55 -0.87
N ARG B 1063 -9.67 -13.53 -0.01
CA ARG B 1063 -8.65 -13.42 1.04
C ARG B 1063 -8.78 -14.53 2.07
N GLN B 1064 -10.01 -14.90 2.44
CA GLN B 1064 -10.20 -15.98 3.41
C GLN B 1064 -9.60 -17.28 2.91
N LYS B 1065 -9.92 -17.65 1.66
CA LYS B 1065 -9.38 -18.88 1.09
C LYS B 1065 -7.86 -18.80 0.95
N ALA B 1066 -7.34 -17.65 0.52
CA ALA B 1066 -5.90 -17.53 0.32
C ALA B 1066 -5.14 -17.49 1.63
N GLY B 1067 -5.79 -17.12 2.72
CA GLY B 1067 -5.09 -16.95 3.98
C GLY B 1067 -5.37 -17.97 5.06
N LEU B 1068 -6.32 -18.89 4.85
CA LEU B 1068 -6.55 -19.91 5.88
C LEU B 1068 -5.33 -20.79 6.13
N PRO B 1069 -4.71 -21.42 5.14
CA PRO B 1069 -3.55 -22.29 5.45
C PRO B 1069 -2.31 -21.52 5.90
N PRO B 1070 -1.94 -20.37 5.29
CA PRO B 1070 -0.80 -19.65 5.87
C PRO B 1070 -1.04 -19.23 7.30
N ASN B 1071 -2.24 -18.77 7.63
CA ASN B 1071 -2.54 -18.37 9.00
C ASN B 1071 -2.50 -19.57 9.94
N PHE B 1072 -3.04 -20.71 9.51
CA PHE B 1072 -3.07 -21.88 10.38
C PHE B 1072 -1.65 -22.36 10.68
N ILE B 1073 -0.80 -22.43 9.65
CA ILE B 1073 0.58 -22.85 9.87
C ILE B 1073 1.36 -21.82 10.69
N HIS B 1074 1.17 -20.53 10.42
CA HIS B 1074 1.87 -19.49 11.15
C HIS B 1074 1.35 -19.31 12.57
N SER B 1075 0.20 -19.90 12.89
CA SER B 1075 -0.27 -19.89 14.27
C SER B 1075 0.14 -21.14 15.02
N LEU B 1076 0.28 -22.27 14.34
CA LEU B 1076 0.73 -23.49 15.03
C LEU B 1076 2.14 -23.31 15.59
N ASP B 1077 3.04 -22.75 14.79
CA ASP B 1077 4.41 -22.55 15.28
C ASP B 1077 4.48 -21.48 16.36
N ALA B 1078 3.64 -20.45 16.27
CA ALA B 1078 3.58 -19.46 17.35
C ALA B 1078 3.10 -20.09 18.65
N SER B 1079 2.11 -20.99 18.56
CA SER B 1079 1.65 -21.70 19.75
C SER B 1079 2.75 -22.58 20.33
N HIS B 1080 3.49 -23.27 19.46
CA HIS B 1080 4.61 -24.08 19.92
C HIS B 1080 5.66 -23.22 20.62
N MET B 1081 5.97 -22.06 20.05
CA MET B 1081 6.95 -21.17 20.65
C MET B 1081 6.47 -20.66 22.01
N LEU B 1082 5.18 -20.34 22.12
CA LEU B 1082 4.66 -19.88 23.40
C LEU B 1082 4.75 -20.97 24.46
N LEU B 1083 4.39 -22.21 24.10
CA LEU B 1083 4.51 -23.31 25.05
C LEU B 1083 5.95 -23.52 25.49
N SER B 1084 6.87 -23.50 24.53
CA SER B 1084 8.28 -23.70 24.84
C SER B 1084 8.81 -22.59 25.73
N ALA B 1085 8.44 -21.34 25.43
CA ALA B 1085 8.87 -20.23 26.27
C ALA B 1085 8.32 -20.35 27.69
N ALA B 1086 7.07 -20.77 27.83
CA ALA B 1086 6.51 -20.96 29.16
C ALA B 1086 7.29 -22.02 29.93
N GLU B 1087 7.61 -23.14 29.29
CA GLU B 1087 8.37 -24.18 29.98
C GLU B 1087 9.77 -23.70 30.34
N CYS B 1088 10.44 -22.99 29.43
CA CYS B 1088 11.78 -22.48 29.71
C CYS B 1088 11.76 -21.49 30.86
N GLY B 1089 10.74 -20.64 30.92
CA GLY B 1089 10.60 -19.74 32.06
C GLY B 1089 10.35 -20.49 33.35
N LYS B 1090 9.56 -21.56 33.30
CA LYS B 1090 9.37 -22.40 34.48
C LYS B 1090 10.67 -23.06 34.90
N GLN B 1091 11.59 -23.28 33.96
CA GLN B 1091 12.88 -23.87 34.25
C GLN B 1091 13.95 -22.84 34.55
N GLY B 1092 13.59 -21.59 34.76
CA GLY B 1092 14.54 -20.55 35.14
C GLY B 1092 15.60 -20.24 34.11
N LEU B 1093 15.19 -20.06 32.86
CA LEU B 1093 16.10 -19.75 31.77
C LEU B 1093 15.74 -18.41 31.16
N ASP B 1094 16.70 -17.84 30.41
CA ASP B 1094 16.49 -16.63 29.64
C ASP B 1094 16.13 -17.03 28.22
N PHE B 1095 14.97 -16.58 27.75
CA PHE B 1095 14.42 -17.00 26.47
C PHE B 1095 14.07 -15.79 25.63
N ALA B 1096 14.50 -15.82 24.37
CA ALA B 1096 14.16 -14.79 23.40
C ALA B 1096 13.94 -15.46 22.05
N SER B 1097 12.75 -15.28 21.48
CA SER B 1097 12.35 -16.03 20.29
C SER B 1097 12.00 -15.06 19.17
N VAL B 1098 12.69 -15.19 18.04
CA VAL B 1098 12.33 -14.50 16.81
C VAL B 1098 11.51 -15.46 15.97
N HIS B 1099 10.20 -15.49 16.24
CA HIS B 1099 9.26 -16.34 15.52
C HIS B 1099 9.71 -17.80 15.51
N ASP B 1100 10.36 -18.21 14.41
CA ASP B 1100 10.80 -19.59 14.28
C ASP B 1100 12.00 -19.89 15.18
N SER B 1101 12.98 -19.00 15.24
CA SER B 1101 14.21 -19.26 15.95
C SER B 1101 14.13 -18.79 17.39
N TYR B 1102 14.84 -19.51 18.27
CA TYR B 1102 14.85 -19.24 19.70
C TYR B 1102 16.27 -18.98 20.16
N TRP B 1103 16.47 -17.95 20.99
CA TRP B 1103 17.77 -17.58 21.52
C TRP B 1103 17.82 -17.84 23.01
N THR B 1104 18.85 -18.55 23.45
CA THR B 1104 19.16 -18.70 24.88
C THR B 1104 20.67 -18.54 25.05
N HIS B 1105 21.15 -18.78 26.26
CA HIS B 1105 22.58 -18.69 26.53
C HIS B 1105 23.32 -19.86 25.87
N ALA B 1106 24.63 -19.69 25.75
CA ALA B 1106 25.46 -20.69 25.09
C ALA B 1106 25.61 -21.97 25.91
N SER B 1107 25.22 -21.96 27.18
CA SER B 1107 25.35 -23.13 28.04
C SER B 1107 24.05 -23.92 28.19
N ASP B 1108 22.92 -23.23 28.30
CA ASP B 1108 21.63 -23.86 28.52
C ASP B 1108 20.96 -24.33 27.23
N ILE B 1109 21.73 -24.52 26.16
CA ILE B 1109 21.16 -24.92 24.89
C ILE B 1109 20.60 -26.34 24.97
N ASP B 1110 21.23 -27.23 25.73
CA ASP B 1110 20.77 -28.61 25.81
C ASP B 1110 19.41 -28.71 26.48
N THR B 1111 19.24 -28.02 27.62
CA THR B 1111 17.95 -28.03 28.30
C THR B 1111 16.88 -27.38 27.43
N MET B 1112 17.25 -26.32 26.71
CA MET B 1112 16.29 -25.70 25.80
C MET B 1112 15.86 -26.67 24.71
N ASN B 1113 16.81 -27.43 24.15
CA ASN B 1113 16.47 -28.40 23.11
C ASN B 1113 15.55 -29.47 23.65
N VAL B 1114 15.83 -29.97 24.85
CA VAL B 1114 14.96 -30.99 25.45
C VAL B 1114 13.56 -30.43 25.65
N VAL B 1115 13.46 -29.19 26.15
CA VAL B 1115 12.16 -28.56 26.34
C VAL B 1115 11.43 -28.41 25.01
N LEU B 1116 12.15 -27.99 23.96
CA LEU B 1116 11.56 -27.81 22.65
C LEU B 1116 10.97 -29.12 22.14
N ARG B 1117 11.75 -30.19 22.21
CA ARG B 1117 11.27 -31.48 21.72
C ARG B 1117 10.07 -31.96 22.52
N GLU B 1118 10.12 -31.84 23.85
CA GLU B 1118 9.01 -32.27 24.69
C GLU B 1118 7.74 -31.49 24.36
N GLN B 1119 7.86 -30.17 24.20
CA GLN B 1119 6.68 -29.35 23.99
C GLN B 1119 6.12 -29.54 22.58
N PHE B 1120 6.98 -29.72 21.58
CA PHE B 1120 6.49 -30.02 20.25
C PHE B 1120 5.77 -31.36 20.24
N ILE B 1121 6.29 -32.35 20.96
CA ILE B 1121 5.63 -33.65 21.05
C ILE B 1121 4.26 -33.51 21.71
N LYS B 1122 4.20 -32.74 22.80
CA LYS B 1122 2.91 -32.54 23.47
C LYS B 1122 1.92 -31.83 22.56
N LEU B 1123 2.38 -30.82 21.81
CA LEU B 1123 1.50 -30.08 20.93
C LEU B 1123 0.97 -30.95 19.80
N HIS B 1124 1.84 -31.77 19.19
CA HIS B 1124 1.47 -32.54 18.01
C HIS B 1124 1.20 -34.02 18.33
N GLU B 1125 0.93 -34.34 19.59
CA GLU B 1125 0.51 -35.71 19.92
C GLU B 1125 -0.94 -35.98 19.53
N VAL B 1126 -1.70 -34.95 19.17
CA VAL B 1126 -3.09 -35.08 18.77
C VAL B 1126 -3.20 -34.72 17.30
N ASP B 1127 -4.24 -35.24 16.65
CA ASP B 1127 -4.54 -34.87 15.27
C ASP B 1127 -5.21 -33.50 15.29
N LEU B 1128 -4.42 -32.46 15.01
CA LEU B 1128 -4.94 -31.10 15.11
C LEU B 1128 -6.04 -30.83 14.09
N VAL B 1129 -5.91 -31.40 12.88
CA VAL B 1129 -6.91 -31.14 11.85
C VAL B 1129 -8.26 -31.73 12.24
N LEU B 1130 -8.27 -32.87 12.93
CA LEU B 1130 -9.53 -33.44 13.40
C LEU B 1130 -10.22 -32.51 14.40
N ARG B 1131 -9.46 -31.97 15.35
CA ARG B 1131 -10.04 -31.02 16.30
C ARG B 1131 -10.48 -29.75 15.59
N LEU B 1132 -9.77 -29.33 14.55
CA LEU B 1132 -10.18 -28.17 13.77
C LEU B 1132 -11.53 -28.42 13.10
N LYS B 1133 -11.70 -29.59 12.49
CA LYS B 1133 -12.99 -29.91 11.88
C LYS B 1133 -14.09 -30.00 12.92
N GLU B 1134 -13.79 -30.55 14.09
CA GLU B 1134 -14.78 -30.60 15.16
C GLU B 1134 -15.18 -29.19 15.60
N GLU B 1135 -14.21 -28.29 15.70
CA GLU B 1135 -14.51 -26.91 16.05
C GLU B 1135 -15.38 -26.24 14.99
N PHE B 1136 -15.06 -26.46 13.72
CA PHE B 1136 -15.90 -25.91 12.66
C PHE B 1136 -17.31 -26.46 12.71
N ASP B 1137 -17.45 -27.76 12.95
CA ASP B 1137 -18.79 -28.37 13.01
C ASP B 1137 -19.58 -27.83 14.18
N GLN B 1138 -18.94 -27.66 15.34
CA GLN B 1138 -19.66 -27.18 16.52
C GLN B 1138 -20.03 -25.70 16.39
N ARG B 1139 -19.12 -24.89 15.83
CA ARG B 1139 -19.39 -23.46 15.71
C ARG B 1139 -20.43 -23.18 14.63
N TYR B 1140 -20.13 -23.57 13.39
CA TYR B 1140 -21.07 -23.39 12.28
C TYR B 1140 -22.03 -24.58 12.21
N LYS B 1141 -22.82 -24.73 13.28
CA LYS B 1141 -23.74 -25.85 13.37
C LYS B 1141 -24.95 -25.66 12.47
N ASN B 1142 -25.74 -24.63 12.73
CA ASN B 1142 -26.95 -24.34 11.95
C ASN B 1142 -26.63 -23.21 10.97
N TYR B 1143 -25.97 -23.58 9.88
CA TYR B 1143 -25.66 -22.66 8.80
C TYR B 1143 -26.20 -23.22 7.49
N VAL B 1144 -26.73 -22.34 6.65
CA VAL B 1144 -27.40 -22.76 5.42
C VAL B 1144 -26.69 -22.12 4.23
N LYS B 1145 -26.28 -22.96 3.29
CA LYS B 1145 -25.74 -22.49 2.02
C LYS B 1145 -26.85 -22.48 0.96
N ILE B 1146 -26.64 -21.67 -0.07
CA ILE B 1146 -27.58 -21.58 -1.19
C ILE B 1146 -26.92 -22.20 -2.42
N GLY B 1147 -27.66 -23.08 -3.10
CA GLY B 1147 -27.15 -23.75 -4.27
C GLY B 1147 -28.28 -24.18 -5.18
N LYS B 1148 -27.93 -24.47 -6.42
CA LYS B 1148 -28.89 -24.82 -7.46
C LYS B 1148 -29.11 -26.32 -7.52
N LEU B 1149 -30.29 -26.72 -7.97
CA LEU B 1149 -30.66 -28.12 -8.14
C LEU B 1149 -31.33 -28.31 -9.49
N LYS B 1150 -31.24 -29.52 -10.01
CA LYS B 1150 -31.86 -29.86 -11.29
C LYS B 1150 -33.36 -30.01 -11.11
N ARG B 1151 -34.13 -29.40 -12.02
CA ARG B 1151 -35.59 -29.43 -11.90
C ARG B 1151 -36.15 -30.84 -12.06
N SER B 1152 -35.47 -31.69 -12.82
CA SER B 1152 -35.95 -33.06 -13.04
C SER B 1152 -35.79 -33.95 -11.81
N THR B 1153 -35.05 -33.50 -10.80
CA THR B 1153 -34.85 -34.30 -9.61
C THR B 1153 -36.16 -34.45 -8.83
N ASP B 1154 -36.41 -35.66 -8.33
CA ASP B 1154 -37.59 -35.88 -7.49
C ASP B 1154 -37.52 -35.09 -6.21
N LEU B 1155 -36.33 -35.00 -5.60
CA LEU B 1155 -36.16 -34.20 -4.39
C LEU B 1155 -36.43 -32.73 -4.67
N ALA B 1156 -36.02 -32.24 -5.84
CA ALA B 1156 -36.32 -30.85 -6.21
C ALA B 1156 -37.82 -30.64 -6.33
N GLN B 1157 -38.53 -31.59 -6.93
CA GLN B 1157 -39.99 -31.48 -7.02
C GLN B 1157 -40.62 -31.49 -5.64
N LYS B 1158 -40.11 -32.33 -4.73
CA LYS B 1158 -40.63 -32.35 -3.37
C LYS B 1158 -40.39 -31.01 -2.67
N ILE B 1159 -39.22 -30.42 -2.87
CA ILE B 1159 -38.92 -29.12 -2.27
C ILE B 1159 -39.85 -28.05 -2.82
N ILE B 1160 -40.09 -28.08 -4.14
CA ILE B 1160 -41.01 -27.13 -4.74
C ILE B 1160 -42.41 -27.30 -4.16
N ARG B 1161 -42.86 -28.54 -4.01
CA ARG B 1161 -44.18 -28.79 -3.45
C ARG B 1161 -44.28 -28.27 -2.03
N ILE B 1162 -43.25 -28.51 -1.21
CA ILE B 1162 -43.26 -28.05 0.18
C ILE B 1162 -43.31 -26.52 0.22
N ARG B 1163 -42.47 -25.86 -0.58
CA ARG B 1163 -42.43 -24.40 -0.57
C ARG B 1163 -43.76 -23.82 -1.03
N LYS B 1164 -44.34 -24.38 -2.10
CA LYS B 1164 -45.62 -23.88 -2.60
C LYS B 1164 -46.72 -24.10 -1.56
N ASP B 1165 -46.77 -25.28 -0.95
CA ASP B 1165 -47.80 -25.56 0.05
C ASP B 1165 -47.68 -24.63 1.23
N LEU B 1166 -46.44 -24.31 1.64
CA LEU B 1166 -46.24 -23.44 2.79
C LEU B 1166 -46.61 -22.00 2.48
N SER B 1167 -46.16 -21.49 1.34
CA SER B 1167 -46.19 -20.05 1.08
C SER B 1167 -47.25 -19.63 0.07
N ARG B 1168 -48.15 -20.53 -0.35
CA ARG B 1168 -49.23 -20.10 -1.23
C ARG B 1168 -50.29 -19.32 -0.46
N LYS B 1169 -50.64 -19.78 0.74
CA LYS B 1169 -51.63 -19.08 1.55
C LYS B 1169 -51.08 -17.83 2.21
N LEU B 1170 -49.77 -17.81 2.52
CA LEU B 1170 -49.18 -16.65 3.18
C LEU B 1170 -49.19 -15.43 2.28
N GLY B 1171 -48.96 -15.60 0.98
CA GLY B 1171 -49.00 -14.49 0.06
C GLY B 1171 -47.68 -14.25 -0.64
N ARG B 1172 -46.57 -14.37 0.09
CA ARG B 1172 -45.26 -14.19 -0.51
C ARG B 1172 -44.96 -15.31 -1.49
N SER B 1173 -44.13 -15.01 -2.49
CA SER B 1173 -43.79 -15.98 -3.51
C SER B 1173 -42.65 -16.90 -3.05
N THR B 1174 -42.83 -17.52 -1.89
CA THR B 1174 -41.86 -18.46 -1.32
C THR B 1174 -40.47 -17.83 -1.24
N THR B 1175 -40.42 -16.59 -0.75
CA THR B 1175 -39.17 -15.87 -0.63
C THR B 1175 -38.23 -16.60 0.32
N LEU B 1176 -36.94 -16.63 -0.04
CA LEU B 1176 -35.96 -17.35 0.76
C LEU B 1176 -35.86 -16.80 2.18
N ALA B 1177 -36.16 -15.52 2.37
CA ALA B 1177 -36.12 -14.95 3.72
C ALA B 1177 -37.17 -15.60 4.62
N ASP B 1178 -38.38 -15.80 4.11
CA ASP B 1178 -39.42 -16.45 4.89
C ASP B 1178 -39.07 -17.90 5.17
N GLU B 1179 -38.46 -18.59 4.19
CA GLU B 1179 -38.01 -19.96 4.42
C GLU B 1179 -36.96 -20.02 5.52
N ILE B 1180 -36.02 -19.07 5.51
CA ILE B 1180 -35.00 -19.01 6.55
C ILE B 1180 -35.64 -18.74 7.91
N TYR B 1181 -36.60 -17.83 7.95
CA TYR B 1181 -37.27 -17.51 9.22
C TYR B 1181 -38.01 -18.73 9.76
N PHE B 1182 -38.71 -19.47 8.89
CA PHE B 1182 -39.45 -20.63 9.38
C PHE B 1182 -38.52 -21.79 9.72
N GLU B 1183 -37.36 -21.89 9.05
CA GLU B 1183 -36.35 -22.85 9.48
C GLU B 1183 -35.81 -22.50 10.86
N LYS B 1184 -35.61 -21.21 11.13
CA LYS B 1184 -35.19 -20.79 12.46
C LYS B 1184 -36.27 -21.10 13.49
N LYS B 1185 -37.54 -20.93 13.12
CA LYS B 1185 -38.64 -21.29 14.02
C LYS B 1185 -38.64 -22.79 14.31
N ARG B 1186 -38.39 -23.61 13.28
CA ARG B 1186 -38.28 -25.05 13.50
C ARG B 1186 -37.11 -25.39 14.41
N GLN B 1187 -35.98 -24.69 14.23
CA GLN B 1187 -34.85 -24.91 15.12
C GLN B 1187 -35.19 -24.54 16.56
N GLU B 1188 -35.93 -23.45 16.74
CA GLU B 1188 -36.34 -23.03 18.08
C GLU B 1188 -37.26 -24.05 18.72
N LEU B 1189 -38.19 -24.62 17.94
CA LEU B 1189 -39.17 -25.55 18.50
C LEU B 1189 -38.57 -26.93 18.72
N LEU B 1190 -38.09 -27.58 17.65
CA LEU B 1190 -37.69 -28.97 17.71
C LEU B 1190 -36.40 -29.22 18.48
N ASN B 1191 -35.61 -28.18 18.76
CA ASN B 1191 -34.39 -28.36 19.53
C ASN B 1191 -34.58 -28.09 21.02
N SER B 1192 -35.61 -27.34 21.39
CA SER B 1192 -35.89 -27.12 22.80
C SER B 1192 -36.35 -28.41 23.46
N PRO B 1193 -36.03 -28.62 24.74
CA PRO B 1193 -36.40 -29.86 25.41
C PRO B 1193 -37.87 -29.95 25.81
N LEU B 1194 -38.71 -29.02 25.38
CA LEU B 1194 -40.13 -29.12 25.66
C LEU B 1194 -40.76 -30.24 24.83
N ILE B 1195 -41.57 -31.07 25.49
CA ILE B 1195 -42.22 -32.18 24.79
C ILE B 1195 -43.15 -31.67 23.71
N GLU B 1196 -43.96 -30.65 24.04
CA GLU B 1196 -44.85 -30.07 23.05
C GLU B 1196 -44.07 -29.43 21.91
N ASP B 1197 -42.96 -28.76 22.24
CA ASP B 1197 -42.12 -28.16 21.20
C ASP B 1197 -41.51 -29.23 20.30
N ARG B 1198 -41.07 -30.35 20.89
CA ARG B 1198 -40.52 -31.43 20.09
C ARG B 1198 -41.58 -32.04 19.17
N ASN B 1199 -42.81 -32.21 19.68
CA ASN B 1199 -43.88 -32.72 18.84
C ASN B 1199 -44.21 -31.75 17.71
N VAL B 1200 -44.21 -30.45 18.01
CA VAL B 1200 -44.47 -29.46 16.98
C VAL B 1200 -43.37 -29.49 15.91
N GLY B 1201 -42.12 -29.60 16.33
CA GLY B 1201 -41.03 -29.71 15.38
C GLY B 1201 -41.12 -30.95 14.53
N GLU B 1202 -41.56 -32.06 15.13
CA GLU B 1202 -41.83 -33.26 14.34
C GLU B 1202 -43.00 -33.04 13.38
N LYS B 1203 -43.92 -32.14 13.73
CA LYS B 1203 -45.04 -31.79 12.87
C LYS B 1203 -44.76 -30.58 11.99
N MET B 1204 -43.55 -30.05 12.01
CA MET B 1204 -43.16 -28.90 11.19
C MET B 1204 -41.94 -29.28 10.36
N VAL B 1205 -42.09 -29.25 9.03
CA VAL B 1205 -41.03 -29.61 8.12
C VAL B 1205 -40.80 -28.45 7.16
N THR B 1206 -39.53 -28.09 6.95
CA THR B 1206 -39.13 -27.04 6.04
C THR B 1206 -38.15 -27.63 5.00
N THR B 1207 -37.63 -26.76 4.14
CA THR B 1207 -36.69 -27.21 3.12
C THR B 1207 -35.42 -27.78 3.75
N VAL B 1208 -34.79 -27.02 4.64
CA VAL B 1208 -33.60 -27.50 5.33
C VAL B 1208 -33.94 -28.73 6.16
N SER B 1209 -35.06 -28.70 6.86
CA SER B 1209 -35.47 -29.83 7.68
C SER B 1209 -35.69 -31.07 6.82
N LEU B 1210 -36.33 -30.90 5.66
CA LEU B 1210 -36.56 -32.04 4.77
C LEU B 1210 -35.25 -32.59 4.23
N PHE B 1211 -34.33 -31.72 3.82
CA PHE B 1211 -33.11 -32.16 3.15
C PHE B 1211 -32.08 -32.57 4.19
N GLU B 1212 -32.29 -33.77 4.74
CA GLU B 1212 -31.32 -34.38 5.63
C GLU B 1212 -31.19 -35.89 5.41
N ASP B 1213 -31.87 -36.45 4.41
CA ASP B 1213 -31.83 -37.89 4.19
C ASP B 1213 -30.47 -38.35 3.69
N ILE B 1214 -29.84 -37.56 2.81
CA ILE B 1214 -28.59 -37.93 2.16
C ILE B 1214 -27.47 -37.11 2.75
N THR B 1215 -26.35 -37.77 3.05
CA THR B 1215 -25.16 -37.09 3.55
C THR B 1215 -24.24 -36.62 2.44
N ASP B 1216 -24.51 -36.99 1.19
CA ASP B 1216 -23.69 -36.58 0.05
C ASP B 1216 -24.34 -35.37 -0.62
N LEU B 1217 -24.17 -34.21 0.02
CA LEU B 1217 -24.76 -32.98 -0.51
C LEU B 1217 -24.15 -32.62 -1.86
N ASP B 1218 -22.82 -32.75 -2.00
CA ASP B 1218 -22.17 -32.44 -3.27
C ASP B 1218 -22.64 -33.38 -4.37
N ALA B 1219 -22.80 -34.67 -4.05
CA ALA B 1219 -23.23 -35.63 -5.05
C ALA B 1219 -24.70 -35.46 -5.44
N LEU B 1220 -25.48 -34.75 -4.63
CA LEU B 1220 -26.89 -34.52 -4.96
C LEU B 1220 -27.02 -33.71 -6.24
N GLU B 1221 -26.52 -32.47 -6.22
CA GLU B 1221 -26.57 -31.64 -7.42
C GLU B 1221 -25.60 -32.14 -8.49
N LEU B 1222 -24.39 -32.52 -8.07
CA LEU B 1222 -23.36 -33.01 -8.99
C LEU B 1222 -23.06 -31.99 -10.09
N SER B 1230 -32.15 -24.82 -16.50
CA SER B 1230 -32.02 -24.02 -15.30
C SER B 1230 -32.56 -24.74 -14.09
N GLY B 1231 -32.42 -24.14 -12.91
CA GLY B 1231 -32.87 -24.75 -11.68
C GLY B 1231 -33.27 -23.69 -10.67
N MET B 1232 -33.80 -24.16 -9.54
CA MET B 1232 -34.25 -23.30 -8.46
C MET B 1232 -33.35 -23.49 -7.24
N SER B 1233 -32.85 -22.39 -6.70
CA SER B 1233 -31.97 -22.45 -5.55
C SER B 1233 -32.75 -22.70 -4.27
N VAL B 1234 -32.14 -23.44 -3.34
CA VAL B 1234 -32.70 -23.72 -2.04
C VAL B 1234 -31.61 -23.50 -0.99
N LEU B 1235 -31.96 -23.76 0.27
CA LEU B 1235 -31.05 -23.58 1.40
C LEU B 1235 -30.41 -24.93 1.72
N LEU B 1236 -29.29 -25.21 1.07
CA LEU B 1236 -28.55 -26.42 1.37
C LEU B 1236 -27.82 -26.28 2.70
N PRO B 1237 -27.74 -27.35 3.48
CA PRO B 1237 -27.03 -27.27 4.75
C PRO B 1237 -25.52 -27.20 4.55
N LEU B 1238 -24.85 -26.69 5.58
CA LEU B 1238 -23.40 -26.48 5.53
C LEU B 1238 -22.71 -27.77 5.98
N ARG B 1239 -21.97 -28.40 5.08
CA ARG B 1239 -21.22 -29.61 5.37
C ARG B 1239 -19.75 -29.38 5.05
N LEU B 1240 -18.88 -29.95 5.87
CA LEU B 1240 -17.46 -29.83 5.58
C LEU B 1240 -16.89 -31.17 5.13
N PRO B 1241 -15.89 -31.16 4.25
CA PRO B 1241 -15.40 -32.42 3.69
C PRO B 1241 -14.69 -33.27 4.73
N GLU B 1242 -14.52 -34.54 4.37
CA GLU B 1242 -13.83 -35.48 5.24
C GLU B 1242 -12.36 -35.10 5.39
N ILE B 1243 -11.81 -35.39 6.57
CA ILE B 1243 -10.41 -35.09 6.85
C ILE B 1243 -9.53 -35.89 5.90
N PRO B 1244 -8.42 -35.35 5.40
CA PRO B 1244 -7.48 -36.17 4.65
C PRO B 1244 -6.95 -37.29 5.52
N PRO B 1245 -6.63 -38.44 4.93
CA PRO B 1245 -6.24 -39.60 5.74
C PRO B 1245 -4.98 -39.33 6.56
N LYS B 1246 -5.11 -39.46 7.87
CA LYS B 1246 -3.97 -39.29 8.76
C LYS B 1246 -2.97 -40.41 8.54
N GLY B 1247 -1.69 -40.05 8.44
CA GLY B 1247 -0.66 -41.03 8.19
C GLY B 1247 -0.29 -41.83 9.42
N ASP B 1248 0.46 -42.90 9.19
CA ASP B 1248 0.94 -43.79 10.25
C ASP B 1248 2.40 -43.46 10.53
N PHE B 1249 2.61 -42.37 11.26
CA PHE B 1249 3.95 -41.93 11.64
C PHE B 1249 3.95 -41.62 13.13
N ASP B 1250 5.00 -42.05 13.82
CA ASP B 1250 5.15 -41.81 15.25
C ASP B 1250 5.90 -40.50 15.45
N VAL B 1251 5.19 -39.48 15.94
CA VAL B 1251 5.81 -38.17 16.14
C VAL B 1251 6.86 -38.23 17.24
N THR B 1252 6.65 -39.08 18.25
CA THR B 1252 7.50 -39.07 19.44
C THR B 1252 8.96 -39.37 19.12
N VAL B 1253 9.25 -39.97 17.97
CA VAL B 1253 10.58 -40.49 17.67
C VAL B 1253 11.67 -39.42 17.68
N LEU B 1254 11.31 -38.14 17.61
CA LEU B 1254 12.32 -37.10 17.41
C LEU B 1254 12.97 -36.65 18.73
N ARG B 1255 12.71 -37.35 19.83
CA ARG B 1255 13.41 -37.03 21.08
C ARG B 1255 14.92 -37.15 20.89
N ASN B 1256 15.36 -38.17 20.16
CA ASN B 1256 16.77 -38.36 19.87
C ASN B 1256 17.20 -37.69 18.58
N SER B 1257 16.29 -37.02 17.88
CA SER B 1257 16.61 -36.33 16.63
C SER B 1257 17.22 -34.98 16.98
N GLN B 1258 18.52 -35.01 17.28
CA GLN B 1258 19.24 -33.77 17.56
C GLN B 1258 19.28 -32.87 16.33
N TYR B 1259 19.25 -33.45 15.14
CA TYR B 1259 19.39 -32.68 13.91
C TYR B 1259 18.02 -32.28 13.36
N PHE B 1260 17.17 -31.76 14.23
CA PHE B 1260 15.79 -31.41 13.90
C PHE B 1260 15.54 -29.91 13.96
N PHE B 1261 16.06 -29.24 14.99
CA PHE B 1261 15.82 -27.82 15.17
C PHE B 1261 17.10 -27.01 15.08
N SER B 1262 18.27 -27.66 15.02
CA SER B 1262 19.54 -26.95 14.94
C SER B 1262 20.04 -26.86 13.51
PG GTP F . 4.76 -5.64 -2.49
O1G GTP F . 3.94 -6.78 -1.97
O2G GTP F . 5.75 -6.06 -3.54
O3G GTP F . 5.40 -4.83 -1.39
O3B GTP F . 3.74 -4.65 -3.24
PB GTP F . 2.43 -3.82 -2.81
O1B GTP F . 1.45 -4.75 -2.18
O2B GTP F . 2.85 -2.58 -2.08
O3A GTP F . 1.89 -3.40 -4.26
PA GTP F . 2.61 -3.02 -5.64
O1A GTP F . 1.57 -2.51 -6.58
O2A GTP F . 3.44 -4.18 -6.09
O5' GTP F . 3.57 -1.82 -5.18
C5' GTP F . 4.26 -1.10 -6.22
C4' GTP F . 5.25 -0.13 -5.62
O4' GTP F . 4.61 0.74 -4.67
C3' GTP F . 6.37 -0.76 -4.79
O3' GTP F . 7.38 -1.42 -5.56
C2' GTP F . 6.90 0.50 -4.10
O2' GTP F . 7.71 1.27 -4.96
C1' GTP F . 5.61 1.24 -3.80
N9 GTP F . 5.18 1.09 -2.42
C8 GTP F . 4.20 0.26 -1.94
N7 GTP F . 4.05 0.33 -0.64
C5 GTP F . 5.02 1.25 -0.23
C6 GTP F . 5.33 1.73 1.06
O6 GTP F . 4.82 1.41 2.14
N1 GTP F . 6.38 2.64 1.02
C2 GTP F . 7.03 3.06 -0.12
N2 GTP F . 8.01 3.96 0.05
N3 GTP F . 6.72 2.62 -1.33
C4 GTP F . 5.71 1.72 -1.32
#